data_5YXI
#
_entry.id   5YXI
#
_entity_poly.entity_id   1
_entity_poly.type   'polypeptide(L)'
_entity_poly.pdbx_seq_one_letter_code
;MADRTIEVELPNKQRTVINVRPGLTLKEALKKALKVRGIDPNKVQVYLLLSGDDGAEQPLSLNHPAERLIGKKLKVVPL
;
_entity_poly.pdbx_strand_id   A
#
# COMPACT_ATOMS: atom_id res chain seq x y z
N MET A 1 -11.39 -15.59 7.77
CA MET A 1 -10.30 -14.68 7.42
C MET A 1 -10.50 -13.31 8.06
N ALA A 2 -11.77 -12.95 8.29
CA ALA A 2 -12.09 -11.67 8.90
C ALA A 2 -11.78 -10.51 7.96
N ASP A 3 -10.49 -10.18 7.86
CA ASP A 3 -10.06 -9.08 6.99
C ASP A 3 -8.72 -9.41 6.35
N ARG A 4 -8.74 -10.02 5.17
CA ARG A 4 -7.53 -10.38 4.46
C ARG A 4 -7.27 -9.43 3.29
N THR A 5 -7.27 -8.14 3.58
CA THR A 5 -7.04 -7.13 2.55
C THR A 5 -6.29 -5.93 3.12
N ILE A 6 -5.76 -5.10 2.22
CA ILE A 6 -5.01 -3.91 2.64
C ILE A 6 -5.62 -2.65 2.03
N GLU A 7 -5.77 -1.62 2.86
CA GLU A 7 -6.34 -0.36 2.41
C GLU A 7 -5.24 0.61 2.00
N VAL A 8 -5.45 1.32 0.89
CA VAL A 8 -4.47 2.29 0.40
C VAL A 8 -5.14 3.60 0.01
N GLU A 9 -4.68 4.69 0.62
CA GLU A 9 -5.24 6.00 0.32
C GLU A 9 -4.53 6.66 -0.86
N LEU A 10 -5.25 6.80 -1.96
CA LEU A 10 -4.69 7.40 -3.17
C LEU A 10 -4.75 8.92 -3.09
N PRO A 11 -4.00 9.59 -3.98
CA PRO A 11 -3.95 11.05 -4.03
C PRO A 11 -5.26 11.65 -4.54
N ASN A 12 -5.51 12.91 -4.18
CA ASN A 12 -6.73 13.60 -4.59
C ASN A 12 -7.87 13.33 -3.61
N LYS A 13 -7.51 13.17 -2.34
CA LYS A 13 -8.50 12.90 -1.30
C LYS A 13 -9.35 11.67 -1.64
N GLN A 14 -8.70 10.66 -2.19
CA GLN A 14 -9.39 9.42 -2.56
C GLN A 14 -8.76 8.22 -1.88
N ARG A 15 -9.58 7.21 -1.60
CA ARG A 15 -9.10 5.99 -0.95
C ARG A 15 -9.70 4.76 -1.60
N THR A 16 -8.91 3.69 -1.70
CA THR A 16 -9.35 2.45 -2.30
C THR A 16 -8.75 1.24 -1.60
N VAL A 17 -9.52 0.17 -1.48
CA VAL A 17 -9.05 -1.05 -0.84
C VAL A 17 -8.70 -2.12 -1.87
N ILE A 18 -7.57 -2.80 -1.64
CA ILE A 18 -7.12 -3.84 -2.55
C ILE A 18 -6.90 -5.15 -1.80
N ASN A 19 -7.00 -6.27 -2.53
CA ASN A 19 -6.81 -7.59 -1.94
C ASN A 19 -5.63 -8.30 -2.58
N VAL A 20 -4.91 -9.07 -1.77
CA VAL A 20 -3.75 -9.80 -2.26
C VAL A 20 -3.45 -11.01 -1.37
N ARG A 21 -2.82 -12.02 -1.96
CA ARG A 21 -2.49 -13.24 -1.22
C ARG A 21 -1.03 -13.22 -0.78
N PRO A 22 -0.71 -14.05 0.23
CA PRO A 22 0.65 -14.14 0.77
C PRO A 22 1.62 -14.79 -0.20
N GLY A 23 2.44 -13.97 -0.85
CA GLY A 23 3.40 -14.49 -1.81
C GLY A 23 4.09 -13.39 -2.59
N LEU A 24 3.30 -12.54 -3.23
CA LEU A 24 3.83 -11.43 -4.02
C LEU A 24 4.05 -10.19 -3.15
N THR A 25 4.83 -9.25 -3.66
CA THR A 25 5.12 -8.02 -2.93
C THR A 25 4.01 -7.00 -3.12
N LEU A 26 4.02 -5.96 -2.30
CA LEU A 26 3.01 -4.91 -2.38
C LEU A 26 2.95 -4.32 -3.78
N LYS A 27 4.10 -4.26 -4.44
CA LYS A 27 4.18 -3.72 -5.79
C LYS A 27 3.30 -4.52 -6.75
N GLU A 28 3.44 -5.84 -6.70
CA GLU A 28 2.65 -6.72 -7.56
C GLU A 28 1.17 -6.66 -7.20
N ALA A 29 0.88 -6.29 -5.95
CA ALA A 29 -0.49 -6.19 -5.47
C ALA A 29 -1.13 -4.88 -5.91
N LEU A 30 -0.30 -3.86 -6.09
CA LEU A 30 -0.78 -2.54 -6.51
C LEU A 30 -0.55 -2.32 -8.00
N LYS A 31 0.10 -3.28 -8.64
CA LYS A 31 0.38 -3.20 -10.07
C LYS A 31 -0.89 -2.89 -10.85
N LYS A 32 -1.92 -3.68 -10.63
CA LYS A 32 -3.20 -3.49 -11.31
C LYS A 32 -3.86 -2.18 -10.87
N ALA A 33 -3.67 -1.83 -9.60
CA ALA A 33 -4.25 -0.61 -9.05
C ALA A 33 -3.65 0.62 -9.72
N LEU A 34 -2.34 0.63 -9.88
CA LEU A 34 -1.65 1.75 -10.52
C LEU A 34 -1.72 1.65 -12.03
N LYS A 35 -1.89 0.42 -12.53
CA LYS A 35 -1.96 0.18 -13.97
C LYS A 35 -3.15 0.93 -14.58
N VAL A 36 -4.33 0.73 -13.99
CA VAL A 36 -5.54 1.39 -14.47
C VAL A 36 -5.52 2.88 -14.15
N ARG A 37 -4.90 3.23 -13.04
CA ARG A 37 -4.80 4.62 -12.61
C ARG A 37 -3.71 5.36 -13.38
N GLY A 38 -2.85 4.59 -14.05
CA GLY A 38 -1.77 5.20 -14.81
C GLY A 38 -0.64 5.69 -13.93
N ILE A 39 -0.54 5.13 -12.73
CA ILE A 39 0.49 5.53 -11.79
C ILE A 39 1.75 4.67 -11.96
N ASP A 40 2.91 5.31 -11.85
CA ASP A 40 4.18 4.61 -12.00
C ASP A 40 4.80 4.33 -10.63
N PRO A 41 5.49 3.18 -10.51
CA PRO A 41 6.15 2.77 -9.28
C PRO A 41 7.35 3.63 -8.95
N ASN A 42 7.84 4.36 -9.95
CA ASN A 42 9.00 5.23 -9.75
C ASN A 42 8.58 6.69 -9.71
N LYS A 43 7.28 6.92 -9.54
CA LYS A 43 6.75 8.28 -9.47
C LYS A 43 5.85 8.45 -8.25
N VAL A 44 5.80 7.41 -7.41
CA VAL A 44 4.98 7.45 -6.20
C VAL A 44 5.66 6.70 -5.07
N GLN A 45 5.15 6.90 -3.85
CA GLN A 45 5.70 6.24 -2.67
C GLN A 45 4.60 5.85 -1.69
N VAL A 46 4.77 4.72 -1.03
CA VAL A 46 3.80 4.24 -0.06
C VAL A 46 4.38 4.22 1.36
N TYR A 47 3.64 4.80 2.30
CA TYR A 47 4.09 4.84 3.68
C TYR A 47 3.06 4.21 4.61
N LEU A 48 3.52 3.71 5.74
CA LEU A 48 2.63 3.07 6.72
C LEU A 48 2.49 3.93 7.97
N LEU A 49 1.24 4.18 8.37
CA LEU A 49 0.97 5.00 9.55
C LEU A 49 0.64 4.11 10.74
N LEU A 50 1.19 4.46 11.90
CA LEU A 50 0.95 3.71 13.13
C LEU A 50 0.48 4.62 14.25
N SER A 51 1.40 5.40 14.80
CA SER A 51 1.07 6.33 15.89
C SER A 51 2.31 7.10 16.34
N GLY A 52 3.20 6.42 17.07
CA GLY A 52 4.41 7.05 17.54
C GLY A 52 5.54 6.06 17.77
N ASP A 53 5.41 4.89 17.15
CA ASP A 53 6.43 3.86 17.28
C ASP A 53 7.25 3.74 16.01
N ASP A 54 6.59 3.81 14.87
CA ASP A 54 7.26 3.72 13.58
C ASP A 54 7.64 5.10 13.06
N GLY A 55 7.61 6.10 13.94
CA GLY A 55 7.95 7.45 13.54
C GLY A 55 6.79 8.17 12.88
N ALA A 56 5.61 7.56 12.92
CA ALA A 56 4.42 8.14 12.31
C ALA A 56 4.61 8.32 10.80
N GLU A 57 4.03 7.41 10.03
CA GLU A 57 4.13 7.46 8.58
C GLU A 57 5.58 7.31 8.13
N GLN A 58 5.98 6.08 7.83
CA GLN A 58 7.34 5.79 7.39
C GLN A 58 7.33 5.11 6.02
N PRO A 59 8.47 5.22 5.30
CA PRO A 59 8.62 4.62 3.97
C PRO A 59 8.70 3.10 4.04
N LEU A 60 8.37 2.45 2.92
CA LEU A 60 8.41 0.99 2.84
C LEU A 60 9.08 0.54 1.55
N SER A 61 9.66 -0.66 1.59
CA SER A 61 10.34 -1.22 0.42
C SER A 61 9.33 -1.83 -0.55
N LEU A 62 9.67 -1.81 -1.83
CA LEU A 62 8.80 -2.37 -2.86
C LEU A 62 8.80 -3.89 -2.81
N ASN A 63 9.76 -4.46 -2.09
CA ASN A 63 9.87 -5.91 -1.96
C ASN A 63 9.22 -6.38 -0.67
N HIS A 64 8.29 -5.58 -0.15
CA HIS A 64 7.58 -5.93 1.08
C HIS A 64 6.22 -6.53 0.78
N PRO A 65 6.04 -7.82 1.14
CA PRO A 65 4.79 -8.54 0.91
C PRO A 65 3.67 -8.04 1.81
N ALA A 66 2.50 -7.79 1.22
CA ALA A 66 1.35 -7.31 1.96
C ALA A 66 1.07 -8.21 3.17
N GLU A 67 1.34 -9.50 3.01
CA GLU A 67 1.11 -10.46 4.09
C GLU A 67 1.86 -10.04 5.36
N ARG A 68 2.95 -9.31 5.18
CA ARG A 68 3.76 -8.85 6.30
C ARG A 68 3.01 -7.80 7.13
N LEU A 69 1.98 -7.21 6.52
CA LEU A 69 1.18 -6.20 7.19
C LEU A 69 -0.28 -6.26 6.73
N ILE A 70 -0.78 -7.48 6.56
CA ILE A 70 -2.16 -7.69 6.13
C ILE A 70 -3.14 -7.02 7.10
N GLY A 71 -4.00 -6.17 6.57
CA GLY A 71 -4.98 -5.49 7.39
C GLY A 71 -4.53 -4.10 7.78
N LYS A 72 -3.25 -3.79 7.57
CA LYS A 72 -2.70 -2.48 7.90
C LYS A 72 -3.05 -1.47 6.81
N LYS A 73 -3.26 -0.21 7.23
CA LYS A 73 -3.58 0.86 6.30
C LYS A 73 -2.33 1.61 5.87
N LEU A 74 -2.28 2.00 4.59
CA LEU A 74 -1.14 2.73 4.06
C LEU A 74 -1.60 3.86 3.15
N LYS A 75 -0.70 4.80 2.89
CA LYS A 75 -1.01 5.94 2.03
C LYS A 75 0.00 6.05 0.89
N VAL A 76 -0.50 6.22 -0.32
CA VAL A 76 0.35 6.34 -1.50
C VAL A 76 0.24 7.72 -2.13
N VAL A 77 1.35 8.45 -2.14
CA VAL A 77 1.38 9.79 -2.70
C VAL A 77 2.54 9.95 -3.67
N PRO A 78 2.34 10.79 -4.70
CA PRO A 78 3.36 11.06 -5.72
C PRO A 78 4.54 11.85 -5.18
N LEU A 79 5.69 11.71 -5.81
CA LEU A 79 6.89 12.42 -5.39
C LEU A 79 7.52 13.17 -6.56
N MET A 1 -13.72 -16.61 4.42
CA MET A 1 -13.86 -16.64 5.88
C MET A 1 -12.68 -15.93 6.55
N ALA A 2 -11.53 -15.96 5.89
CA ALA A 2 -10.33 -15.33 6.42
C ALA A 2 -10.32 -13.83 6.13
N ASP A 3 -9.26 -13.15 6.55
CA ASP A 3 -9.14 -11.71 6.33
C ASP A 3 -7.71 -11.33 6.00
N ARG A 4 -7.47 -10.98 4.73
CA ARG A 4 -6.13 -10.60 4.29
C ARG A 4 -6.20 -9.50 3.23
N THR A 5 -6.53 -8.28 3.66
CA THR A 5 -6.63 -7.15 2.75
C THR A 5 -5.88 -5.94 3.29
N ILE A 6 -5.52 -5.03 2.40
CA ILE A 6 -4.80 -3.82 2.79
C ILE A 6 -5.43 -2.59 2.16
N GLU A 7 -5.61 -1.56 2.96
CA GLU A 7 -6.20 -0.30 2.48
C GLU A 7 -5.12 0.71 2.15
N VAL A 8 -5.30 1.40 1.03
CA VAL A 8 -4.34 2.41 0.58
C VAL A 8 -5.04 3.71 0.20
N GLU A 9 -4.58 4.81 0.77
CA GLU A 9 -5.16 6.11 0.49
C GLU A 9 -4.49 6.76 -0.72
N LEU A 10 -5.25 6.88 -1.81
CA LEU A 10 -4.72 7.48 -3.04
C LEU A 10 -4.81 9.01 -2.97
N PRO A 11 -4.08 9.67 -3.88
CA PRO A 11 -4.06 11.14 -3.96
C PRO A 11 -5.38 11.71 -4.46
N ASN A 12 -5.65 12.97 -4.12
CA ASN A 12 -6.88 13.63 -4.54
C ASN A 12 -8.02 13.34 -3.56
N LYS A 13 -7.66 13.16 -2.29
CA LYS A 13 -8.65 12.87 -1.26
C LYS A 13 -9.47 11.65 -1.61
N GLN A 14 -8.81 10.64 -2.16
CA GLN A 14 -9.49 9.40 -2.55
C GLN A 14 -8.84 8.20 -1.88
N ARG A 15 -9.66 7.22 -1.50
CA ARG A 15 -9.18 6.01 -0.85
C ARG A 15 -9.63 4.76 -1.60
N THR A 16 -8.76 3.75 -1.63
CA THR A 16 -9.07 2.51 -2.32
C THR A 16 -8.48 1.31 -1.59
N VAL A 17 -9.26 0.25 -1.46
CA VAL A 17 -8.82 -0.96 -0.78
C VAL A 17 -8.46 -2.05 -1.78
N ILE A 18 -7.35 -2.75 -1.51
CA ILE A 18 -6.91 -3.83 -2.40
C ILE A 18 -6.76 -5.13 -1.63
N ASN A 19 -6.97 -6.25 -2.32
CA ASN A 19 -6.86 -7.57 -1.70
C ASN A 19 -5.76 -8.39 -2.37
N VAL A 20 -4.80 -8.83 -1.57
CA VAL A 20 -3.68 -9.63 -2.08
C VAL A 20 -3.48 -10.89 -1.24
N ARG A 21 -2.94 -11.92 -1.87
CA ARG A 21 -2.69 -13.19 -1.18
C ARG A 21 -1.31 -13.20 -0.55
N PRO A 22 -1.12 -14.09 0.44
CA PRO A 22 0.16 -14.23 1.15
C PRO A 22 1.25 -14.82 0.27
N GLY A 23 2.14 -13.95 -0.24
CA GLY A 23 3.22 -14.40 -1.09
C GLY A 23 3.63 -13.36 -2.10
N LEU A 24 2.71 -12.46 -2.42
CA LEU A 24 3.00 -11.40 -3.40
C LEU A 24 3.62 -10.19 -2.72
N THR A 25 4.44 -9.45 -3.46
CA THR A 25 5.10 -8.27 -2.93
C THR A 25 4.19 -7.05 -3.00
N LEU A 26 4.57 -6.00 -2.30
CA LEU A 26 3.78 -4.76 -2.27
C LEU A 26 3.58 -4.23 -3.68
N LYS A 27 4.58 -4.41 -4.54
CA LYS A 27 4.52 -3.95 -5.91
C LYS A 27 3.39 -4.65 -6.66
N GLU A 28 3.26 -5.95 -6.44
CA GLU A 28 2.22 -6.74 -7.11
C GLU A 28 0.86 -6.50 -6.46
N ALA A 29 0.88 -6.09 -5.20
CA ALA A 29 -0.35 -5.82 -4.46
C ALA A 29 -0.89 -4.44 -4.78
N LEU A 30 -0.01 -3.56 -5.25
CA LEU A 30 -0.39 -2.20 -5.59
C LEU A 30 -0.35 -1.98 -7.10
N LYS A 31 0.19 -2.97 -7.82
CA LYS A 31 0.28 -2.89 -9.27
C LYS A 31 -1.09 -2.60 -9.89
N LYS A 32 -2.01 -3.55 -9.73
CA LYS A 32 -3.36 -3.40 -10.28
C LYS A 32 -4.01 -2.12 -9.76
N ALA A 33 -3.80 -1.82 -8.48
CA ALA A 33 -4.37 -0.63 -7.88
C ALA A 33 -3.80 0.63 -8.52
N LEU A 34 -2.55 0.54 -8.98
CA LEU A 34 -1.88 1.67 -9.60
C LEU A 34 -2.46 1.95 -11.00
N LYS A 35 -2.58 0.89 -11.80
CA LYS A 35 -3.12 1.01 -13.15
C LYS A 35 -4.50 1.67 -13.12
N VAL A 36 -5.19 1.56 -11.99
CA VAL A 36 -6.51 2.14 -11.85
C VAL A 36 -6.44 3.66 -11.79
N ARG A 37 -5.30 4.18 -11.31
CA ARG A 37 -5.11 5.61 -11.20
C ARG A 37 -4.16 6.12 -12.28
N GLY A 38 -3.45 5.19 -12.91
CA GLY A 38 -2.52 5.56 -13.96
C GLY A 38 -1.17 5.96 -13.41
N ILE A 39 -0.86 5.52 -12.20
CA ILE A 39 0.40 5.84 -11.56
C ILE A 39 1.43 4.73 -11.77
N ASP A 40 2.68 5.11 -11.98
CA ASP A 40 3.75 4.15 -12.20
C ASP A 40 4.34 3.70 -10.86
N PRO A 41 4.76 2.42 -10.80
CA PRO A 41 5.36 1.84 -9.59
C PRO A 41 6.74 2.41 -9.30
N ASN A 42 7.38 2.98 -10.32
CA ASN A 42 8.71 3.55 -10.16
C ASN A 42 8.63 5.08 -10.13
N LYS A 43 7.43 5.60 -9.95
CA LYS A 43 7.21 7.04 -9.89
C LYS A 43 6.28 7.41 -8.74
N VAL A 44 6.18 6.53 -7.76
CA VAL A 44 5.33 6.77 -6.60
C VAL A 44 5.94 6.17 -5.33
N GLN A 45 5.52 6.70 -4.18
CA GLN A 45 6.04 6.22 -2.90
C GLN A 45 4.89 5.92 -1.94
N VAL A 46 5.10 4.93 -1.08
CA VAL A 46 4.09 4.54 -0.10
C VAL A 46 4.65 4.57 1.31
N TYR A 47 3.83 5.02 2.26
CA TYR A 47 4.25 5.09 3.66
C TYR A 47 3.25 4.37 4.57
N LEU A 48 3.73 3.94 5.72
CA LEU A 48 2.89 3.23 6.68
C LEU A 48 2.77 4.00 7.98
N LEU A 49 1.55 4.36 8.36
CA LEU A 49 1.30 5.10 9.58
C LEU A 49 1.06 4.16 10.75
N LEU A 50 1.70 4.45 11.89
CA LEU A 50 1.55 3.63 13.09
C LEU A 50 0.80 4.39 14.16
N SER A 51 1.46 5.36 14.77
CA SER A 51 0.85 6.16 15.83
C SER A 51 1.83 7.22 16.34
N GLY A 52 2.95 6.77 16.88
CA GLY A 52 3.95 7.69 17.39
C GLY A 52 5.29 7.02 17.63
N ASP A 53 5.57 5.97 16.88
CA ASP A 53 6.83 5.24 17.01
C ASP A 53 7.83 5.67 15.95
N ASP A 54 7.50 5.40 14.69
CA ASP A 54 8.38 5.76 13.58
C ASP A 54 7.99 7.13 13.02
N GLY A 55 7.21 7.88 13.78
CA GLY A 55 6.79 9.20 13.34
C GLY A 55 5.41 9.19 12.70
N ALA A 56 4.69 8.09 12.87
CA ALA A 56 3.35 7.96 12.32
C ALA A 56 3.38 8.05 10.79
N GLU A 57 4.56 7.85 10.22
CA GLU A 57 4.72 7.91 8.77
C GLU A 57 6.15 7.58 8.37
N GLN A 58 6.36 6.34 7.92
CA GLN A 58 7.69 5.89 7.51
C GLN A 58 7.62 5.22 6.14
N PRO A 59 8.77 5.19 5.44
CA PRO A 59 8.88 4.57 4.11
C PRO A 59 8.75 3.05 4.16
N LEU A 60 8.33 2.46 3.05
CA LEU A 60 8.17 1.01 2.98
C LEU A 60 8.86 0.46 1.73
N SER A 61 9.44 -0.73 1.87
CA SER A 61 10.14 -1.37 0.75
C SER A 61 9.15 -2.04 -0.19
N LEU A 62 9.26 -1.74 -1.47
CA LEU A 62 8.37 -2.32 -2.47
C LEU A 62 8.55 -3.84 -2.54
N ASN A 63 9.66 -4.32 -1.99
CA ASN A 63 9.95 -5.75 -1.99
C ASN A 63 9.28 -6.44 -0.81
N HIS A 64 8.50 -5.68 -0.05
CA HIS A 64 7.80 -6.22 1.10
C HIS A 64 6.36 -6.58 0.75
N PRO A 65 5.98 -7.84 1.05
CA PRO A 65 4.63 -8.34 0.78
C PRO A 65 3.57 -7.70 1.68
N ALA A 66 2.49 -7.23 1.07
CA ALA A 66 1.40 -6.60 1.81
C ALA A 66 0.93 -7.49 2.95
N GLU A 67 0.98 -8.80 2.74
CA GLU A 67 0.56 -9.76 3.75
C GLU A 67 1.33 -9.55 5.05
N ARG A 68 2.51 -8.96 4.95
CA ARG A 68 3.35 -8.71 6.11
C ARG A 68 2.74 -7.63 6.99
N LEU A 69 1.73 -6.94 6.46
CA LEU A 69 1.06 -5.87 7.20
C LEU A 69 -0.44 -5.88 6.92
N ILE A 70 -1.09 -7.01 7.16
CA ILE A 70 -2.52 -7.13 6.92
C ILE A 70 -3.31 -6.32 7.94
N GLY A 71 -4.33 -5.62 7.46
CA GLY A 71 -5.16 -4.80 8.34
C GLY A 71 -4.56 -3.44 8.60
N LYS A 72 -3.35 -3.21 8.09
CA LYS A 72 -2.67 -1.94 8.27
C LYS A 72 -3.07 -0.95 7.17
N LYS A 73 -3.13 0.33 7.53
CA LYS A 73 -3.50 1.36 6.58
C LYS A 73 -2.26 2.10 6.07
N LEU A 74 -2.11 2.16 4.74
CA LEU A 74 -0.98 2.83 4.13
C LEU A 74 -1.43 3.96 3.22
N LYS A 75 -0.51 4.84 2.87
CA LYS A 75 -0.81 5.97 2.00
C LYS A 75 0.11 5.99 0.79
N VAL A 76 -0.45 6.29 -0.38
CA VAL A 76 0.33 6.35 -1.61
C VAL A 76 0.30 7.74 -2.21
N VAL A 77 1.48 8.35 -2.33
CA VAL A 77 1.59 9.69 -2.90
C VAL A 77 2.66 9.74 -3.98
N PRO A 78 2.46 10.61 -4.98
CA PRO A 78 3.38 10.78 -6.10
C PRO A 78 4.69 11.45 -5.66
N LEU A 79 5.76 11.19 -6.42
CA LEU A 79 7.07 11.76 -6.12
C LEU A 79 7.45 12.81 -7.14
N MET A 1 -14.51 -13.88 6.04
CA MET A 1 -14.46 -13.78 7.50
C MET A 1 -13.05 -13.39 7.96
N ALA A 2 -12.05 -14.08 7.43
CA ALA A 2 -10.67 -13.80 7.79
C ALA A 2 -10.20 -12.46 7.22
N ASP A 3 -9.21 -11.86 7.87
CA ASP A 3 -8.67 -10.58 7.42
C ASP A 3 -7.37 -10.77 6.65
N ARG A 4 -7.46 -10.70 5.32
CA ARG A 4 -6.29 -10.87 4.48
C ARG A 4 -6.26 -9.82 3.37
N THR A 5 -6.43 -8.56 3.76
CA THR A 5 -6.43 -7.47 2.79
C THR A 5 -5.80 -6.21 3.39
N ILE A 6 -5.63 -5.18 2.56
CA ILE A 6 -5.05 -3.93 3.01
C ILE A 6 -5.72 -2.73 2.34
N GLU A 7 -5.75 -1.61 3.04
CA GLU A 7 -6.36 -0.39 2.51
C GLU A 7 -5.31 0.69 2.28
N VAL A 8 -5.43 1.40 1.16
CA VAL A 8 -4.48 2.45 0.82
C VAL A 8 -5.22 3.73 0.40
N GLU A 9 -4.77 4.86 0.94
CA GLU A 9 -5.39 6.14 0.63
C GLU A 9 -4.76 6.76 -0.63
N LEU A 10 -5.54 6.82 -1.70
CA LEU A 10 -5.07 7.38 -2.96
C LEU A 10 -5.16 8.91 -2.95
N PRO A 11 -4.45 9.55 -3.88
CA PRO A 11 -4.44 11.01 -4.00
C PRO A 11 -5.78 11.56 -4.49
N ASN A 12 -6.04 12.83 -4.18
CA ASN A 12 -7.28 13.48 -4.59
C ASN A 12 -8.39 13.19 -3.59
N LYS A 13 -8.02 13.03 -2.33
CA LYS A 13 -8.99 12.75 -1.27
C LYS A 13 -9.81 11.51 -1.60
N GLN A 14 -9.15 10.50 -2.16
CA GLN A 14 -9.83 9.26 -2.53
C GLN A 14 -9.17 8.07 -1.86
N ARG A 15 -9.97 7.10 -1.45
CA ARG A 15 -9.46 5.90 -0.79
C ARG A 15 -9.79 4.65 -1.60
N THR A 16 -8.87 3.69 -1.59
CA THR A 16 -9.07 2.44 -2.34
C THR A 16 -8.48 1.26 -1.58
N VAL A 17 -9.26 0.19 -1.45
CA VAL A 17 -8.81 -1.01 -0.76
C VAL A 17 -8.58 -2.15 -1.73
N ILE A 18 -7.63 -3.02 -1.40
CA ILE A 18 -7.30 -4.16 -2.26
C ILE A 18 -7.03 -5.40 -1.42
N ASN A 19 -7.24 -6.57 -2.01
CA ASN A 19 -7.02 -7.84 -1.33
C ASN A 19 -5.83 -8.58 -1.94
N VAL A 20 -4.85 -8.90 -1.11
CA VAL A 20 -3.67 -9.63 -1.55
C VAL A 20 -3.41 -10.86 -0.70
N ARG A 21 -2.79 -11.87 -1.32
CA ARG A 21 -2.50 -13.11 -0.61
C ARG A 21 -1.03 -13.16 -0.19
N PRO A 22 -0.72 -13.96 0.84
CA PRO A 22 0.64 -14.11 1.35
C PRO A 22 1.53 -14.88 0.38
N GLY A 23 2.17 -14.15 -0.54
CA GLY A 23 3.05 -14.78 -1.51
C GLY A 23 3.77 -13.76 -2.38
N LEU A 24 3.00 -12.93 -3.06
CA LEU A 24 3.57 -11.92 -3.94
C LEU A 24 3.85 -10.63 -3.16
N THR A 25 4.67 -9.76 -3.76
CA THR A 25 5.02 -8.50 -3.13
C THR A 25 3.96 -7.44 -3.38
N LEU A 26 4.03 -6.35 -2.63
CA LEU A 26 3.07 -5.25 -2.78
C LEU A 26 3.13 -4.66 -4.19
N LYS A 27 4.32 -4.70 -4.79
CA LYS A 27 4.51 -4.18 -6.14
C LYS A 27 3.62 -4.91 -7.14
N GLU A 28 3.58 -6.23 -7.03
CA GLU A 28 2.76 -7.04 -7.93
C GLU A 28 1.29 -6.96 -7.56
N ALA A 29 1.01 -6.65 -6.29
CA ALA A 29 -0.35 -6.53 -5.81
C ALA A 29 -0.93 -5.16 -6.14
N LEU A 30 -0.05 -4.18 -6.34
CA LEU A 30 -0.47 -2.82 -6.66
C LEU A 30 -0.19 -2.50 -8.12
N LYS A 31 0.54 -3.37 -8.79
CA LYS A 31 0.88 -3.18 -10.20
C LYS A 31 -0.37 -2.97 -11.03
N LYS A 32 -1.21 -4.00 -11.10
CA LYS A 32 -2.44 -3.93 -11.86
C LYS A 32 -3.30 -2.76 -11.41
N ALA A 33 -3.34 -2.53 -10.10
CA ALA A 33 -4.13 -1.44 -9.53
C ALA A 33 -3.59 -0.10 -9.99
N LEU A 34 -2.28 -0.03 -10.22
CA LEU A 34 -1.65 1.20 -10.67
C LEU A 34 -2.01 1.52 -12.11
N LYS A 35 -1.90 0.52 -12.97
CA LYS A 35 -2.22 0.69 -14.39
C LYS A 35 -3.67 1.14 -14.56
N VAL A 36 -4.49 0.90 -13.55
CA VAL A 36 -5.89 1.27 -13.59
C VAL A 36 -6.06 2.79 -13.53
N ARG A 37 -5.15 3.45 -12.82
CA ARG A 37 -5.19 4.91 -12.69
C ARG A 37 -4.11 5.56 -13.54
N GLY A 38 -3.15 4.76 -14.00
CA GLY A 38 -2.08 5.28 -14.82
C GLY A 38 -0.93 5.81 -13.99
N ILE A 39 -0.82 5.34 -12.75
CA ILE A 39 0.25 5.77 -11.86
C ILE A 39 1.49 4.90 -12.03
N ASP A 40 2.66 5.52 -11.98
CA ASP A 40 3.92 4.81 -12.13
C ASP A 40 4.50 4.44 -10.76
N PRO A 41 5.17 3.29 -10.69
CA PRO A 41 5.78 2.79 -9.46
C PRO A 41 6.98 3.63 -9.03
N ASN A 42 7.70 4.16 -10.02
CA ASN A 42 8.88 4.98 -9.74
C ASN A 42 8.52 6.46 -9.72
N LYS A 43 7.23 6.75 -9.66
CA LYS A 43 6.74 8.12 -9.64
C LYS A 43 5.94 8.40 -8.37
N VAL A 44 5.72 7.35 -7.58
CA VAL A 44 4.97 7.48 -6.34
C VAL A 44 5.52 6.56 -5.26
N GLN A 45 5.24 6.88 -4.00
CA GLN A 45 5.71 6.08 -2.88
C GLN A 45 4.61 5.87 -1.85
N VAL A 46 4.67 4.76 -1.13
CA VAL A 46 3.67 4.45 -0.11
C VAL A 46 4.31 4.36 1.27
N TYR A 47 3.63 4.95 2.26
CA TYR A 47 4.14 4.94 3.63
C TYR A 47 3.04 4.51 4.60
N LEU A 48 3.41 3.68 5.57
CA LEU A 48 2.47 3.20 6.57
C LEU A 48 2.53 4.03 7.83
N LEU A 49 1.38 4.45 8.33
CA LEU A 49 1.31 5.26 9.55
C LEU A 49 0.98 4.39 10.76
N LEU A 50 1.80 4.52 11.80
CA LEU A 50 1.59 3.74 13.03
C LEU A 50 1.68 4.64 14.25
N SER A 51 1.64 4.03 15.43
CA SER A 51 1.70 4.78 16.69
C SER A 51 2.28 3.91 17.81
N GLY A 52 3.06 2.90 17.42
CA GLY A 52 3.66 2.02 18.40
C GLY A 52 5.17 2.11 18.42
N ASP A 53 5.77 2.15 17.24
CA ASP A 53 7.22 2.24 17.12
C ASP A 53 7.65 2.29 15.65
N ASP A 54 6.88 3.02 14.85
CA ASP A 54 7.18 3.16 13.43
C ASP A 54 7.75 4.54 13.12
N GLY A 55 7.74 5.41 14.12
CA GLY A 55 8.25 6.76 13.93
C GLY A 55 7.24 7.68 13.28
N ALA A 56 6.01 7.21 13.15
CA ALA A 56 4.94 7.99 12.53
C ALA A 56 5.24 8.25 11.06
N GLU A 57 4.44 7.67 10.19
CA GLU A 57 4.62 7.84 8.74
C GLU A 57 6.00 7.39 8.32
N GLN A 58 6.11 6.12 7.92
CA GLN A 58 7.38 5.56 7.47
C GLN A 58 7.22 4.83 6.15
N PRO A 59 8.19 5.04 5.24
CA PRO A 59 8.18 4.40 3.92
C PRO A 59 8.43 2.90 3.99
N LEU A 60 7.96 2.18 2.99
CA LEU A 60 8.13 0.74 2.93
C LEU A 60 8.71 0.30 1.59
N SER A 61 9.29 -0.89 1.56
CA SER A 61 9.89 -1.42 0.34
C SER A 61 8.82 -2.00 -0.58
N LEU A 62 8.97 -1.77 -1.88
CA LEU A 62 8.02 -2.27 -2.87
C LEU A 62 8.17 -3.78 -3.05
N ASN A 63 9.27 -4.33 -2.56
CA ASN A 63 9.53 -5.76 -2.66
C ASN A 63 9.07 -6.49 -1.40
N HIS A 64 8.16 -5.87 -0.66
CA HIS A 64 7.63 -6.45 0.56
C HIS A 64 6.21 -6.98 0.35
N PRO A 65 5.94 -8.18 0.88
CA PRO A 65 4.62 -8.83 0.76
C PRO A 65 3.56 -8.12 1.59
N ALA A 66 2.40 -7.88 0.97
CA ALA A 66 1.30 -7.21 1.65
C ALA A 66 0.93 -7.94 2.94
N GLU A 67 1.06 -9.26 2.92
CA GLU A 67 0.73 -10.07 4.09
C GLU A 67 1.55 -9.64 5.30
N ARG A 68 2.67 -8.97 5.05
CA ARG A 68 3.54 -8.51 6.11
C ARG A 68 2.90 -7.35 6.88
N LEU A 69 1.80 -6.83 6.34
CA LEU A 69 1.08 -5.72 6.96
C LEU A 69 -0.42 -5.87 6.77
N ILE A 70 -0.95 -7.02 7.17
CA ILE A 70 -2.38 -7.27 7.05
C ILE A 70 -3.19 -6.43 8.04
N GLY A 71 -4.20 -5.74 7.53
CA GLY A 71 -5.03 -4.90 8.38
C GLY A 71 -4.43 -3.53 8.60
N LYS A 72 -3.21 -3.32 8.10
CA LYS A 72 -2.53 -2.05 8.25
C LYS A 72 -2.93 -1.08 7.15
N LYS A 73 -3.13 0.18 7.51
CA LYS A 73 -3.51 1.21 6.56
C LYS A 73 -2.28 1.96 6.03
N LEU A 74 -2.22 2.13 4.72
CA LEU A 74 -1.10 2.84 4.11
C LEU A 74 -1.58 4.06 3.33
N LYS A 75 -0.66 4.96 3.02
CA LYS A 75 -1.00 6.18 2.28
C LYS A 75 -0.10 6.32 1.06
N VAL A 76 -0.70 6.73 -0.07
CA VAL A 76 0.04 6.91 -1.31
C VAL A 76 0.30 8.39 -1.58
N VAL A 77 1.56 8.78 -1.62
CA VAL A 77 1.94 10.16 -1.88
C VAL A 77 2.99 10.25 -2.97
N PRO A 78 2.96 11.35 -3.74
CA PRO A 78 3.91 11.57 -4.83
C PRO A 78 5.32 11.86 -4.33
N LEU A 79 6.31 11.56 -5.15
CA LEU A 79 7.70 11.78 -4.79
C LEU A 79 8.31 12.93 -5.59
N MET A 1 -14.49 -16.18 6.45
CA MET A 1 -13.55 -16.52 7.50
C MET A 1 -12.35 -15.57 7.48
N ALA A 2 -12.12 -14.89 8.59
CA ALA A 2 -11.00 -13.95 8.70
C ALA A 2 -11.15 -12.81 7.71
N ASP A 3 -10.14 -11.95 7.64
CA ASP A 3 -10.16 -10.80 6.74
C ASP A 3 -8.75 -10.44 6.30
N ARG A 4 -8.41 -10.80 5.06
CA ARG A 4 -7.09 -10.51 4.52
C ARG A 4 -7.17 -9.45 3.43
N THR A 5 -7.04 -8.19 3.82
CA THR A 5 -7.09 -7.08 2.88
C THR A 5 -6.28 -5.89 3.38
N ILE A 6 -5.96 -4.98 2.46
CA ILE A 6 -5.18 -3.79 2.82
C ILE A 6 -5.77 -2.54 2.16
N GLU A 7 -5.96 -1.50 2.96
CA GLU A 7 -6.50 -0.24 2.45
C GLU A 7 -5.38 0.75 2.12
N VAL A 8 -5.51 1.41 0.98
CA VAL A 8 -4.51 2.39 0.55
C VAL A 8 -5.16 3.70 0.14
N GLU A 9 -4.65 4.80 0.68
CA GLU A 9 -5.19 6.12 0.37
C GLU A 9 -4.52 6.70 -0.87
N LEU A 10 -5.29 6.82 -1.96
CA LEU A 10 -4.77 7.36 -3.20
C LEU A 10 -4.75 8.89 -3.18
N PRO A 11 -4.06 9.48 -4.15
CA PRO A 11 -3.94 10.94 -4.25
C PRO A 11 -5.26 11.60 -4.65
N ASN A 12 -5.41 12.87 -4.31
CA ASN A 12 -6.62 13.62 -4.63
C ASN A 12 -7.67 13.45 -3.53
N LYS A 13 -7.20 13.27 -2.30
CA LYS A 13 -8.10 13.09 -1.17
C LYS A 13 -9.04 11.92 -1.39
N GLN A 14 -8.53 10.85 -1.99
CA GLN A 14 -9.33 9.67 -2.26
C GLN A 14 -8.69 8.42 -1.66
N ARG A 15 -9.51 7.42 -1.36
CA ARG A 15 -9.02 6.18 -0.78
C ARG A 15 -9.69 4.97 -1.43
N THR A 16 -8.95 3.87 -1.53
CA THR A 16 -9.47 2.65 -2.13
C THR A 16 -8.93 1.41 -1.42
N VAL A 17 -9.77 0.38 -1.32
CA VAL A 17 -9.38 -0.86 -0.65
C VAL A 17 -8.95 -1.91 -1.68
N ILE A 18 -7.90 -2.66 -1.34
CA ILE A 18 -7.39 -3.69 -2.23
C ILE A 18 -7.20 -5.01 -1.48
N ASN A 19 -7.06 -6.09 -2.23
CA ASN A 19 -6.86 -7.42 -1.64
C ASN A 19 -5.53 -8.01 -2.09
N VAL A 20 -4.80 -8.59 -1.13
CA VAL A 20 -3.52 -9.20 -1.43
C VAL A 20 -3.29 -10.44 -0.56
N ARG A 21 -3.07 -11.58 -1.21
CA ARG A 21 -2.83 -12.83 -0.50
C ARG A 21 -1.35 -13.00 -0.17
N PRO A 22 -1.05 -13.88 0.80
CA PRO A 22 0.32 -14.15 1.23
C PRO A 22 1.11 -14.92 0.17
N GLY A 23 1.95 -14.21 -0.57
CA GLY A 23 2.76 -14.84 -1.60
C GLY A 23 3.48 -13.82 -2.46
N LEU A 24 2.73 -12.95 -3.12
CA LEU A 24 3.31 -11.93 -3.98
C LEU A 24 3.65 -10.67 -3.19
N THR A 25 4.48 -9.81 -3.77
CA THR A 25 4.88 -8.57 -3.13
C THR A 25 3.83 -7.48 -3.32
N LEU A 26 3.94 -6.41 -2.55
CA LEU A 26 3.01 -5.29 -2.64
C LEU A 26 3.04 -4.67 -4.03
N LYS A 27 4.21 -4.69 -4.66
CA LYS A 27 4.38 -4.13 -5.99
C LYS A 27 3.53 -4.88 -7.01
N GLU A 28 3.50 -6.21 -6.88
CA GLU A 28 2.71 -7.04 -7.79
C GLU A 28 1.23 -6.96 -7.46
N ALA A 29 0.91 -6.62 -6.21
CA ALA A 29 -0.46 -6.51 -5.77
C ALA A 29 -1.05 -5.16 -6.16
N LEU A 30 -0.20 -4.15 -6.26
CA LEU A 30 -0.63 -2.81 -6.62
C LEU A 30 -0.27 -2.49 -8.07
N LYS A 31 0.44 -3.41 -8.71
CA LYS A 31 0.85 -3.23 -10.10
C LYS A 31 -0.36 -2.94 -10.99
N LYS A 32 -1.26 -3.90 -11.09
CA LYS A 32 -2.46 -3.74 -11.90
C LYS A 32 -3.25 -2.51 -11.47
N ALA A 33 -3.33 -2.29 -10.16
CA ALA A 33 -4.06 -1.15 -9.63
C ALA A 33 -3.40 0.16 -10.05
N LEU A 34 -2.09 0.12 -10.24
CA LEU A 34 -1.34 1.31 -10.65
C LEU A 34 -1.59 1.64 -12.12
N LYS A 35 -1.51 0.62 -12.96
CA LYS A 35 -1.73 0.80 -14.40
C LYS A 35 -3.12 1.35 -14.67
N VAL A 36 -4.12 0.82 -13.95
CA VAL A 36 -5.49 1.27 -14.12
C VAL A 36 -5.68 2.67 -13.56
N ARG A 37 -4.75 3.10 -12.72
CA ARG A 37 -4.81 4.43 -12.12
C ARG A 37 -3.89 5.41 -12.84
N GLY A 38 -3.05 4.88 -13.72
CA GLY A 38 -2.13 5.71 -14.47
C GLY A 38 -0.93 6.14 -13.64
N ILE A 39 -0.88 5.67 -12.41
CA ILE A 39 0.23 6.01 -11.51
C ILE A 39 1.44 5.12 -11.78
N ASP A 40 2.63 5.72 -11.71
CA ASP A 40 3.87 4.98 -11.94
C ASP A 40 4.51 4.57 -10.61
N PRO A 41 5.15 3.40 -10.62
CA PRO A 41 5.82 2.85 -9.43
C PRO A 41 7.07 3.65 -9.05
N ASN A 42 7.62 4.36 -10.02
CA ASN A 42 8.81 5.18 -9.77
C ASN A 42 8.46 6.66 -9.72
N LYS A 43 7.18 6.95 -9.59
CA LYS A 43 6.70 8.33 -9.51
C LYS A 43 5.87 8.55 -8.27
N VAL A 44 5.78 7.52 -7.42
CA VAL A 44 5.01 7.60 -6.19
C VAL A 44 5.67 6.81 -5.08
N GLN A 45 5.33 7.14 -3.83
CA GLN A 45 5.89 6.45 -2.68
C GLN A 45 4.79 5.99 -1.72
N VAL A 46 4.98 4.81 -1.13
CA VAL A 46 4.00 4.25 -0.21
C VAL A 46 4.53 4.29 1.22
N TYR A 47 3.67 4.71 2.15
CA TYR A 47 4.05 4.79 3.56
C TYR A 47 2.99 4.12 4.44
N LEU A 48 3.42 3.70 5.62
CA LEU A 48 2.50 3.05 6.57
C LEU A 48 2.52 3.77 7.91
N LEU A 49 1.33 4.07 8.43
CA LEU A 49 1.20 4.75 9.71
C LEU A 49 0.86 3.77 10.82
N LEU A 50 1.52 3.92 11.96
CA LEU A 50 1.28 3.04 13.10
C LEU A 50 0.84 3.84 14.33
N SER A 51 1.78 4.54 14.94
CA SER A 51 1.50 5.35 16.12
C SER A 51 2.75 6.07 16.61
N GLY A 52 3.67 5.31 17.20
CA GLY A 52 4.90 5.88 17.70
C GLY A 52 6.03 4.88 17.75
N ASP A 53 5.91 3.82 16.96
CA ASP A 53 6.94 2.78 16.91
C ASP A 53 7.73 2.85 15.62
N ASP A 54 7.02 3.06 14.51
CA ASP A 54 7.66 3.15 13.20
C ASP A 54 7.99 4.60 12.85
N GLY A 55 7.96 5.46 13.87
CA GLY A 55 8.26 6.87 13.65
C GLY A 55 7.07 7.64 13.09
N ALA A 56 5.91 7.00 13.09
CA ALA A 56 4.69 7.62 12.58
C ALA A 56 4.83 7.94 11.10
N GLU A 57 4.20 7.12 10.26
CA GLU A 57 4.25 7.30 8.82
C GLU A 57 5.68 7.17 8.30
N GLN A 58 6.04 5.97 7.86
CA GLN A 58 7.37 5.70 7.34
C GLN A 58 7.30 4.98 6.00
N PRO A 59 8.38 5.08 5.23
CA PRO A 59 8.47 4.44 3.90
C PRO A 59 8.58 2.93 4.00
N LEU A 60 8.19 2.25 2.92
CA LEU A 60 8.23 0.79 2.88
C LEU A 60 8.76 0.29 1.54
N SER A 61 9.31 -0.91 1.54
CA SER A 61 9.86 -1.50 0.32
C SER A 61 8.75 -2.09 -0.54
N LEU A 62 8.83 -1.84 -1.85
CA LEU A 62 7.83 -2.33 -2.79
C LEU A 62 7.98 -3.84 -2.99
N ASN A 63 9.12 -4.37 -2.58
CA ASN A 63 9.39 -5.80 -2.71
C ASN A 63 8.98 -6.56 -1.45
N HIS A 64 8.08 -5.97 -0.68
CA HIS A 64 7.60 -6.58 0.55
C HIS A 64 6.18 -7.11 0.37
N PRO A 65 5.95 -8.35 0.84
CA PRO A 65 4.63 -8.99 0.75
C PRO A 65 3.60 -8.35 1.66
N ALA A 66 2.41 -8.11 1.12
CA ALA A 66 1.33 -7.49 1.90
C ALA A 66 1.10 -8.22 3.20
N GLU A 67 1.37 -9.53 3.20
CA GLU A 67 1.19 -10.35 4.39
C GLU A 67 2.02 -9.81 5.55
N ARG A 68 3.02 -9.01 5.23
CA ARG A 68 3.90 -8.43 6.25
C ARG A 68 3.13 -7.42 7.09
N LEU A 69 2.08 -6.84 6.52
CA LEU A 69 1.27 -5.85 7.22
C LEU A 69 -0.15 -5.81 6.65
N ILE A 70 -0.72 -6.99 6.43
CA ILE A 70 -2.08 -7.09 5.90
C ILE A 70 -3.10 -6.67 6.94
N GLY A 71 -4.03 -5.80 6.52
CA GLY A 71 -5.05 -5.32 7.42
C GLY A 71 -4.78 -3.92 7.93
N LYS A 72 -3.55 -3.47 7.79
CA LYS A 72 -3.16 -2.14 8.23
C LYS A 72 -3.62 -1.07 7.25
N LYS A 73 -3.24 0.18 7.49
CA LYS A 73 -3.61 1.28 6.63
C LYS A 73 -2.37 1.96 6.04
N LEU A 74 -2.35 2.09 4.72
CA LEU A 74 -1.22 2.72 4.04
C LEU A 74 -1.69 3.88 3.18
N LYS A 75 -0.76 4.73 2.79
CA LYS A 75 -1.08 5.90 1.96
C LYS A 75 -0.01 6.11 0.89
N VAL A 76 -0.44 6.41 -0.33
CA VAL A 76 0.48 6.64 -1.44
C VAL A 76 0.46 8.10 -1.87
N VAL A 77 1.65 8.70 -1.98
CA VAL A 77 1.76 10.09 -2.38
C VAL A 77 2.77 10.25 -3.50
N PRO A 78 2.40 11.01 -4.54
CA PRO A 78 3.26 11.26 -5.70
C PRO A 78 4.45 12.16 -5.36
N LEU A 79 5.49 12.07 -6.17
CA LEU A 79 6.70 12.87 -5.95
C LEU A 79 6.86 13.91 -7.05
N MET A 1 -13.28 -11.42 -0.86
CA MET A 1 -12.54 -12.28 0.06
C MET A 1 -12.39 -11.61 1.42
N ALA A 2 -12.99 -12.21 2.44
CA ALA A 2 -12.91 -11.67 3.79
C ALA A 2 -11.49 -11.77 4.34
N ASP A 3 -11.03 -10.69 4.98
CA ASP A 3 -9.69 -10.66 5.55
C ASP A 3 -8.64 -10.79 4.46
N ARG A 4 -7.37 -10.79 4.87
CA ARG A 4 -6.26 -10.90 3.93
C ARG A 4 -6.25 -9.73 2.96
N THR A 5 -6.65 -8.56 3.45
CA THR A 5 -6.68 -7.36 2.63
C THR A 5 -6.18 -6.15 3.41
N ILE A 6 -5.50 -5.24 2.71
CA ILE A 6 -4.97 -4.04 3.35
C ILE A 6 -5.60 -2.78 2.74
N GLU A 7 -5.70 -1.74 3.55
CA GLU A 7 -6.28 -0.47 3.11
C GLU A 7 -5.18 0.54 2.77
N VAL A 8 -5.34 1.21 1.63
CA VAL A 8 -4.35 2.21 1.21
C VAL A 8 -5.05 3.49 0.76
N GLU A 9 -4.49 4.63 1.15
CA GLU A 9 -5.05 5.93 0.79
C GLU A 9 -4.51 6.40 -0.55
N LEU A 10 -5.37 6.43 -1.55
CA LEU A 10 -4.99 6.86 -2.89
C LEU A 10 -4.94 8.38 -2.98
N PRO A 11 -4.32 8.89 -4.05
CA PRO A 11 -4.20 10.33 -4.29
C PRO A 11 -5.53 11.00 -4.61
N ASN A 12 -5.63 12.29 -4.35
CA ASN A 12 -6.85 13.04 -4.61
C ASN A 12 -7.80 12.95 -3.42
N LYS A 13 -7.24 12.86 -2.22
CA LYS A 13 -8.04 12.76 -1.01
C LYS A 13 -9.01 11.59 -1.07
N GLN A 14 -8.53 10.47 -1.62
CA GLN A 14 -9.36 9.27 -1.75
C GLN A 14 -8.69 8.07 -1.08
N ARG A 15 -9.49 7.10 -0.68
CA ARG A 15 -8.98 5.90 -0.03
C ARG A 15 -9.67 4.65 -0.57
N THR A 16 -8.89 3.60 -0.78
CA THR A 16 -9.42 2.35 -1.30
C THR A 16 -8.69 1.15 -0.70
N VAL A 17 -9.40 0.04 -0.55
CA VAL A 17 -8.83 -1.17 0.01
C VAL A 17 -8.68 -2.25 -1.05
N ILE A 18 -7.62 -3.04 -0.93
CA ILE A 18 -7.36 -4.13 -1.89
C ILE A 18 -7.00 -5.42 -1.17
N ASN A 19 -7.28 -6.54 -1.81
CA ASN A 19 -6.98 -7.85 -1.23
C ASN A 19 -5.62 -8.35 -1.70
N VAL A 20 -4.92 -9.05 -0.81
CA VAL A 20 -3.60 -9.59 -1.14
C VAL A 20 -3.45 -11.02 -0.64
N ARG A 21 -2.36 -11.67 -1.05
CA ARG A 21 -2.11 -13.05 -0.66
C ARG A 21 -0.64 -13.24 -0.27
N PRO A 22 -0.39 -14.22 0.61
CA PRO A 22 0.97 -14.52 1.08
C PRO A 22 1.83 -15.15 -0.01
N GLY A 23 2.70 -14.34 -0.61
CA GLY A 23 3.57 -14.83 -1.66
C GLY A 23 3.99 -13.75 -2.63
N LEU A 24 3.04 -12.91 -3.01
CA LEU A 24 3.31 -11.81 -3.94
C LEU A 24 3.77 -10.56 -3.19
N THR A 25 4.50 -9.70 -3.90
CA THR A 25 5.01 -8.47 -3.31
C THR A 25 3.95 -7.37 -3.33
N LEU A 26 4.19 -6.31 -2.57
CA LEU A 26 3.25 -5.19 -2.50
C LEU A 26 3.04 -4.58 -3.88
N LYS A 27 4.09 -4.61 -4.71
CA LYS A 27 4.01 -4.07 -6.05
C LYS A 27 2.95 -4.80 -6.88
N GLU A 28 2.89 -6.11 -6.73
CA GLU A 28 1.92 -6.93 -7.46
C GLU A 28 0.53 -6.78 -6.85
N ALA A 29 0.47 -6.42 -5.58
CA ALA A 29 -0.79 -6.24 -4.88
C ALA A 29 -1.41 -4.88 -5.20
N LEU A 30 -0.56 -3.92 -5.56
CA LEU A 30 -1.02 -2.58 -5.88
C LEU A 30 -0.90 -2.31 -7.38
N LYS A 31 -0.31 -3.26 -8.10
CA LYS A 31 -0.14 -3.12 -9.54
C LYS A 31 -1.47 -2.85 -10.23
N LYS A 32 -2.38 -3.81 -10.16
CA LYS A 32 -3.70 -3.67 -10.77
C LYS A 32 -4.41 -2.43 -10.26
N ALA A 33 -4.28 -2.17 -8.96
CA ALA A 33 -4.91 -1.01 -8.35
C ALA A 33 -4.33 0.28 -8.90
N LEU A 34 -3.06 0.24 -9.30
CA LEU A 34 -2.38 1.41 -9.84
C LEU A 34 -2.88 1.71 -11.26
N LYS A 35 -2.94 0.68 -12.09
CA LYS A 35 -3.40 0.83 -13.46
C LYS A 35 -4.78 1.48 -13.50
N VAL A 36 -5.53 1.35 -12.41
CA VAL A 36 -6.87 1.92 -12.32
C VAL A 36 -6.81 3.44 -12.25
N ARG A 37 -5.72 3.95 -11.68
CA ARG A 37 -5.54 5.40 -11.55
C ARG A 37 -4.51 5.91 -12.55
N GLY A 38 -3.76 5.00 -13.14
CA GLY A 38 -2.75 5.39 -14.11
C GLY A 38 -1.40 5.67 -13.47
N ILE A 39 -1.36 5.59 -12.14
CA ILE A 39 -0.12 5.84 -11.41
C ILE A 39 0.88 4.70 -11.61
N ASP A 40 2.15 5.05 -11.73
CA ASP A 40 3.21 4.06 -11.92
C ASP A 40 4.02 3.88 -10.64
N PRO A 41 4.46 2.63 -10.39
CA PRO A 41 5.25 2.30 -9.21
C PRO A 41 6.66 2.89 -9.26
N ASN A 42 7.07 3.29 -10.46
CA ASN A 42 8.39 3.87 -10.66
C ASN A 42 8.34 5.39 -10.62
N LYS A 43 7.21 5.92 -10.16
CA LYS A 43 7.03 7.37 -10.08
C LYS A 43 6.28 7.74 -8.80
N VAL A 44 6.13 6.77 -7.89
CA VAL A 44 5.44 7.00 -6.63
C VAL A 44 6.08 6.20 -5.50
N GLN A 45 5.65 6.47 -4.27
CA GLN A 45 6.18 5.77 -3.12
C GLN A 45 5.07 5.52 -2.09
N VAL A 46 5.20 4.41 -1.34
CA VAL A 46 4.23 4.06 -0.33
C VAL A 46 4.80 4.20 1.08
N TYR A 47 4.01 4.78 1.97
CA TYR A 47 4.46 4.98 3.35
C TYR A 47 3.51 4.28 4.33
N LEU A 48 4.02 3.99 5.53
CA LEU A 48 3.22 3.33 6.56
C LEU A 48 3.09 4.20 7.79
N LEU A 49 1.87 4.26 8.33
CA LEU A 49 1.61 5.07 9.53
C LEU A 49 1.57 4.20 10.78
N LEU A 50 2.49 4.45 11.70
CA LEU A 50 2.55 3.69 12.94
C LEU A 50 2.76 4.62 14.14
N SER A 51 2.19 4.24 15.27
CA SER A 51 2.31 5.03 16.49
C SER A 51 1.78 6.46 16.26
N GLY A 52 1.81 7.26 17.32
CA GLY A 52 1.34 8.63 17.22
C GLY A 52 2.41 9.64 17.59
N ASP A 53 3.49 9.16 18.18
CA ASP A 53 4.59 10.03 18.58
C ASP A 53 5.73 9.98 17.56
N ASP A 54 5.76 8.91 16.78
CA ASP A 54 6.79 8.73 15.77
C ASP A 54 6.53 9.63 14.56
N GLY A 55 5.37 10.28 14.56
CA GLY A 55 5.02 11.16 13.45
C GLY A 55 4.47 10.41 12.26
N ALA A 56 4.30 9.10 12.41
CA ALA A 56 3.78 8.27 11.34
C ALA A 56 4.56 8.49 10.05
N GLU A 57 4.04 7.95 8.95
CA GLU A 57 4.68 8.09 7.65
C GLU A 57 6.11 7.54 7.69
N GLN A 58 6.26 6.28 7.29
CA GLN A 58 7.57 5.63 7.28
C GLN A 58 7.82 4.94 5.95
N PRO A 59 9.11 4.72 5.64
CA PRO A 59 9.52 4.08 4.39
C PRO A 59 9.16 2.59 4.36
N LEU A 60 8.93 2.06 3.17
CA LEU A 60 8.57 0.66 3.00
C LEU A 60 9.21 0.07 1.75
N SER A 61 9.59 -1.19 1.81
CA SER A 61 10.22 -1.87 0.69
C SER A 61 9.17 -2.31 -0.33
N LEU A 62 9.40 -1.97 -1.59
CA LEU A 62 8.46 -2.34 -2.66
C LEU A 62 8.57 -3.82 -2.97
N ASN A 63 9.62 -4.46 -2.48
CA ASN A 63 9.82 -5.88 -2.72
C ASN A 63 9.34 -6.71 -1.52
N HIS A 64 8.47 -6.11 -0.71
CA HIS A 64 7.92 -6.78 0.46
C HIS A 64 6.48 -7.19 0.23
N PRO A 65 6.13 -8.41 0.66
CA PRO A 65 4.77 -8.95 0.51
C PRO A 65 3.76 -8.23 1.40
N ALA A 66 2.63 -7.86 0.83
CA ALA A 66 1.58 -7.18 1.58
C ALA A 66 1.14 -7.99 2.78
N GLU A 67 1.19 -9.31 2.65
CA GLU A 67 0.79 -10.21 3.73
C GLU A 67 1.59 -9.92 4.99
N ARG A 68 2.74 -9.28 4.82
CA ARG A 68 3.60 -8.95 5.96
C ARG A 68 3.00 -7.82 6.79
N LEU A 69 1.92 -7.23 6.28
CA LEU A 69 1.25 -6.13 6.96
C LEU A 69 -0.25 -6.19 6.73
N ILE A 70 -0.87 -7.32 7.02
CA ILE A 70 -2.30 -7.50 6.84
C ILE A 70 -3.08 -6.71 7.88
N GLY A 71 -4.08 -5.96 7.42
CA GLY A 71 -4.89 -5.18 8.32
C GLY A 71 -4.27 -3.83 8.64
N LYS A 72 -3.04 -3.62 8.15
CA LYS A 72 -2.34 -2.37 8.39
C LYS A 72 -2.89 -1.25 7.52
N LYS A 73 -2.26 -0.08 7.59
CA LYS A 73 -2.70 1.07 6.80
C LYS A 73 -1.52 1.67 6.02
N LEU A 74 -1.71 1.85 4.72
CA LEU A 74 -0.67 2.41 3.87
C LEU A 74 -1.16 3.68 3.18
N LYS A 75 -0.21 4.48 2.69
CA LYS A 75 -0.56 5.72 2.00
C LYS A 75 0.25 5.87 0.71
N VAL A 76 -0.40 6.36 -0.33
CA VAL A 76 0.26 6.56 -1.62
C VAL A 76 0.61 8.02 -1.84
N VAL A 77 1.90 8.31 -1.96
CA VAL A 77 2.37 9.67 -2.17
C VAL A 77 3.23 9.76 -3.43
N PRO A 78 3.18 10.93 -4.10
CA PRO A 78 3.95 11.17 -5.32
C PRO A 78 5.45 11.27 -5.05
N LEU A 79 6.26 10.81 -6.01
CA LEU A 79 7.71 10.84 -5.87
C LEU A 79 8.35 11.53 -7.07
N MET A 1 -10.19 -10.94 13.21
CA MET A 1 -9.09 -11.27 12.31
C MET A 1 -9.60 -12.10 11.13
N ALA A 2 -10.63 -11.60 10.45
CA ALA A 2 -11.19 -12.29 9.30
C ALA A 2 -10.79 -11.61 7.99
N ASP A 3 -10.90 -10.29 7.97
CA ASP A 3 -10.55 -9.51 6.79
C ASP A 3 -9.10 -9.74 6.40
N ARG A 4 -8.88 -10.45 5.30
CA ARG A 4 -7.53 -10.75 4.82
C ARG A 4 -7.18 -9.86 3.64
N THR A 5 -7.24 -8.54 3.84
CA THR A 5 -6.92 -7.58 2.80
C THR A 5 -6.16 -6.39 3.35
N ILE A 6 -5.71 -5.51 2.46
CA ILE A 6 -4.97 -4.32 2.87
C ILE A 6 -5.55 -3.06 2.24
N GLU A 7 -5.41 -1.94 2.93
CA GLU A 7 -5.92 -0.66 2.44
C GLU A 7 -4.79 0.25 1.98
N VAL A 8 -5.00 0.92 0.86
CA VAL A 8 -3.99 1.82 0.31
C VAL A 8 -4.60 3.15 -0.10
N GLU A 9 -4.04 4.24 0.41
CA GLU A 9 -4.53 5.58 0.09
C GLU A 9 -3.89 6.10 -1.18
N LEU A 10 -4.69 6.24 -2.24
CA LEU A 10 -4.19 6.73 -3.52
C LEU A 10 -4.20 8.26 -3.55
N PRO A 11 -3.48 8.84 -4.53
CA PRO A 11 -3.39 10.30 -4.69
C PRO A 11 -4.71 10.91 -5.15
N ASN A 12 -4.89 12.18 -4.86
CA ASN A 12 -6.11 12.90 -5.24
C ASN A 12 -7.19 12.72 -4.19
N LYS A 13 -6.78 12.60 -2.93
CA LYS A 13 -7.72 12.43 -1.83
C LYS A 13 -8.62 11.23 -2.06
N GLN A 14 -8.04 10.15 -2.59
CA GLN A 14 -8.80 8.93 -2.85
C GLN A 14 -8.16 7.74 -2.15
N ARG A 15 -9.00 6.76 -1.80
CA ARG A 15 -8.52 5.56 -1.12
C ARG A 15 -9.17 4.31 -1.70
N THR A 16 -8.40 3.22 -1.76
CA THR A 16 -8.91 1.96 -2.30
C THR A 16 -8.32 0.78 -1.55
N VAL A 17 -9.15 -0.24 -1.31
CA VAL A 17 -8.72 -1.44 -0.60
C VAL A 17 -8.74 -2.66 -1.52
N ILE A 18 -7.74 -3.51 -1.38
CA ILE A 18 -7.63 -4.72 -2.19
C ILE A 18 -7.08 -5.89 -1.38
N ASN A 19 -7.47 -7.10 -1.76
CA ASN A 19 -7.01 -8.30 -1.07
C ASN A 19 -5.73 -8.84 -1.71
N VAL A 20 -4.84 -9.38 -0.88
CA VAL A 20 -3.58 -9.93 -1.37
C VAL A 20 -3.26 -11.25 -0.68
N ARG A 21 -2.52 -12.11 -1.37
CA ARG A 21 -2.14 -13.40 -0.82
C ARG A 21 -0.64 -13.45 -0.52
N PRO A 22 -0.25 -14.35 0.40
CA PRO A 22 1.15 -14.50 0.79
C PRO A 22 2.00 -15.12 -0.31
N GLY A 23 2.59 -14.27 -1.14
CA GLY A 23 3.43 -14.75 -2.22
C GLY A 23 3.85 -13.63 -3.17
N LEU A 24 2.88 -12.81 -3.56
CA LEU A 24 3.15 -11.70 -4.47
C LEU A 24 3.58 -10.45 -3.70
N THR A 25 4.32 -9.57 -4.37
CA THR A 25 4.78 -8.33 -3.75
C THR A 25 3.71 -7.26 -3.79
N LEU A 26 3.92 -6.20 -3.01
CA LEU A 26 2.96 -5.09 -2.96
C LEU A 26 2.79 -4.46 -4.33
N LYS A 27 3.86 -4.48 -5.12
CA LYS A 27 3.83 -3.91 -6.47
C LYS A 27 2.84 -4.65 -7.35
N GLU A 28 2.83 -5.97 -7.26
CA GLU A 28 1.93 -6.80 -8.05
C GLU A 28 0.51 -6.75 -7.48
N ALA A 29 0.40 -6.47 -6.18
CA ALA A 29 -0.89 -6.37 -5.53
C ALA A 29 -1.54 -5.02 -5.76
N LEU A 30 -0.71 -4.00 -5.93
CA LEU A 30 -1.19 -2.65 -6.16
C LEU A 30 -1.09 -2.26 -7.63
N LYS A 31 -0.49 -3.14 -8.42
CA LYS A 31 -0.33 -2.91 -9.85
C LYS A 31 -1.65 -2.51 -10.49
N LYS A 32 -2.68 -3.34 -10.28
CA LYS A 32 -4.00 -3.07 -10.84
C LYS A 32 -4.62 -1.84 -10.21
N ALA A 33 -4.32 -1.63 -8.93
CA ALA A 33 -4.85 -0.49 -8.20
C ALA A 33 -4.32 0.83 -8.77
N LEU A 34 -3.02 0.86 -9.07
CA LEU A 34 -2.39 2.05 -9.63
C LEU A 34 -2.62 2.13 -11.13
N LYS A 35 -2.73 0.97 -11.78
CA LYS A 35 -2.96 0.92 -13.21
C LYS A 35 -4.21 1.70 -13.60
N VAL A 36 -5.11 1.88 -12.63
CA VAL A 36 -6.35 2.62 -12.87
C VAL A 36 -6.08 4.11 -13.05
N ARG A 37 -5.09 4.62 -12.30
CA ARG A 37 -4.74 6.02 -12.36
C ARG A 37 -3.41 6.22 -13.08
N GLY A 38 -2.76 5.11 -13.45
CA GLY A 38 -1.49 5.17 -14.13
C GLY A 38 -0.36 5.59 -13.21
N ILE A 39 -0.53 5.35 -11.92
CA ILE A 39 0.50 5.70 -10.94
C ILE A 39 1.66 4.74 -10.99
N ASP A 40 2.85 5.27 -11.27
CA ASP A 40 4.06 4.45 -11.34
C ASP A 40 4.73 4.33 -9.98
N PRO A 41 5.33 3.16 -9.71
CA PRO A 41 6.01 2.90 -8.45
C PRO A 41 7.30 3.71 -8.29
N ASN A 42 7.89 4.08 -9.42
CA ASN A 42 9.13 4.86 -9.42
C ASN A 42 8.82 6.36 -9.42
N LYS A 43 7.55 6.70 -9.21
CA LYS A 43 7.13 8.09 -9.19
C LYS A 43 6.40 8.43 -7.90
N VAL A 44 6.25 7.42 -7.03
CA VAL A 44 5.58 7.62 -5.76
C VAL A 44 6.21 6.75 -4.67
N GLN A 45 6.00 7.14 -3.41
CA GLN A 45 6.55 6.41 -2.28
C GLN A 45 5.44 5.90 -1.36
N VAL A 46 5.55 4.64 -0.94
CA VAL A 46 4.56 4.04 -0.06
C VAL A 46 5.02 4.07 1.39
N TYR A 47 4.10 4.41 2.29
CA TYR A 47 4.41 4.48 3.71
C TYR A 47 3.37 3.71 4.53
N LEU A 48 3.84 3.07 5.60
CA LEU A 48 2.96 2.29 6.47
C LEU A 48 2.78 2.99 7.82
N LEU A 49 1.56 3.42 8.09
CA LEU A 49 1.26 4.10 9.36
C LEU A 49 0.65 3.12 10.36
N LEU A 50 1.11 3.23 11.61
CA LEU A 50 0.62 2.35 12.67
C LEU A 50 -0.22 3.13 13.68
N SER A 51 -1.23 2.48 14.24
CA SER A 51 -2.11 3.12 15.21
C SER A 51 -3.00 4.16 14.53
N GLY A 52 -2.41 5.30 14.22
CA GLY A 52 -3.15 6.37 13.57
C GLY A 52 -2.25 7.35 12.83
N ASP A 53 -1.46 8.10 13.58
CA ASP A 53 -0.55 9.07 12.98
C ASP A 53 0.30 9.74 14.06
N ASP A 54 0.98 8.93 14.87
CA ASP A 54 1.83 9.44 15.94
C ASP A 54 3.28 9.50 15.49
N GLY A 55 3.50 9.41 14.17
CA GLY A 55 4.84 9.46 13.64
C GLY A 55 5.38 8.08 13.30
N ALA A 56 4.49 7.09 13.24
CA ALA A 56 4.88 5.73 12.92
C ALA A 56 5.08 5.55 11.41
N GLU A 57 4.57 6.51 10.64
CA GLU A 57 4.69 6.46 9.19
C GLU A 57 6.14 6.23 8.78
N GLN A 58 6.43 5.04 8.25
CA GLN A 58 7.77 4.71 7.81
C GLN A 58 7.76 4.13 6.40
N PRO A 59 8.90 4.23 5.70
CA PRO A 59 9.04 3.72 4.34
C PRO A 59 9.03 2.19 4.28
N LEU A 60 8.69 1.65 3.12
CA LEU A 60 8.65 0.20 2.94
C LEU A 60 9.14 -0.19 1.55
N SER A 61 9.77 -1.35 1.46
CA SER A 61 10.29 -1.85 0.19
C SER A 61 9.15 -2.25 -0.74
N LEU A 62 9.22 -1.80 -1.99
CA LEU A 62 8.21 -2.12 -2.98
C LEU A 62 8.24 -3.61 -3.34
N ASN A 63 9.32 -4.28 -2.97
CA ASN A 63 9.48 -5.69 -3.25
C ASN A 63 9.03 -6.54 -2.06
N HIS A 64 8.20 -5.96 -1.21
CA HIS A 64 7.69 -6.66 -0.03
C HIS A 64 6.25 -7.09 -0.23
N PRO A 65 5.93 -8.32 0.20
CA PRO A 65 4.58 -8.89 0.07
C PRO A 65 3.58 -8.20 1.00
N ALA A 66 2.42 -7.86 0.46
CA ALA A 66 1.38 -7.21 1.23
C ALA A 66 1.04 -8.01 2.49
N GLU A 67 1.13 -9.33 2.37
CA GLU A 67 0.82 -10.21 3.50
C GLU A 67 1.74 -9.91 4.68
N ARG A 68 2.87 -9.26 4.40
CA ARG A 68 3.83 -8.91 5.44
C ARG A 68 3.25 -7.87 6.39
N LEU A 69 2.21 -7.19 5.95
CA LEU A 69 1.57 -6.16 6.75
C LEU A 69 0.05 -6.27 6.68
N ILE A 70 -0.44 -7.49 6.52
CA ILE A 70 -1.88 -7.73 6.43
C ILE A 70 -2.61 -7.14 7.62
N GLY A 71 -3.62 -6.31 7.35
CA GLY A 71 -4.38 -5.69 8.42
C GLY A 71 -3.92 -4.28 8.71
N LYS A 72 -2.82 -3.86 8.07
CA LYS A 72 -2.28 -2.53 8.28
C LYS A 72 -2.65 -1.60 7.13
N LYS A 73 -2.94 -0.35 7.46
CA LYS A 73 -3.31 0.64 6.46
C LYS A 73 -2.10 1.44 6.00
N LEU A 74 -1.93 1.55 4.69
CA LEU A 74 -0.80 2.28 4.12
C LEU A 74 -1.29 3.38 3.16
N LYS A 75 -0.42 4.32 2.87
CA LYS A 75 -0.75 5.42 1.96
C LYS A 75 0.42 5.74 1.04
N VAL A 76 0.11 6.05 -0.22
CA VAL A 76 1.13 6.39 -1.20
C VAL A 76 1.08 7.87 -1.56
N VAL A 77 2.24 8.52 -1.53
CA VAL A 77 2.35 9.94 -1.86
C VAL A 77 3.37 10.18 -2.96
N PRO A 78 2.99 10.99 -3.95
CA PRO A 78 3.86 11.33 -5.08
C PRO A 78 5.02 12.22 -4.67
N LEU A 79 6.17 12.00 -5.30
CA LEU A 79 7.36 12.80 -5.00
C LEU A 79 7.63 13.81 -6.10
N MET A 1 -17.67 -13.80 6.52
CA MET A 1 -16.36 -14.37 6.25
C MET A 1 -15.31 -13.27 6.07
N ALA A 2 -14.38 -13.18 7.02
CA ALA A 2 -13.33 -12.18 6.96
C ALA A 2 -12.14 -12.68 6.16
N ASP A 3 -11.19 -11.79 5.90
CA ASP A 3 -10.00 -12.15 5.14
C ASP A 3 -8.97 -11.02 5.17
N ARG A 4 -7.70 -11.38 5.29
CA ARG A 4 -6.62 -10.39 5.34
C ARG A 4 -6.72 -9.42 4.17
N THR A 5 -6.41 -8.16 4.44
CA THR A 5 -6.46 -7.13 3.41
C THR A 5 -5.56 -5.96 3.75
N ILE A 6 -5.41 -5.03 2.81
CA ILE A 6 -4.56 -3.86 3.02
C ILE A 6 -5.21 -2.61 2.43
N GLU A 7 -5.32 -1.57 3.25
CA GLU A 7 -5.92 -0.31 2.81
C GLU A 7 -4.84 0.73 2.51
N VAL A 8 -5.03 1.47 1.43
CA VAL A 8 -4.09 2.49 1.02
C VAL A 8 -4.79 3.83 0.79
N GLU A 9 -4.18 4.90 1.29
CA GLU A 9 -4.74 6.24 1.15
C GLU A 9 -4.28 6.89 -0.16
N LEU A 10 -5.21 7.07 -1.08
CA LEU A 10 -4.91 7.67 -2.37
C LEU A 10 -4.96 9.20 -2.28
N PRO A 11 -4.40 9.87 -3.30
CA PRO A 11 -4.37 11.33 -3.37
C PRO A 11 -5.76 11.93 -3.60
N ASN A 12 -5.93 13.17 -3.19
CA ASN A 12 -7.20 13.87 -3.35
C ASN A 12 -8.14 13.56 -2.18
N LYS A 13 -7.55 13.33 -1.01
CA LYS A 13 -8.33 13.03 0.18
C LYS A 13 -9.23 11.83 -0.04
N GLN A 14 -8.72 10.84 -0.77
CA GLN A 14 -9.48 9.62 -1.05
C GLN A 14 -8.72 8.38 -0.59
N ARG A 15 -9.45 7.30 -0.35
CA ARG A 15 -8.84 6.05 0.09
C ARG A 15 -9.45 4.86 -0.65
N THR A 16 -8.67 3.78 -0.76
CA THR A 16 -9.13 2.59 -1.45
C THR A 16 -8.59 1.33 -0.78
N VAL A 17 -9.43 0.31 -0.65
CA VAL A 17 -9.04 -0.94 -0.03
C VAL A 17 -8.74 -2.00 -1.08
N ILE A 18 -7.66 -2.74 -0.89
CA ILE A 18 -7.27 -3.80 -1.82
C ILE A 18 -7.00 -5.10 -1.08
N ASN A 19 -7.14 -6.21 -1.80
CA ASN A 19 -6.91 -7.54 -1.22
C ASN A 19 -5.63 -8.16 -1.77
N VAL A 20 -4.90 -8.86 -0.91
CA VAL A 20 -3.66 -9.51 -1.30
C VAL A 20 -3.47 -10.84 -0.59
N ARG A 21 -2.78 -11.77 -1.23
CA ARG A 21 -2.54 -13.09 -0.65
C ARG A 21 -1.05 -13.28 -0.36
N PRO A 22 -0.74 -14.24 0.53
CA PRO A 22 0.63 -14.54 0.92
C PRO A 22 1.42 -15.20 -0.21
N GLY A 23 2.26 -14.41 -0.88
CA GLY A 23 3.06 -14.93 -1.98
C GLY A 23 3.52 -13.85 -2.92
N LEU A 24 2.59 -13.00 -3.35
CA LEU A 24 2.91 -11.91 -4.27
C LEU A 24 3.36 -10.67 -3.50
N THR A 25 4.16 -9.83 -4.15
CA THR A 25 4.65 -8.60 -3.53
C THR A 25 3.63 -7.48 -3.65
N LEU A 26 3.83 -6.42 -2.88
CA LEU A 26 2.93 -5.27 -2.89
C LEU A 26 2.83 -4.68 -4.28
N LYS A 27 3.93 -4.76 -5.04
CA LYS A 27 3.97 -4.24 -6.40
C LYS A 27 2.98 -4.97 -7.30
N GLU A 28 2.91 -6.28 -7.16
CA GLU A 28 2.01 -7.09 -7.96
C GLU A 28 0.57 -6.96 -7.45
N ALA A 29 0.43 -6.64 -6.18
CA ALA A 29 -0.89 -6.47 -5.57
C ALA A 29 -1.47 -5.10 -5.86
N LEU A 30 -0.59 -4.11 -6.02
CA LEU A 30 -1.00 -2.75 -6.30
C LEU A 30 -0.85 -2.42 -7.78
N LYS A 31 -0.28 -3.37 -8.54
CA LYS A 31 -0.08 -3.19 -9.97
C LYS A 31 -1.37 -2.75 -10.65
N LYS A 32 -2.43 -3.52 -10.44
CA LYS A 32 -3.73 -3.21 -11.04
C LYS A 32 -4.30 -1.91 -10.46
N ALA A 33 -4.03 -1.67 -9.18
CA ALA A 33 -4.51 -0.46 -8.52
C ALA A 33 -3.88 0.78 -9.13
N LEU A 34 -2.58 0.73 -9.39
CA LEU A 34 -1.87 1.85 -9.98
C LEU A 34 -2.06 1.89 -11.50
N LYS A 35 -2.32 0.72 -12.07
CA LYS A 35 -2.53 0.62 -13.52
C LYS A 35 -3.72 1.44 -13.96
N VAL A 36 -4.60 1.75 -13.01
CA VAL A 36 -5.80 2.55 -13.31
C VAL A 36 -5.43 3.97 -13.68
N ARG A 37 -4.33 4.47 -13.12
CA ARG A 37 -3.88 5.82 -13.40
C ARG A 37 -2.66 5.82 -14.32
N GLY A 38 -2.04 4.65 -14.45
CA GLY A 38 -0.86 4.52 -15.30
C GLY A 38 0.37 5.16 -14.69
N ILE A 39 0.36 5.32 -13.36
CA ILE A 39 1.47 5.92 -12.66
C ILE A 39 2.71 5.03 -12.71
N ASP A 40 3.89 5.64 -12.71
CA ASP A 40 5.15 4.90 -12.75
C ASP A 40 5.49 4.35 -11.38
N PRO A 41 6.10 3.16 -11.35
CA PRO A 41 6.50 2.50 -10.10
C PRO A 41 7.65 3.21 -9.42
N ASN A 42 8.46 3.92 -10.21
CA ASN A 42 9.60 4.64 -9.66
C ASN A 42 9.29 6.14 -9.55
N LYS A 43 8.01 6.48 -9.66
CA LYS A 43 7.59 7.87 -9.57
C LYS A 43 6.62 8.06 -8.41
N VAL A 44 6.60 7.10 -7.49
CA VAL A 44 5.72 7.16 -6.33
C VAL A 44 6.39 6.56 -5.10
N GLN A 45 5.91 6.95 -3.93
CA GLN A 45 6.45 6.44 -2.68
C GLN A 45 5.34 6.02 -1.72
N VAL A 46 5.58 4.93 -0.99
CA VAL A 46 4.59 4.43 -0.04
C VAL A 46 5.05 4.65 1.40
N TYR A 47 4.14 5.14 2.23
CA TYR A 47 4.45 5.40 3.64
C TYR A 47 3.76 4.39 4.54
N LEU A 48 4.48 3.92 5.55
CA LEU A 48 3.94 2.94 6.49
C LEU A 48 3.27 3.65 7.68
N LEU A 49 1.99 3.38 7.87
CA LEU A 49 1.24 3.98 8.96
C LEU A 49 1.08 3.00 10.12
N LEU A 50 1.26 3.49 11.34
CA LEU A 50 1.14 2.66 12.53
C LEU A 50 0.04 3.18 13.45
N SER A 51 -0.17 4.49 13.42
CA SER A 51 -1.20 5.12 14.25
C SER A 51 -0.85 5.00 15.73
N GLY A 52 -0.21 6.04 16.27
CA GLY A 52 0.17 6.02 17.67
C GLY A 52 0.48 7.40 18.20
N ASP A 53 1.29 8.16 17.47
CA ASP A 53 1.67 9.50 17.88
C ASP A 53 1.46 10.49 16.73
N ASP A 54 2.20 10.30 15.65
CA ASP A 54 2.10 11.17 14.49
C ASP A 54 1.45 10.45 13.32
N GLY A 55 1.25 9.14 13.48
CA GLY A 55 0.64 8.35 12.43
C GLY A 55 1.65 7.55 11.64
N ALA A 56 2.93 7.70 11.99
CA ALA A 56 4.00 6.99 11.31
C ALA A 56 4.09 7.41 9.85
N GLU A 57 5.27 7.23 9.25
CA GLU A 57 5.48 7.58 7.86
C GLU A 57 6.91 7.25 7.42
N GLN A 58 7.12 6.00 7.02
CA GLN A 58 8.43 5.55 6.59
C GLN A 58 8.35 4.86 5.23
N PRO A 59 9.49 4.83 4.51
CA PRO A 59 9.56 4.21 3.18
C PRO A 59 9.45 2.69 3.26
N LEU A 60 9.03 2.08 2.16
CA LEU A 60 8.88 0.64 2.08
C LEU A 60 9.30 0.10 0.72
N SER A 61 9.77 -1.15 0.69
CA SER A 61 10.21 -1.76 -0.55
C SER A 61 9.02 -2.28 -1.36
N LEU A 62 9.05 -2.04 -2.66
CA LEU A 62 7.98 -2.47 -3.55
C LEU A 62 8.00 -3.99 -3.75
N ASN A 63 9.12 -4.61 -3.36
CA ASN A 63 9.27 -6.05 -3.49
C ASN A 63 8.91 -6.76 -2.19
N HIS A 64 8.12 -6.09 -1.35
CA HIS A 64 7.71 -6.66 -0.07
C HIS A 64 6.27 -7.17 -0.14
N PRO A 65 6.07 -8.41 0.33
CA PRO A 65 4.75 -9.05 0.34
C PRO A 65 3.80 -8.39 1.33
N ALA A 66 2.58 -8.11 0.88
CA ALA A 66 1.57 -7.49 1.72
C ALA A 66 1.34 -8.31 3.00
N GLU A 67 1.49 -9.62 2.88
CA GLU A 67 1.30 -10.51 4.02
C GLU A 67 2.28 -10.18 5.13
N ARG A 68 3.31 -9.42 4.80
CA ARG A 68 4.33 -9.04 5.77
C ARG A 68 3.83 -7.90 6.66
N LEU A 69 2.62 -7.41 6.37
CA LEU A 69 2.04 -6.32 7.14
C LEU A 69 0.53 -6.23 6.87
N ILE A 70 -0.07 -7.35 6.53
CA ILE A 70 -1.51 -7.39 6.25
C ILE A 70 -2.30 -6.84 7.42
N GLY A 71 -3.40 -6.14 7.10
CA GLY A 71 -4.24 -5.57 8.15
C GLY A 71 -3.78 -4.19 8.56
N LYS A 72 -2.64 -3.75 8.02
CA LYS A 72 -2.09 -2.44 8.35
C LYS A 72 -2.62 -1.38 7.40
N LYS A 73 -2.12 -0.15 7.54
CA LYS A 73 -2.54 0.94 6.69
C LYS A 73 -1.34 1.61 6.03
N LEU A 74 -1.45 1.84 4.72
CA LEU A 74 -0.37 2.47 3.96
C LEU A 74 -0.86 3.74 3.27
N LYS A 75 0.09 4.57 2.86
CA LYS A 75 -0.24 5.83 2.18
C LYS A 75 0.47 5.92 0.85
N VAL A 76 -0.24 6.45 -0.16
CA VAL A 76 0.33 6.59 -1.49
C VAL A 76 0.61 8.07 -1.81
N VAL A 77 1.88 8.38 -2.03
CA VAL A 77 2.28 9.75 -2.34
C VAL A 77 3.17 9.78 -3.59
N PRO A 78 2.59 10.22 -4.71
CA PRO A 78 3.32 10.32 -5.99
C PRO A 78 4.38 11.43 -5.97
N LEU A 79 5.50 11.18 -6.65
CA LEU A 79 6.57 12.16 -6.71
C LEU A 79 6.99 12.43 -8.15
N MET A 1 -14.27 -12.84 9.29
CA MET A 1 -13.86 -12.18 10.53
C MET A 1 -12.43 -11.67 10.42
N ALA A 2 -11.52 -12.55 10.01
CA ALA A 2 -10.12 -12.18 9.86
C ALA A 2 -9.93 -11.14 8.76
N ASP A 3 -9.16 -10.11 9.05
CA ASP A 3 -8.90 -9.04 8.10
C ASP A 3 -7.91 -9.51 7.03
N ARG A 4 -8.42 -9.77 5.83
CA ARG A 4 -7.58 -10.23 4.74
C ARG A 4 -7.58 -9.22 3.60
N THR A 5 -7.11 -8.00 3.88
CA THR A 5 -7.07 -6.94 2.89
C THR A 5 -6.28 -5.74 3.41
N ILE A 6 -5.87 -4.87 2.50
CA ILE A 6 -5.13 -3.67 2.86
C ILE A 6 -5.75 -2.43 2.25
N GLU A 7 -5.96 -1.41 3.09
CA GLU A 7 -6.56 -0.15 2.63
C GLU A 7 -5.48 0.89 2.35
N VAL A 8 -5.63 1.62 1.26
CA VAL A 8 -4.68 2.65 0.88
C VAL A 8 -5.38 3.95 0.48
N GLU A 9 -4.88 5.06 0.98
CA GLU A 9 -5.47 6.36 0.68
C GLU A 9 -4.88 6.95 -0.60
N LEU A 10 -5.70 7.03 -1.64
CA LEU A 10 -5.25 7.57 -2.93
C LEU A 10 -5.33 9.09 -2.93
N PRO A 11 -4.67 9.71 -3.92
CA PRO A 11 -4.66 11.17 -4.07
C PRO A 11 -6.02 11.72 -4.50
N ASN A 12 -6.26 12.99 -4.20
CA ASN A 12 -7.51 13.64 -4.55
C ASN A 12 -8.58 13.38 -3.50
N LYS A 13 -8.14 13.24 -2.25
CA LYS A 13 -9.06 12.98 -1.14
C LYS A 13 -9.90 11.74 -1.40
N GLN A 14 -9.27 10.72 -1.98
CA GLN A 14 -9.96 9.47 -2.27
C GLN A 14 -9.25 8.29 -1.62
N ARG A 15 -9.99 7.21 -1.40
CA ARG A 15 -9.43 6.02 -0.78
C ARG A 15 -9.91 4.75 -1.50
N THR A 16 -9.06 3.73 -1.53
CA THR A 16 -9.40 2.48 -2.19
C THR A 16 -8.81 1.29 -1.44
N VAL A 17 -9.54 0.18 -1.42
CA VAL A 17 -9.09 -1.03 -0.73
C VAL A 17 -8.70 -2.11 -1.73
N ILE A 18 -7.59 -2.79 -1.45
CA ILE A 18 -7.11 -3.85 -2.34
C ILE A 18 -6.94 -5.16 -1.57
N ASN A 19 -7.07 -6.27 -2.27
CA ASN A 19 -6.93 -7.59 -1.66
C ASN A 19 -5.66 -8.29 -2.15
N VAL A 20 -4.93 -8.88 -1.21
CA VAL A 20 -3.70 -9.58 -1.53
C VAL A 20 -3.52 -10.82 -0.67
N ARG A 21 -2.81 -11.81 -1.20
CA ARG A 21 -2.58 -13.05 -0.47
C ARG A 21 -1.11 -13.16 -0.04
N PRO A 22 -0.86 -13.97 1.00
CA PRO A 22 0.49 -14.17 1.52
C PRO A 22 1.37 -14.97 0.57
N GLY A 23 1.97 -14.29 -0.40
CA GLY A 23 2.82 -14.95 -1.36
C GLY A 23 3.52 -13.97 -2.29
N LEU A 24 2.74 -13.15 -2.98
CA LEU A 24 3.30 -12.16 -3.90
C LEU A 24 3.61 -10.85 -3.18
N THR A 25 4.43 -10.03 -3.80
CA THR A 25 4.82 -8.75 -3.22
C THR A 25 3.77 -7.68 -3.52
N LEU A 26 3.86 -6.56 -2.80
CA LEU A 26 2.92 -5.46 -2.98
C LEU A 26 2.97 -4.93 -4.42
N LYS A 27 4.16 -5.01 -5.02
CA LYS A 27 4.34 -4.53 -6.39
C LYS A 27 3.45 -5.30 -7.35
N GLU A 28 3.38 -6.62 -7.17
CA GLU A 28 2.56 -7.47 -8.02
C GLU A 28 1.08 -7.33 -7.67
N ALA A 29 0.80 -6.93 -6.44
CA ALA A 29 -0.57 -6.75 -5.98
C ALA A 29 -1.12 -5.41 -6.41
N LEU A 30 -0.23 -4.42 -6.56
CA LEU A 30 -0.63 -3.09 -6.98
C LEU A 30 -0.29 -2.85 -8.44
N LYS A 31 0.38 -3.81 -9.05
CA LYS A 31 0.78 -3.70 -10.45
C LYS A 31 -0.42 -3.34 -11.32
N LYS A 32 -1.50 -4.11 -11.20
CA LYS A 32 -2.71 -3.86 -11.97
C LYS A 32 -3.37 -2.55 -11.55
N ALA A 33 -3.25 -2.22 -10.27
CA ALA A 33 -3.83 -0.99 -9.74
C ALA A 33 -3.16 0.23 -10.35
N LEU A 34 -1.83 0.20 -10.41
CA LEU A 34 -1.07 1.32 -10.97
C LEU A 34 -1.02 1.23 -12.50
N LYS A 35 -1.19 0.03 -13.02
CA LYS A 35 -1.18 -0.18 -14.47
C LYS A 35 -2.35 0.51 -15.14
N VAL A 36 -3.55 0.26 -14.63
CA VAL A 36 -4.76 0.87 -15.18
C VAL A 36 -4.83 2.36 -14.84
N ARG A 37 -4.31 2.70 -13.66
CA ARG A 37 -4.32 4.10 -13.21
C ARG A 37 -3.18 4.88 -13.85
N GLY A 38 -2.24 4.16 -14.44
CA GLY A 38 -1.10 4.80 -15.09
C GLY A 38 -0.11 5.36 -14.09
N ILE A 39 -0.11 4.81 -12.89
CA ILE A 39 0.79 5.25 -11.83
C ILE A 39 2.14 4.55 -11.94
N ASP A 40 3.21 5.30 -11.69
CA ASP A 40 4.56 4.75 -11.76
C ASP A 40 5.10 4.44 -10.37
N PRO A 41 5.90 3.38 -10.26
CA PRO A 41 6.49 2.96 -8.98
C PRO A 41 7.56 3.93 -8.50
N ASN A 42 8.15 4.69 -9.42
CA ASN A 42 9.18 5.66 -9.09
C ASN A 42 8.60 7.06 -8.99
N LYS A 43 7.37 7.22 -9.45
CA LYS A 43 6.69 8.50 -9.42
C LYS A 43 5.74 8.59 -8.22
N VAL A 44 5.72 7.55 -7.41
CA VAL A 44 4.86 7.50 -6.24
C VAL A 44 5.53 6.75 -5.09
N GLN A 45 5.07 7.01 -3.87
CA GLN A 45 5.63 6.37 -2.69
C GLN A 45 4.54 6.07 -1.67
N VAL A 46 4.69 4.95 -0.97
CA VAL A 46 3.71 4.54 0.04
C VAL A 46 4.30 4.66 1.44
N TYR A 47 3.51 5.20 2.36
CA TYR A 47 3.95 5.36 3.75
C TYR A 47 2.95 4.73 4.71
N LEU A 48 3.47 4.01 5.70
CA LEU A 48 2.62 3.35 6.69
C LEU A 48 2.55 4.18 7.98
N LEU A 49 1.33 4.46 8.41
CA LEU A 49 1.13 5.25 9.63
C LEU A 49 0.98 4.34 10.85
N LEU A 50 1.76 4.61 11.89
CA LEU A 50 1.72 3.82 13.11
C LEU A 50 1.62 4.72 14.34
N SER A 51 1.75 4.12 15.51
CA SER A 51 1.68 4.86 16.76
C SER A 51 2.94 4.64 17.61
N GLY A 52 3.90 5.55 17.47
CA GLY A 52 5.13 5.44 18.22
C GLY A 52 5.79 4.08 18.07
N ASP A 53 5.96 3.66 16.82
CA ASP A 53 6.59 2.37 16.53
C ASP A 53 7.50 2.46 15.31
N ASP A 54 6.94 2.94 14.20
CA ASP A 54 7.71 3.08 12.97
C ASP A 54 8.19 4.51 12.79
N GLY A 55 8.14 5.29 13.86
CA GLY A 55 8.57 6.68 13.80
C GLY A 55 7.55 7.57 13.13
N ALA A 56 6.33 7.07 12.96
CA ALA A 56 5.27 7.83 12.33
C ALA A 56 5.59 8.11 10.87
N GLU A 57 4.81 7.51 9.97
CA GLU A 57 5.01 7.69 8.54
C GLU A 57 6.38 7.16 8.11
N GLN A 58 6.39 5.90 7.66
CA GLN A 58 7.63 5.26 7.22
C GLN A 58 7.45 4.61 5.85
N PRO A 59 8.45 4.78 4.98
CA PRO A 59 8.42 4.20 3.63
C PRO A 59 8.55 2.69 3.64
N LEU A 60 7.99 2.04 2.62
CA LEU A 60 8.05 0.59 2.52
C LEU A 60 8.57 0.16 1.16
N SER A 61 9.21 -1.00 1.10
CA SER A 61 9.76 -1.52 -0.15
C SER A 61 8.67 -2.16 -1.00
N LEU A 62 8.79 -1.98 -2.32
CA LEU A 62 7.82 -2.54 -3.25
C LEU A 62 7.97 -4.06 -3.35
N ASN A 63 9.08 -4.57 -2.85
CA ASN A 63 9.34 -6.01 -2.89
C ASN A 63 8.89 -6.67 -1.60
N HIS A 64 7.98 -6.02 -0.89
CA HIS A 64 7.46 -6.55 0.37
C HIS A 64 6.04 -7.09 0.19
N PRO A 65 5.79 -8.27 0.76
CA PRO A 65 4.48 -8.92 0.68
C PRO A 65 3.42 -8.19 1.50
N ALA A 66 2.26 -7.96 0.89
CA ALA A 66 1.16 -7.28 1.57
C ALA A 66 0.82 -7.96 2.88
N GLU A 67 0.97 -9.28 2.93
CA GLU A 67 0.67 -10.05 4.13
C GLU A 67 1.55 -9.59 5.29
N ARG A 68 2.65 -8.91 4.97
CA ARG A 68 3.56 -8.43 5.98
C ARG A 68 2.92 -7.32 6.82
N LEU A 69 1.79 -6.81 6.35
CA LEU A 69 1.08 -5.75 7.04
C LEU A 69 -0.41 -5.77 6.70
N ILE A 70 -0.90 -6.93 6.29
CA ILE A 70 -2.30 -7.09 5.93
C ILE A 70 -3.21 -6.61 7.05
N GLY A 71 -4.30 -5.94 6.69
CA GLY A 71 -5.24 -5.44 7.68
C GLY A 71 -4.90 -4.03 8.14
N LYS A 72 -3.68 -3.60 7.88
CA LYS A 72 -3.24 -2.27 8.27
C LYS A 72 -3.68 -1.23 7.25
N LYS A 73 -3.22 0.01 7.43
CA LYS A 73 -3.57 1.09 6.52
C LYS A 73 -2.31 1.78 6.00
N LEU A 74 -2.38 2.26 4.76
CA LEU A 74 -1.25 2.95 4.14
C LEU A 74 -1.72 4.18 3.37
N LYS A 75 -0.79 5.07 3.06
CA LYS A 75 -1.09 6.28 2.32
C LYS A 75 -0.22 6.40 1.07
N VAL A 76 -0.84 6.70 -0.06
CA VAL A 76 -0.13 6.84 -1.32
C VAL A 76 0.05 8.32 -1.68
N VAL A 77 1.30 8.75 -1.78
CA VAL A 77 1.61 10.13 -2.12
C VAL A 77 2.55 10.20 -3.32
N PRO A 78 2.22 11.07 -4.29
CA PRO A 78 3.02 11.25 -5.49
C PRO A 78 4.35 11.94 -5.21
N LEU A 79 5.35 11.66 -6.04
CA LEU A 79 6.68 12.26 -5.88
C LEU A 79 7.05 13.09 -7.10
N MET A 1 -13.86 -4.64 10.92
CA MET A 1 -12.50 -5.10 11.17
C MET A 1 -12.04 -6.03 10.04
N ALA A 2 -11.53 -5.44 8.96
CA ALA A 2 -11.04 -6.20 7.83
C ALA A 2 -9.76 -6.95 8.17
N ASP A 3 -9.87 -8.26 8.33
CA ASP A 3 -8.73 -9.10 8.65
C ASP A 3 -7.71 -9.09 7.52
N ARG A 4 -8.02 -9.80 6.45
CA ARG A 4 -7.12 -9.87 5.29
C ARG A 4 -7.25 -8.62 4.43
N THR A 5 -6.65 -8.67 3.24
CA THR A 5 -6.68 -7.54 2.32
C THR A 5 -6.03 -6.31 2.94
N ILE A 6 -5.70 -5.34 2.09
CA ILE A 6 -5.07 -4.11 2.55
C ILE A 6 -5.77 -2.88 1.98
N GLU A 7 -5.73 -1.78 2.73
CA GLU A 7 -6.36 -0.54 2.30
C GLU A 7 -5.34 0.58 2.18
N VAL A 8 -5.42 1.34 1.09
CA VAL A 8 -4.50 2.44 0.86
C VAL A 8 -5.26 3.74 0.56
N GLU A 9 -4.84 4.82 1.20
CA GLU A 9 -5.47 6.12 1.01
C GLU A 9 -4.87 6.86 -0.19
N LEU A 10 -5.65 7.00 -1.25
CA LEU A 10 -5.19 7.69 -2.45
C LEU A 10 -5.41 9.19 -2.34
N PRO A 11 -4.78 9.95 -3.25
CA PRO A 11 -4.90 11.41 -3.27
C PRO A 11 -6.29 11.88 -3.72
N ASN A 12 -6.67 13.08 -3.31
CA ASN A 12 -7.97 13.63 -3.66
C ASN A 12 -9.04 13.15 -2.69
N LYS A 13 -8.65 12.92 -1.45
CA LYS A 13 -9.58 12.46 -0.42
C LYS A 13 -10.28 11.17 -0.86
N GLN A 14 -9.53 10.28 -1.50
CA GLN A 14 -10.07 9.01 -1.97
C GLN A 14 -9.28 7.84 -1.40
N ARG A 15 -9.92 6.67 -1.36
CA ARG A 15 -9.28 5.47 -0.83
C ARG A 15 -9.60 4.26 -1.70
N THR A 16 -8.75 3.24 -1.62
CA THR A 16 -8.94 2.03 -2.41
C THR A 16 -8.48 0.80 -1.64
N VAL A 17 -9.37 -0.19 -1.53
CA VAL A 17 -9.07 -1.42 -0.82
C VAL A 17 -8.91 -2.59 -1.79
N ILE A 18 -7.75 -3.25 -1.73
CA ILE A 18 -7.48 -4.38 -2.60
C ILE A 18 -7.14 -5.63 -1.79
N ASN A 19 -7.14 -6.78 -2.45
CA ASN A 19 -6.83 -8.04 -1.78
C ASN A 19 -5.63 -8.72 -2.43
N VAL A 20 -4.82 -9.39 -1.61
CA VAL A 20 -3.64 -10.08 -2.10
C VAL A 20 -3.26 -11.24 -1.19
N ARG A 21 -2.88 -12.36 -1.80
CA ARG A 21 -2.49 -13.56 -1.05
C ARG A 21 -1.05 -13.45 -0.56
N PRO A 22 -0.73 -14.16 0.53
CA PRO A 22 0.61 -14.17 1.11
C PRO A 22 1.62 -14.89 0.23
N GLY A 23 2.37 -14.12 -0.55
CA GLY A 23 3.37 -14.71 -1.43
C GLY A 23 3.98 -13.69 -2.38
N LEU A 24 3.13 -12.88 -3.00
CA LEU A 24 3.60 -11.86 -3.94
C LEU A 24 3.92 -10.57 -3.20
N THR A 25 4.70 -9.71 -3.85
CA THR A 25 5.08 -8.43 -3.27
C THR A 25 4.01 -7.38 -3.49
N LEU A 26 4.11 -6.27 -2.77
CA LEU A 26 3.15 -5.18 -2.88
C LEU A 26 3.11 -4.63 -4.30
N LYS A 27 4.26 -4.69 -4.98
CA LYS A 27 4.35 -4.20 -6.35
C LYS A 27 3.49 -5.05 -7.30
N GLU A 28 3.56 -6.37 -7.14
CA GLU A 28 2.78 -7.28 -7.97
C GLU A 28 1.32 -7.28 -7.54
N ALA A 29 1.07 -6.95 -6.29
CA ALA A 29 -0.28 -6.92 -5.76
C ALA A 29 -1.00 -5.62 -6.13
N LEU A 30 -0.22 -4.55 -6.24
CA LEU A 30 -0.76 -3.24 -6.59
C LEU A 30 -0.53 -2.93 -8.06
N LYS A 31 0.19 -3.81 -8.75
CA LYS A 31 0.48 -3.64 -10.17
C LYS A 31 -0.80 -3.35 -10.95
N LYS A 32 -1.79 -4.23 -10.82
CA LYS A 32 -3.06 -4.08 -11.51
C LYS A 32 -3.80 -2.85 -11.00
N ALA A 33 -3.66 -2.57 -9.71
CA ALA A 33 -4.32 -1.42 -9.10
C ALA A 33 -3.81 -0.12 -9.69
N LEU A 34 -2.49 -0.02 -9.86
CA LEU A 34 -1.87 1.17 -10.42
C LEU A 34 -1.94 1.17 -11.95
N LYS A 35 -2.03 -0.03 -12.52
CA LYS A 35 -2.10 -0.17 -13.97
C LYS A 35 -3.37 0.49 -14.51
N VAL A 36 -4.34 0.70 -13.64
CA VAL A 36 -5.60 1.32 -14.03
C VAL A 36 -5.39 2.78 -14.42
N ARG A 37 -4.41 3.42 -13.78
CA ARG A 37 -4.10 4.81 -14.05
C ARG A 37 -2.83 4.94 -14.87
N GLY A 38 -2.05 3.87 -14.93
CA GLY A 38 -0.81 3.87 -15.68
C GLY A 38 0.28 4.68 -14.99
N ILE A 39 0.15 4.84 -13.68
CA ILE A 39 1.13 5.60 -12.90
C ILE A 39 2.46 4.87 -12.85
N ASP A 40 3.55 5.63 -12.78
CA ASP A 40 4.88 5.06 -12.72
C ASP A 40 5.17 4.52 -11.32
N PRO A 41 5.93 3.41 -11.25
CA PRO A 41 6.30 2.77 -9.99
C PRO A 41 7.28 3.61 -9.19
N ASN A 42 8.08 4.41 -9.88
CA ASN A 42 9.07 5.26 -9.23
C ASN A 42 8.56 6.70 -9.13
N LYS A 43 7.27 6.89 -9.39
CA LYS A 43 6.67 8.21 -9.32
C LYS A 43 5.63 8.28 -8.21
N VAL A 44 5.72 7.34 -7.26
CA VAL A 44 4.80 7.30 -6.14
C VAL A 44 5.50 6.81 -4.87
N GLN A 45 4.92 7.15 -3.72
CA GLN A 45 5.49 6.75 -2.44
C GLN A 45 4.41 6.17 -1.52
N VAL A 46 4.73 5.06 -0.86
CA VAL A 46 3.79 4.41 0.04
C VAL A 46 4.32 4.41 1.47
N TYR A 47 3.43 4.70 2.42
CA TYR A 47 3.82 4.73 3.83
C TYR A 47 2.83 3.93 4.68
N LEU A 48 3.29 3.50 5.85
CA LEU A 48 2.45 2.72 6.75
C LEU A 48 2.11 3.51 8.00
N LEU A 49 0.91 3.32 8.52
CA LEU A 49 0.46 4.02 9.72
C LEU A 49 0.56 3.13 10.95
N LEU A 50 1.24 3.63 11.98
CA LEU A 50 1.41 2.88 13.21
C LEU A 50 1.28 3.78 14.43
N SER A 51 1.46 3.21 15.62
CA SER A 51 1.36 3.96 16.86
C SER A 51 2.18 3.31 17.96
N GLY A 52 3.05 4.10 18.60
CA GLY A 52 3.88 3.59 19.66
C GLY A 52 4.78 2.45 19.20
N ASP A 53 5.43 2.64 18.05
CA ASP A 53 6.32 1.63 17.50
C ASP A 53 7.40 2.27 16.62
N ASP A 54 7.01 2.71 15.44
CA ASP A 54 7.94 3.34 14.51
C ASP A 54 7.65 4.82 14.38
N GLY A 55 6.87 5.36 15.32
CA GLY A 55 6.53 6.77 15.29
C GLY A 55 5.47 7.09 14.26
N ALA A 56 4.81 6.06 13.75
CA ALA A 56 3.77 6.24 12.75
C ALA A 56 4.34 6.79 11.46
N GLU A 57 3.67 6.50 10.34
CA GLU A 57 4.12 6.96 9.03
C GLU A 57 5.56 6.55 8.78
N GLN A 58 5.74 5.40 8.15
CA GLN A 58 7.08 4.89 7.85
C GLN A 58 7.17 4.45 6.39
N PRO A 59 8.40 4.42 5.87
CA PRO A 59 8.66 4.02 4.47
C PRO A 59 8.43 2.53 4.25
N LEU A 60 8.16 2.16 3.01
CA LEU A 60 7.91 0.76 2.66
C LEU A 60 8.51 0.42 1.30
N SER A 61 9.16 -0.73 1.22
CA SER A 61 9.79 -1.18 -0.03
C SER A 61 8.75 -1.77 -0.97
N LEU A 62 8.94 -1.55 -2.26
CA LEU A 62 8.03 -2.07 -3.27
C LEU A 62 8.18 -3.59 -3.42
N ASN A 63 9.28 -4.11 -2.89
CA ASN A 63 9.55 -5.55 -2.96
C ASN A 63 9.15 -6.25 -1.66
N HIS A 64 8.24 -5.62 -0.91
CA HIS A 64 7.76 -6.18 0.34
C HIS A 64 6.36 -6.77 0.18
N PRO A 65 6.18 -7.99 0.71
CA PRO A 65 4.89 -8.70 0.63
C PRO A 65 3.82 -8.04 1.51
N ALA A 66 2.64 -7.84 0.94
CA ALA A 66 1.54 -7.23 1.68
C ALA A 66 1.25 -7.99 2.97
N GLU A 67 1.46 -9.30 2.94
CA GLU A 67 1.21 -10.14 4.10
C GLU A 67 2.13 -9.75 5.25
N ARG A 68 3.17 -8.99 4.95
CA ARG A 68 4.12 -8.54 5.95
C ARG A 68 3.47 -7.55 6.92
N LEU A 69 2.44 -6.87 6.45
CA LEU A 69 1.73 -5.89 7.27
C LEU A 69 0.27 -5.77 6.83
N ILE A 70 -0.31 -6.89 6.40
CA ILE A 70 -1.69 -6.90 5.95
C ILE A 70 -2.65 -6.65 7.12
N GLY A 71 -3.74 -5.96 6.84
CA GLY A 71 -4.72 -5.67 7.87
C GLY A 71 -4.56 -4.26 8.44
N LYS A 72 -3.40 -3.66 8.19
CA LYS A 72 -3.13 -2.31 8.69
C LYS A 72 -3.61 -1.26 7.70
N LYS A 73 -3.22 -0.01 7.93
CA LYS A 73 -3.60 1.09 7.06
C LYS A 73 -2.39 1.65 6.32
N LEU A 74 -2.52 1.82 5.01
CA LEU A 74 -1.45 2.35 4.19
C LEU A 74 -1.87 3.64 3.49
N LYS A 75 -0.89 4.40 3.01
CA LYS A 75 -1.17 5.65 2.31
C LYS A 75 -0.29 5.77 1.06
N VAL A 76 -0.91 6.21 -0.03
CA VAL A 76 -0.20 6.37 -1.29
C VAL A 76 -0.26 7.81 -1.77
N VAL A 77 0.91 8.43 -1.93
CA VAL A 77 0.99 9.81 -2.39
C VAL A 77 1.97 9.95 -3.55
N PRO A 78 1.54 10.68 -4.60
CA PRO A 78 2.37 10.90 -5.79
C PRO A 78 3.54 11.83 -5.51
N LEU A 79 4.57 11.74 -6.34
CA LEU A 79 5.76 12.58 -6.19
C LEU A 79 5.55 13.94 -6.84
N MET A 1 -11.64 -13.87 11.63
CA MET A 1 -11.54 -12.71 10.75
C MET A 1 -11.54 -13.13 9.28
N ALA A 2 -10.45 -13.75 8.84
CA ALA A 2 -10.33 -14.20 7.47
C ALA A 2 -10.45 -13.02 6.49
N ASP A 3 -9.45 -12.16 6.50
CA ASP A 3 -9.44 -11.00 5.62
C ASP A 3 -8.39 -11.15 4.52
N ARG A 4 -7.12 -11.06 4.89
CA ARG A 4 -6.03 -11.20 3.95
C ARG A 4 -6.07 -10.08 2.90
N THR A 5 -6.45 -8.88 3.35
CA THR A 5 -6.53 -7.73 2.46
C THR A 5 -6.04 -6.46 3.15
N ILE A 6 -5.82 -5.41 2.36
CA ILE A 6 -5.35 -4.14 2.90
C ILE A 6 -5.98 -2.97 2.16
N GLU A 7 -6.14 -1.84 2.85
CA GLU A 7 -6.72 -0.65 2.27
C GLU A 7 -5.65 0.39 1.94
N VAL A 8 -5.77 1.01 0.78
CA VAL A 8 -4.81 2.04 0.36
C VAL A 8 -5.52 3.33 0.00
N GLU A 9 -4.93 4.45 0.43
CA GLU A 9 -5.51 5.77 0.15
C GLU A 9 -4.98 6.31 -1.18
N LEU A 10 -5.88 6.38 -2.16
CA LEU A 10 -5.51 6.89 -3.48
C LEU A 10 -5.54 8.41 -3.52
N PRO A 11 -4.90 9.00 -4.53
CA PRO A 11 -4.84 10.46 -4.70
C PRO A 11 -6.18 11.05 -5.09
N ASN A 12 -6.38 12.33 -4.78
CA ASN A 12 -7.62 13.01 -5.10
C ASN A 12 -8.63 12.86 -3.96
N LYS A 13 -8.12 12.63 -2.75
CA LYS A 13 -8.98 12.46 -1.58
C LYS A 13 -9.89 11.25 -1.74
N GLN A 14 -9.38 10.22 -2.37
CA GLN A 14 -10.15 8.99 -2.59
C GLN A 14 -9.42 7.77 -2.03
N ARG A 15 -10.18 6.89 -1.39
CA ARG A 15 -9.60 5.68 -0.80
C ARG A 15 -10.22 4.43 -1.42
N THR A 16 -9.41 3.38 -1.56
CA THR A 16 -9.88 2.14 -2.14
C THR A 16 -9.20 0.94 -1.49
N VAL A 17 -9.97 -0.12 -1.25
CA VAL A 17 -9.44 -1.33 -0.62
C VAL A 17 -9.17 -2.41 -1.66
N ILE A 18 -8.15 -3.22 -1.40
CA ILE A 18 -7.79 -4.30 -2.31
C ILE A 18 -7.35 -5.55 -1.55
N ASN A 19 -7.50 -6.70 -2.18
CA ASN A 19 -7.12 -7.97 -1.56
C ASN A 19 -5.70 -8.36 -1.93
N VAL A 20 -4.99 -8.97 -0.99
CA VAL A 20 -3.62 -9.40 -1.21
C VAL A 20 -3.38 -10.81 -0.68
N ARG A 21 -2.18 -11.34 -0.94
CA ARG A 21 -1.84 -12.67 -0.48
C ARG A 21 -0.35 -12.76 -0.14
N PRO A 22 0.03 -13.78 0.65
CA PRO A 22 1.42 -14.00 1.06
C PRO A 22 2.30 -14.45 -0.10
N GLY A 23 3.07 -13.51 -0.64
CA GLY A 23 3.95 -13.83 -1.75
C GLY A 23 4.18 -12.66 -2.67
N LEU A 24 3.13 -11.87 -2.88
CA LEU A 24 3.20 -10.70 -3.75
C LEU A 24 3.66 -9.47 -2.97
N THR A 25 4.41 -8.59 -3.65
CA THR A 25 4.91 -7.38 -3.02
C THR A 25 3.85 -6.28 -3.04
N LEU A 26 4.09 -5.23 -2.25
CA LEU A 26 3.16 -4.11 -2.18
C LEU A 26 2.91 -3.51 -3.57
N LYS A 27 3.94 -3.53 -4.40
CA LYS A 27 3.84 -2.99 -5.75
C LYS A 27 2.88 -3.83 -6.59
N GLU A 28 2.94 -5.14 -6.42
CA GLU A 28 2.07 -6.05 -7.16
C GLU A 28 0.62 -5.95 -6.68
N ALA A 29 0.46 -5.51 -5.43
CA ALA A 29 -0.87 -5.36 -4.84
C ALA A 29 -1.53 -4.07 -5.29
N LEU A 30 -0.72 -3.05 -5.54
CA LEU A 30 -1.24 -1.76 -5.97
C LEU A 30 -1.07 -1.58 -7.48
N LYS A 31 -0.42 -2.56 -8.11
CA LYS A 31 -0.19 -2.52 -9.55
C LYS A 31 -1.49 -2.22 -10.31
N LYS A 32 -2.53 -3.00 -10.01
CA LYS A 32 -3.82 -2.82 -10.66
C LYS A 32 -4.44 -1.48 -10.26
N ALA A 33 -4.20 -1.08 -9.02
CA ALA A 33 -4.74 0.19 -8.52
C ALA A 33 -4.15 1.37 -9.27
N LEU A 34 -2.83 1.33 -9.49
CA LEU A 34 -2.14 2.40 -10.19
C LEU A 34 -2.28 2.25 -11.70
N LYS A 35 -2.50 1.02 -12.15
CA LYS A 35 -2.66 0.74 -13.57
C LYS A 35 -3.78 1.58 -14.16
N VAL A 36 -4.83 1.80 -13.39
CA VAL A 36 -5.96 2.60 -13.85
C VAL A 36 -5.59 4.08 -13.94
N ARG A 37 -4.50 4.45 -13.28
CA ARG A 37 -4.04 5.83 -13.29
C ARG A 37 -2.80 5.98 -14.17
N GLY A 38 -2.19 4.86 -14.51
CA GLY A 38 -0.99 4.88 -15.34
C GLY A 38 0.24 5.32 -14.57
N ILE A 39 0.21 5.13 -13.26
CA ILE A 39 1.33 5.52 -12.41
C ILE A 39 2.43 4.46 -12.44
N ASP A 40 3.68 4.91 -12.47
CA ASP A 40 4.82 4.00 -12.49
C ASP A 40 5.23 3.60 -11.08
N PRO A 41 5.69 2.35 -10.92
CA PRO A 41 6.12 1.82 -9.63
C PRO A 41 7.42 2.46 -9.15
N ASN A 42 8.17 3.04 -10.08
CA ASN A 42 9.44 3.68 -9.76
C ASN A 42 9.30 5.20 -9.79
N LYS A 43 8.05 5.68 -9.80
CA LYS A 43 7.79 7.12 -9.83
C LYS A 43 6.83 7.50 -8.70
N VAL A 44 6.62 6.58 -7.77
CA VAL A 44 5.73 6.84 -6.64
C VAL A 44 6.24 6.14 -5.38
N GLN A 45 5.61 6.45 -4.24
CA GLN A 45 6.01 5.86 -2.96
C GLN A 45 4.78 5.59 -2.09
N VAL A 46 4.89 4.58 -1.23
CA VAL A 46 3.79 4.22 -0.34
C VAL A 46 4.22 4.32 1.12
N TYR A 47 3.33 4.86 1.95
CA TYR A 47 3.61 5.02 3.37
C TYR A 47 2.78 4.05 4.19
N LEU A 48 3.33 3.63 5.34
CA LEU A 48 2.64 2.70 6.23
C LEU A 48 2.51 3.28 7.63
N LEU A 49 1.28 3.30 8.15
CA LEU A 49 1.04 3.83 9.48
C LEU A 49 0.90 2.70 10.50
N LEU A 50 1.51 2.87 11.66
CA LEU A 50 1.45 1.86 12.71
C LEU A 50 0.75 2.41 13.96
N SER A 51 1.40 3.36 14.63
CA SER A 51 0.85 3.95 15.83
C SER A 51 1.77 5.04 16.37
N GLY A 52 1.47 5.52 17.58
CA GLY A 52 2.27 6.57 18.18
C GLY A 52 3.57 6.02 18.77
N ASP A 53 4.38 5.41 17.91
CA ASP A 53 5.65 4.84 18.35
C ASP A 53 6.77 5.20 17.37
N ASP A 54 6.69 4.66 16.16
CA ASP A 54 7.69 4.92 15.13
C ASP A 54 7.50 6.31 14.54
N GLY A 55 6.41 6.98 14.91
CA GLY A 55 6.13 8.30 14.40
C GLY A 55 5.10 8.29 13.30
N ALA A 56 4.61 7.11 12.96
CA ALA A 56 3.61 6.97 11.90
C ALA A 56 4.18 7.40 10.55
N GLU A 57 3.54 6.94 9.48
CA GLU A 57 3.99 7.28 8.13
C GLU A 57 5.46 6.91 7.93
N GLN A 58 5.68 5.70 7.42
CA GLN A 58 7.03 5.21 7.18
C GLN A 58 7.17 4.67 5.76
N PRO A 59 8.41 4.66 5.25
CA PRO A 59 8.71 4.17 3.89
C PRO A 59 8.55 2.66 3.78
N LEU A 60 8.33 2.18 2.56
CA LEU A 60 8.15 0.75 2.32
C LEU A 60 8.98 0.30 1.11
N SER A 61 9.64 -0.84 1.25
CA SER A 61 10.47 -1.37 0.18
C SER A 61 9.61 -2.10 -0.85
N LEU A 62 10.08 -2.14 -2.09
CA LEU A 62 9.36 -2.80 -3.18
C LEU A 62 9.29 -4.31 -2.93
N ASN A 63 10.10 -4.79 -2.01
CA ASN A 63 10.13 -6.21 -1.68
C ASN A 63 9.35 -6.49 -0.39
N HIS A 64 8.43 -5.60 -0.07
CA HIS A 64 7.61 -5.74 1.13
C HIS A 64 6.19 -6.17 0.77
N PRO A 65 5.89 -7.45 1.01
CA PRO A 65 4.58 -8.02 0.72
C PRO A 65 3.49 -7.50 1.67
N ALA A 66 2.37 -7.07 1.09
CA ALA A 66 1.27 -6.55 1.88
C ALA A 66 0.85 -7.53 2.98
N GLU A 67 0.98 -8.82 2.68
CA GLU A 67 0.63 -9.86 3.64
C GLU A 67 1.41 -9.69 4.94
N ARG A 68 2.55 -9.02 4.85
CA ARG A 68 3.40 -8.79 6.02
C ARG A 68 2.76 -7.79 6.97
N LEU A 69 1.69 -7.15 6.51
CA LEU A 69 0.98 -6.16 7.32
C LEU A 69 -0.53 -6.25 7.09
N ILE A 70 -1.08 -7.45 7.27
CA ILE A 70 -2.51 -7.66 7.08
C ILE A 70 -3.32 -6.91 8.13
N GLY A 71 -4.41 -6.27 7.68
CA GLY A 71 -5.25 -5.53 8.60
C GLY A 71 -4.84 -4.07 8.71
N LYS A 72 -3.61 -3.77 8.28
CA LYS A 72 -3.11 -2.41 8.34
C LYS A 72 -3.55 -1.61 7.12
N LYS A 73 -3.11 -0.36 7.05
CA LYS A 73 -3.47 0.51 5.93
C LYS A 73 -2.22 1.19 5.36
N LEU A 74 -2.33 1.66 4.12
CA LEU A 74 -1.22 2.34 3.45
C LEU A 74 -1.71 3.57 2.69
N LYS A 75 -0.78 4.45 2.34
CA LYS A 75 -1.11 5.67 1.60
C LYS A 75 -0.27 5.77 0.34
N VAL A 76 -0.91 6.21 -0.75
CA VAL A 76 -0.21 6.36 -2.03
C VAL A 76 0.11 7.82 -2.30
N VAL A 77 1.40 8.13 -2.40
CA VAL A 77 1.83 9.49 -2.67
C VAL A 77 2.85 9.53 -3.80
N PRO A 78 2.64 10.47 -4.75
CA PRO A 78 3.51 10.63 -5.91
C PRO A 78 4.89 11.19 -5.52
N LEU A 79 5.90 10.86 -6.32
CA LEU A 79 7.26 11.33 -6.06
C LEU A 79 7.79 12.14 -7.24
N MET A 1 -17.34 -11.83 3.28
CA MET A 1 -16.08 -12.37 3.75
C MET A 1 -14.90 -11.67 3.06
N ALA A 2 -14.33 -10.68 3.74
CA ALA A 2 -13.20 -9.93 3.20
C ALA A 2 -12.50 -9.13 4.29
N ASP A 3 -11.48 -9.73 4.90
CA ASP A 3 -10.74 -9.07 5.95
C ASP A 3 -9.24 -9.06 5.64
N ARG A 4 -8.76 -10.17 5.07
CA ARG A 4 -7.35 -10.29 4.73
C ARG A 4 -7.02 -9.48 3.48
N THR A 5 -6.99 -8.15 3.64
CA THR A 5 -6.69 -7.26 2.51
C THR A 5 -5.80 -6.10 2.97
N ILE A 6 -5.31 -5.34 2.00
CA ILE A 6 -4.44 -4.20 2.29
C ILE A 6 -5.13 -2.89 1.95
N GLU A 7 -5.19 -1.98 2.92
CA GLU A 7 -5.82 -0.68 2.71
C GLU A 7 -4.78 0.37 2.34
N VAL A 8 -5.05 1.08 1.24
CA VAL A 8 -4.15 2.12 0.78
C VAL A 8 -4.91 3.37 0.36
N GLU A 9 -4.59 4.49 0.99
CA GLU A 9 -5.24 5.76 0.69
C GLU A 9 -4.54 6.49 -0.44
N LEU A 10 -5.28 6.83 -1.49
CA LEU A 10 -4.73 7.54 -2.64
C LEU A 10 -4.94 9.04 -2.51
N PRO A 11 -4.25 9.81 -3.37
CA PRO A 11 -4.34 11.27 -3.38
C PRO A 11 -5.70 11.76 -3.88
N ASN A 12 -6.07 12.97 -3.47
CA ASN A 12 -7.35 13.55 -3.87
C ASN A 12 -8.45 13.19 -2.89
N LYS A 13 -8.07 13.00 -1.62
CA LYS A 13 -9.02 12.65 -0.57
C LYS A 13 -9.78 11.37 -0.94
N GLN A 14 -9.07 10.42 -1.53
CA GLN A 14 -9.67 9.15 -1.92
C GLN A 14 -8.90 7.98 -1.32
N ARG A 15 -9.62 6.88 -1.07
CA ARG A 15 -9.01 5.69 -0.50
C ARG A 15 -9.52 4.44 -1.19
N THR A 16 -8.64 3.45 -1.34
CA THR A 16 -8.99 2.19 -1.98
C THR A 16 -8.28 1.02 -1.34
N VAL A 17 -8.94 -0.14 -1.34
CA VAL A 17 -8.37 -1.34 -0.74
C VAL A 17 -8.20 -2.45 -1.79
N ILE A 18 -7.09 -3.18 -1.70
CA ILE A 18 -6.83 -4.26 -2.64
C ILE A 18 -6.71 -5.59 -1.91
N ASN A 19 -6.84 -6.68 -2.66
CA ASN A 19 -6.75 -8.03 -2.09
C ASN A 19 -5.60 -8.81 -2.71
N VAL A 20 -4.94 -9.62 -1.89
CA VAL A 20 -3.81 -10.42 -2.36
C VAL A 20 -3.52 -11.57 -1.40
N ARG A 21 -2.88 -12.62 -1.91
CA ARG A 21 -2.55 -13.78 -1.10
C ARG A 21 -1.10 -13.69 -0.61
N PRO A 22 -0.80 -14.41 0.49
CA PRO A 22 0.53 -14.44 1.09
C PRO A 22 1.54 -15.18 0.21
N GLY A 23 2.37 -14.42 -0.49
CA GLY A 23 3.37 -15.02 -1.36
C GLY A 23 4.08 -14.01 -2.22
N LEU A 24 3.30 -13.21 -2.95
CA LEU A 24 3.86 -12.19 -3.83
C LEU A 24 4.10 -10.89 -3.07
N THR A 25 4.91 -10.01 -3.65
CA THR A 25 5.22 -8.74 -3.03
C THR A 25 4.14 -7.70 -3.34
N LEU A 26 4.15 -6.60 -2.60
CA LEU A 26 3.17 -5.54 -2.79
C LEU A 26 3.20 -5.01 -4.23
N LYS A 27 4.38 -5.07 -4.84
CA LYS A 27 4.55 -4.60 -6.22
C LYS A 27 3.61 -5.35 -7.15
N GLU A 28 3.55 -6.67 -7.00
CA GLU A 28 2.70 -7.51 -7.84
C GLU A 28 1.23 -7.39 -7.42
N ALA A 29 1.02 -7.04 -6.14
CA ALA A 29 -0.33 -6.89 -5.62
C ALA A 29 -0.91 -5.52 -5.97
N LEU A 30 -0.03 -4.58 -6.29
CA LEU A 30 -0.44 -3.22 -6.64
C LEU A 30 -0.15 -2.93 -8.11
N LYS A 31 0.51 -3.87 -8.78
CA LYS A 31 0.84 -3.72 -10.20
C LYS A 31 -0.38 -3.32 -11.00
N LYS A 32 -1.36 -4.22 -11.06
CA LYS A 32 -2.59 -3.97 -11.80
C LYS A 32 -3.37 -2.83 -11.18
N ALA A 33 -3.40 -2.79 -9.85
CA ALA A 33 -4.11 -1.74 -9.13
C ALA A 33 -3.62 -0.36 -9.53
N LEU A 34 -2.33 -0.26 -9.84
CA LEU A 34 -1.73 1.01 -10.24
C LEU A 34 -1.99 1.28 -11.71
N LYS A 35 -1.77 0.27 -12.55
CA LYS A 35 -1.98 0.40 -13.99
C LYS A 35 -3.39 0.90 -14.28
N VAL A 36 -4.37 0.35 -13.56
CA VAL A 36 -5.77 0.74 -13.74
C VAL A 36 -6.02 2.16 -13.24
N ARG A 37 -5.10 2.65 -12.41
CA ARG A 37 -5.23 3.99 -11.84
C ARG A 37 -4.36 4.98 -12.62
N GLY A 38 -3.48 4.46 -13.46
CA GLY A 38 -2.61 5.31 -14.24
C GLY A 38 -1.47 5.89 -13.42
N ILE A 39 -1.15 5.23 -12.32
CA ILE A 39 -0.07 5.68 -11.45
C ILE A 39 1.20 4.86 -11.67
N ASP A 40 2.35 5.53 -11.62
CA ASP A 40 3.63 4.86 -11.81
C ASP A 40 4.27 4.52 -10.47
N PRO A 41 4.99 3.39 -10.43
CA PRO A 41 5.66 2.92 -9.22
C PRO A 41 6.85 3.80 -8.85
N ASN A 42 7.52 4.34 -9.85
CA ASN A 42 8.68 5.20 -9.64
C ASN A 42 8.26 6.67 -9.56
N LYS A 43 6.96 6.90 -9.42
CA LYS A 43 6.43 8.26 -9.33
C LYS A 43 5.65 8.46 -8.05
N VAL A 44 5.54 7.39 -7.25
CA VAL A 44 4.82 7.44 -5.99
C VAL A 44 5.49 6.57 -4.93
N GLN A 45 5.20 6.87 -3.66
CA GLN A 45 5.77 6.11 -2.56
C GLN A 45 4.69 5.72 -1.56
N VAL A 46 4.83 4.53 -0.99
CA VAL A 46 3.87 4.04 0.00
C VAL A 46 4.49 3.97 1.39
N TYR A 47 3.85 4.63 2.35
CA TYR A 47 4.33 4.65 3.73
C TYR A 47 3.28 4.11 4.69
N LEU A 48 3.73 3.65 5.85
CA LEU A 48 2.82 3.10 6.85
C LEU A 48 2.80 3.98 8.10
N LEU A 49 1.61 4.42 8.48
CA LEU A 49 1.44 5.26 9.66
C LEU A 49 0.96 4.45 10.85
N LEU A 50 1.55 4.72 12.02
CA LEU A 50 1.19 4.01 13.24
C LEU A 50 0.76 4.98 14.33
N SER A 51 1.73 5.67 14.92
CA SER A 51 1.46 6.64 15.98
C SER A 51 2.74 7.27 16.49
N GLY A 52 3.50 6.51 17.27
CA GLY A 52 4.75 7.01 17.81
C GLY A 52 5.75 5.90 18.11
N ASP A 53 5.52 4.73 17.51
CA ASP A 53 6.40 3.59 17.71
C ASP A 53 7.35 3.41 16.53
N ASP A 54 6.80 3.48 15.32
CA ASP A 54 7.60 3.33 14.11
C ASP A 54 8.07 4.69 13.60
N GLY A 55 7.98 5.70 14.45
CA GLY A 55 8.41 7.03 14.07
C GLY A 55 7.28 7.84 13.44
N ALA A 56 6.11 7.23 13.33
CA ALA A 56 4.95 7.90 12.76
C ALA A 56 5.18 8.22 11.28
N GLU A 57 4.49 7.49 10.41
CA GLU A 57 4.63 7.70 8.97
C GLU A 57 6.06 7.43 8.51
N GLN A 58 6.32 6.20 8.10
CA GLN A 58 7.66 5.82 7.64
C GLN A 58 7.58 5.10 6.30
N PRO A 59 8.69 5.13 5.55
CA PRO A 59 8.78 4.48 4.24
C PRO A 59 8.78 2.96 4.34
N LEU A 60 8.52 2.30 3.22
CA LEU A 60 8.48 0.84 3.19
C LEU A 60 9.08 0.31 1.89
N SER A 61 9.53 -0.94 1.91
CA SER A 61 10.12 -1.57 0.74
C SER A 61 9.04 -2.05 -0.23
N LEU A 62 9.26 -1.78 -1.51
CA LEU A 62 8.30 -2.19 -2.54
C LEU A 62 8.35 -3.69 -2.77
N ASN A 63 9.41 -4.32 -2.26
CA ASN A 63 9.59 -5.76 -2.41
C ASN A 63 9.08 -6.50 -1.19
N HIS A 64 8.18 -5.87 -0.44
CA HIS A 64 7.62 -6.47 0.76
C HIS A 64 6.24 -7.05 0.48
N PRO A 65 5.99 -8.25 1.02
CA PRO A 65 4.70 -8.94 0.84
C PRO A 65 3.56 -8.26 1.59
N ALA A 66 2.44 -8.07 0.90
CA ALA A 66 1.28 -7.43 1.52
C ALA A 66 0.88 -8.12 2.81
N GLU A 67 1.12 -9.43 2.86
CA GLU A 67 0.78 -10.21 4.05
C GLU A 67 1.51 -9.68 5.28
N ARG A 68 2.58 -8.93 5.04
CA ARG A 68 3.36 -8.36 6.13
C ARG A 68 2.79 -7.03 6.59
N LEU A 69 1.72 -6.59 5.91
CA LEU A 69 1.07 -5.33 6.26
C LEU A 69 -0.43 -5.54 6.47
N ILE A 70 -0.80 -6.74 6.87
CA ILE A 70 -2.21 -7.06 7.12
C ILE A 70 -2.71 -6.38 8.39
N GLY A 71 -3.88 -5.76 8.28
CA GLY A 71 -4.45 -5.07 9.42
C GLY A 71 -3.91 -3.67 9.59
N LYS A 72 -2.93 -3.30 8.76
CA LYS A 72 -2.32 -1.99 8.83
C LYS A 72 -2.79 -1.12 7.67
N LYS A 73 -2.79 0.19 7.88
CA LYS A 73 -3.21 1.14 6.85
C LYS A 73 -2.00 1.88 6.27
N LEU A 74 -1.95 1.95 4.94
CA LEU A 74 -0.86 2.63 4.26
C LEU A 74 -1.38 3.77 3.39
N LYS A 75 -0.48 4.67 3.01
CA LYS A 75 -0.85 5.81 2.17
C LYS A 75 0.14 6.00 1.04
N VAL A 76 -0.37 6.32 -0.15
CA VAL A 76 0.47 6.53 -1.32
C VAL A 76 0.50 8.00 -1.73
N VAL A 77 1.70 8.56 -1.81
CA VAL A 77 1.86 9.96 -2.19
C VAL A 77 2.88 10.11 -3.31
N PRO A 78 2.53 10.89 -4.35
CA PRO A 78 3.40 11.15 -5.49
C PRO A 78 4.61 12.00 -5.13
N LEU A 79 5.67 11.90 -5.93
CA LEU A 79 6.88 12.67 -5.69
C LEU A 79 6.77 14.07 -6.29
N MET A 1 -16.16 -13.87 2.48
CA MET A 1 -14.99 -14.70 2.77
C MET A 1 -13.71 -13.89 2.62
N ALA A 2 -13.23 -13.31 3.72
CA ALA A 2 -12.02 -12.52 3.70
C ALA A 2 -11.67 -12.01 5.10
N ASP A 3 -10.38 -11.95 5.40
CA ASP A 3 -9.92 -11.48 6.71
C ASP A 3 -8.41 -11.27 6.70
N ARG A 4 -7.90 -10.65 5.64
CA ARG A 4 -6.47 -10.40 5.51
C ARG A 4 -6.19 -9.50 4.31
N THR A 5 -6.74 -8.30 4.32
CA THR A 5 -6.55 -7.35 3.23
C THR A 5 -5.81 -6.11 3.71
N ILE A 6 -5.47 -5.23 2.77
CA ILE A 6 -4.76 -4.00 3.09
C ILE A 6 -5.39 -2.80 2.39
N GLU A 7 -5.59 -1.72 3.15
CA GLU A 7 -6.19 -0.51 2.60
C GLU A 7 -5.11 0.53 2.29
N VAL A 8 -5.27 1.20 1.15
CA VAL A 8 -4.31 2.23 0.74
C VAL A 8 -5.02 3.51 0.35
N GLU A 9 -4.50 4.64 0.82
CA GLU A 9 -5.08 5.94 0.52
C GLU A 9 -4.52 6.51 -0.78
N LEU A 10 -5.36 6.58 -1.80
CA LEU A 10 -4.94 7.10 -3.10
C LEU A 10 -4.96 8.63 -3.11
N PRO A 11 -4.31 9.23 -4.11
CA PRO A 11 -4.24 10.68 -4.26
C PRO A 11 -5.58 11.29 -4.62
N ASN A 12 -5.73 12.59 -4.36
CA ASN A 12 -6.96 13.30 -4.65
C ASN A 12 -8.02 13.05 -3.57
N LYS A 13 -7.54 12.87 -2.33
CA LYS A 13 -8.44 12.63 -1.21
C LYS A 13 -9.35 11.43 -1.48
N GLN A 14 -8.78 10.40 -2.10
CA GLN A 14 -9.55 9.20 -2.41
C GLN A 14 -8.91 7.96 -1.79
N ARG A 15 -9.74 7.11 -1.19
CA ARG A 15 -9.26 5.89 -0.56
C ARG A 15 -9.69 4.65 -1.35
N THR A 16 -8.83 3.64 -1.34
CA THR A 16 -9.12 2.40 -2.06
C THR A 16 -8.58 1.19 -1.31
N VAL A 17 -9.44 0.20 -1.09
CA VAL A 17 -9.05 -1.01 -0.39
C VAL A 17 -8.67 -2.12 -1.36
N ILE A 18 -7.53 -2.76 -1.09
CA ILE A 18 -7.05 -3.84 -1.95
C ILE A 18 -6.89 -5.13 -1.16
N ASN A 19 -7.10 -6.26 -1.84
CA ASN A 19 -6.98 -7.56 -1.21
C ASN A 19 -5.90 -8.41 -1.89
N VAL A 20 -5.06 -9.05 -1.07
CA VAL A 20 -3.98 -9.88 -1.59
C VAL A 20 -3.61 -10.98 -0.60
N ARG A 21 -3.23 -12.14 -1.13
CA ARG A 21 -2.86 -13.27 -0.29
C ARG A 21 -1.36 -13.23 0.03
N PRO A 22 -0.98 -13.93 1.11
CA PRO A 22 0.43 -13.99 1.54
C PRO A 22 1.30 -14.79 0.58
N GLY A 23 2.06 -14.10 -0.25
CA GLY A 23 2.93 -14.76 -1.20
C GLY A 23 3.64 -13.78 -2.11
N LEU A 24 2.88 -12.97 -2.83
CA LEU A 24 3.45 -12.00 -3.74
C LEU A 24 3.74 -10.68 -3.02
N THR A 25 4.57 -9.85 -3.63
CA THR A 25 4.93 -8.56 -3.05
C THR A 25 3.88 -7.50 -3.36
N LEU A 26 3.93 -6.39 -2.64
CA LEU A 26 2.98 -5.30 -2.83
C LEU A 26 3.04 -4.77 -4.25
N LYS A 27 4.22 -4.84 -4.85
CA LYS A 27 4.41 -4.37 -6.22
C LYS A 27 3.47 -5.09 -7.18
N GLU A 28 3.38 -6.40 -7.04
CA GLU A 28 2.51 -7.20 -7.89
C GLU A 28 1.06 -7.07 -7.47
N ALA A 29 0.85 -6.75 -6.20
CA ALA A 29 -0.51 -6.59 -5.67
C ALA A 29 -1.07 -5.20 -6.00
N LEU A 30 -0.18 -4.27 -6.32
CA LEU A 30 -0.57 -2.92 -6.66
C LEU A 30 -0.25 -2.59 -8.11
N LYS A 31 0.42 -3.53 -8.78
CA LYS A 31 0.79 -3.34 -10.18
C LYS A 31 -0.42 -2.96 -11.02
N LYS A 32 -1.38 -3.86 -11.12
CA LYS A 32 -2.60 -3.61 -11.89
C LYS A 32 -3.35 -2.41 -11.33
N ALA A 33 -3.38 -2.29 -10.01
CA ALA A 33 -4.07 -1.19 -9.35
C ALA A 33 -3.47 0.15 -9.76
N LEU A 34 -2.18 0.15 -10.06
CA LEU A 34 -1.48 1.36 -10.46
C LEU A 34 -1.73 1.66 -11.94
N LYS A 35 -1.57 0.64 -12.77
CA LYS A 35 -1.78 0.79 -14.20
C LYS A 35 -3.21 1.23 -14.51
N VAL A 36 -4.17 0.53 -13.91
CA VAL A 36 -5.58 0.85 -14.12
C VAL A 36 -5.88 2.29 -13.72
N ARG A 37 -5.03 2.86 -12.88
CA ARG A 37 -5.20 4.24 -12.43
C ARG A 37 -4.23 5.18 -13.13
N GLY A 38 -3.38 4.60 -13.98
CA GLY A 38 -2.40 5.40 -14.70
C GLY A 38 -1.27 5.87 -13.82
N ILE A 39 -1.26 5.42 -12.56
CA ILE A 39 -0.22 5.80 -11.62
C ILE A 39 1.07 5.04 -11.89
N ASP A 40 2.19 5.71 -11.65
CA ASP A 40 3.50 5.10 -11.87
C ASP A 40 4.22 4.86 -10.54
N PRO A 41 4.98 3.77 -10.47
CA PRO A 41 5.74 3.41 -9.26
C PRO A 41 6.90 4.36 -9.00
N ASN A 42 7.49 4.87 -10.08
CA ASN A 42 8.62 5.79 -9.96
C ASN A 42 8.13 7.24 -9.92
N LYS A 43 6.83 7.41 -9.73
CA LYS A 43 6.25 8.75 -9.67
C LYS A 43 5.51 8.97 -8.35
N VAL A 44 5.43 7.91 -7.55
CA VAL A 44 4.75 7.98 -6.26
C VAL A 44 5.44 7.09 -5.23
N GLN A 45 5.22 7.39 -3.96
CA GLN A 45 5.82 6.62 -2.88
C GLN A 45 4.77 6.22 -1.85
N VAL A 46 4.99 5.08 -1.19
CA VAL A 46 4.06 4.58 -0.18
C VAL A 46 4.70 4.63 1.21
N TYR A 47 3.93 5.13 2.19
CA TYR A 47 4.42 5.23 3.56
C TYR A 47 3.40 4.65 4.53
N LEU A 48 3.87 3.88 5.50
CA LEU A 48 3.01 3.26 6.50
C LEU A 48 2.87 4.17 7.72
N LEU A 49 1.63 4.51 8.07
CA LEU A 49 1.36 5.36 9.22
C LEU A 49 1.23 4.53 10.49
N LEU A 50 2.21 4.67 11.38
CA LEU A 50 2.20 3.93 12.64
C LEU A 50 2.28 2.43 12.39
N SER A 51 2.99 1.73 13.27
CA SER A 51 3.15 0.29 13.16
C SER A 51 3.93 -0.27 14.36
N GLY A 52 3.74 0.36 15.51
CA GLY A 52 4.42 -0.09 16.72
C GLY A 52 5.43 0.91 17.22
N ASP A 53 6.26 1.43 16.32
CA ASP A 53 7.27 2.41 16.69
C ASP A 53 8.09 2.82 15.47
N ASP A 54 7.41 3.19 14.40
CA ASP A 54 8.08 3.60 13.17
C ASP A 54 8.07 5.12 13.03
N GLY A 55 7.41 5.79 13.95
CA GLY A 55 7.33 7.24 13.92
C GLY A 55 6.03 7.75 13.35
N ALA A 56 5.04 6.86 13.27
CA ALA A 56 3.74 7.22 12.74
C ALA A 56 3.81 7.56 11.26
N GLU A 57 4.94 7.23 10.63
CA GLU A 57 5.15 7.51 9.22
C GLU A 57 6.53 7.05 8.77
N GLN A 58 6.61 5.82 8.28
CA GLN A 58 7.86 5.25 7.81
C GLN A 58 7.71 4.63 6.43
N PRO A 59 8.69 4.88 5.55
CA PRO A 59 8.68 4.34 4.19
C PRO A 59 8.90 2.83 4.15
N LEU A 60 8.48 2.20 3.06
CA LEU A 60 8.63 0.77 2.90
C LEU A 60 8.98 0.40 1.46
N SER A 61 9.65 -0.72 1.28
CA SER A 61 10.05 -1.17 -0.05
C SER A 61 8.85 -1.67 -0.84
N LEU A 62 8.85 -1.43 -2.14
CA LEU A 62 7.76 -1.85 -3.02
C LEU A 62 7.78 -3.36 -3.22
N ASN A 63 8.93 -3.97 -2.94
CA ASN A 63 9.08 -5.42 -3.09
C ASN A 63 8.77 -6.14 -1.79
N HIS A 64 8.00 -5.49 -0.93
CA HIS A 64 7.63 -6.08 0.36
C HIS A 64 6.25 -6.73 0.29
N PRO A 65 6.13 -7.93 0.87
CA PRO A 65 4.87 -8.69 0.88
C PRO A 65 3.82 -8.04 1.78
N ALA A 66 2.61 -7.90 1.25
CA ALA A 66 1.52 -7.30 2.00
C ALA A 66 1.28 -8.04 3.31
N GLU A 67 1.53 -9.35 3.30
CA GLU A 67 1.35 -10.16 4.49
C GLU A 67 2.14 -9.61 5.66
N ARG A 68 3.17 -8.84 5.35
CA ARG A 68 4.03 -8.25 6.38
C ARG A 68 3.27 -7.19 7.18
N LEU A 69 2.10 -6.81 6.67
CA LEU A 69 1.27 -5.81 7.34
C LEU A 69 -0.21 -6.06 7.07
N ILE A 70 -0.69 -7.24 7.49
CA ILE A 70 -2.08 -7.61 7.30
C ILE A 70 -2.99 -6.78 8.21
N GLY A 71 -4.05 -6.21 7.64
CA GLY A 71 -4.97 -5.41 8.41
C GLY A 71 -4.49 -3.99 8.62
N LYS A 72 -3.28 -3.72 8.15
CA LYS A 72 -2.70 -2.39 8.29
C LYS A 72 -3.20 -1.45 7.19
N LYS A 73 -2.75 -0.21 7.23
CA LYS A 73 -3.15 0.78 6.23
C LYS A 73 -1.98 1.65 5.82
N LEU A 74 -1.83 1.88 4.51
CA LEU A 74 -0.74 2.70 4.00
C LEU A 74 -1.28 3.90 3.22
N LYS A 75 -0.43 4.90 3.01
CA LYS A 75 -0.83 6.09 2.28
C LYS A 75 0.11 6.35 1.09
N VAL A 76 -0.48 6.66 -0.05
CA VAL A 76 0.30 6.93 -1.26
C VAL A 76 0.37 8.42 -1.55
N VAL A 77 1.59 8.94 -1.69
CA VAL A 77 1.80 10.35 -1.97
C VAL A 77 2.75 10.54 -3.15
N PRO A 78 2.36 11.43 -4.08
CA PRO A 78 3.16 11.73 -5.27
C PRO A 78 4.44 12.49 -4.92
N LEU A 79 5.45 12.36 -5.79
CA LEU A 79 6.72 13.05 -5.58
C LEU A 79 7.10 13.88 -6.80
N MET A 1 -15.53 -9.15 2.86
CA MET A 1 -14.99 -9.09 4.21
C MET A 1 -13.79 -8.15 4.28
N ALA A 2 -13.33 -7.88 5.50
CA ALA A 2 -12.18 -7.00 5.71
C ALA A 2 -11.20 -7.59 6.71
N ASP A 3 -10.59 -8.72 6.35
CA ASP A 3 -9.63 -9.38 7.23
C ASP A 3 -8.27 -9.49 6.56
N ARG A 4 -8.22 -10.15 5.41
CA ARG A 4 -6.97 -10.32 4.68
C ARG A 4 -6.91 -9.38 3.47
N THR A 5 -6.78 -8.08 3.75
CA THR A 5 -6.70 -7.08 2.70
C THR A 5 -5.93 -5.86 3.16
N ILE A 6 -5.45 -5.07 2.20
CA ILE A 6 -4.68 -3.87 2.51
C ILE A 6 -5.35 -2.63 1.91
N GLU A 7 -5.52 -1.60 2.73
CA GLU A 7 -6.14 -0.36 2.29
C GLU A 7 -5.10 0.76 2.17
N VAL A 8 -5.21 1.54 1.11
CA VAL A 8 -4.28 2.64 0.88
C VAL A 8 -5.02 3.93 0.56
N GLU A 9 -4.59 5.02 1.17
CA GLU A 9 -5.23 6.32 0.95
C GLU A 9 -4.60 7.04 -0.25
N LEU A 10 -5.37 7.17 -1.31
CA LEU A 10 -4.89 7.84 -2.52
C LEU A 10 -5.04 9.35 -2.42
N PRO A 11 -4.37 10.08 -3.31
CA PRO A 11 -4.41 11.55 -3.33
C PRO A 11 -5.77 12.07 -3.79
N ASN A 12 -6.08 13.30 -3.40
CA ASN A 12 -7.35 13.92 -3.77
C ASN A 12 -8.46 13.51 -2.79
N LYS A 13 -8.08 13.30 -1.54
CA LYS A 13 -9.04 12.91 -0.51
C LYS A 13 -9.80 11.65 -0.93
N GLN A 14 -9.09 10.72 -1.54
CA GLN A 14 -9.69 9.47 -1.98
C GLN A 14 -8.96 8.27 -1.39
N ARG A 15 -9.67 7.14 -1.31
CA ARG A 15 -9.08 5.92 -0.77
C ARG A 15 -9.46 4.70 -1.62
N THR A 16 -8.59 3.70 -1.63
CA THR A 16 -8.82 2.50 -2.40
C THR A 16 -8.29 1.27 -1.68
N VAL A 17 -9.07 0.19 -1.68
CA VAL A 17 -8.68 -1.05 -1.03
C VAL A 17 -8.33 -2.12 -2.05
N ILE A 18 -7.34 -2.96 -1.72
CA ILE A 18 -6.91 -4.03 -2.61
C ILE A 18 -6.63 -5.31 -1.83
N ASN A 19 -6.78 -6.45 -2.50
CA ASN A 19 -6.53 -7.74 -1.87
C ASN A 19 -5.39 -8.48 -2.56
N VAL A 20 -4.55 -9.14 -1.76
CA VAL A 20 -3.43 -9.88 -2.30
C VAL A 20 -3.26 -11.22 -1.57
N ARG A 21 -2.71 -12.19 -2.28
CA ARG A 21 -2.50 -13.52 -1.72
C ARG A 21 -1.22 -13.55 -0.87
N PRO A 22 -1.18 -14.47 0.10
CA PRO A 22 -0.02 -14.63 0.99
C PRO A 22 1.20 -15.18 0.26
N GLY A 23 2.14 -14.30 -0.07
CA GLY A 23 3.35 -14.71 -0.76
C GLY A 23 3.78 -13.72 -1.81
N LEU A 24 2.87 -12.84 -2.21
CA LEU A 24 3.16 -11.83 -3.22
C LEU A 24 3.77 -10.58 -2.58
N THR A 25 4.53 -9.83 -3.37
CA THR A 25 5.17 -8.61 -2.89
C THR A 25 4.21 -7.43 -2.96
N LEU A 26 4.56 -6.34 -2.29
CA LEU A 26 3.73 -5.14 -2.28
C LEU A 26 3.51 -4.62 -3.69
N LYS A 27 4.52 -4.77 -4.55
CA LYS A 27 4.44 -4.32 -5.93
C LYS A 27 3.37 -5.10 -6.69
N GLU A 28 3.28 -6.40 -6.43
CA GLU A 28 2.31 -7.26 -7.09
C GLU A 28 0.92 -7.06 -6.49
N ALA A 29 0.88 -6.60 -5.24
CA ALA A 29 -0.39 -6.36 -4.55
C ALA A 29 -0.99 -5.00 -4.96
N LEU A 30 -0.12 -4.08 -5.36
CA LEU A 30 -0.57 -2.75 -5.78
C LEU A 30 -0.43 -2.58 -7.28
N LYS A 31 0.12 -3.60 -7.94
CA LYS A 31 0.31 -3.56 -9.40
C LYS A 31 -0.99 -3.18 -10.10
N LYS A 32 -2.01 -4.04 -9.98
CA LYS A 32 -3.30 -3.79 -10.60
C LYS A 32 -3.87 -2.44 -10.16
N ALA A 33 -3.70 -2.12 -8.88
CA ALA A 33 -4.20 -0.87 -8.33
C ALA A 33 -3.48 0.33 -8.96
N LEU A 34 -2.23 0.11 -9.36
CA LEU A 34 -1.44 1.17 -9.97
C LEU A 34 -1.82 1.35 -11.43
N LYS A 35 -1.89 0.24 -12.16
CA LYS A 35 -2.24 0.27 -13.57
C LYS A 35 -3.67 0.81 -13.76
N VAL A 36 -4.59 0.30 -12.96
CA VAL A 36 -5.99 0.73 -13.03
C VAL A 36 -6.13 2.22 -12.73
N ARG A 37 -5.13 2.77 -12.05
CA ARG A 37 -5.13 4.18 -11.68
C ARG A 37 -4.16 4.97 -12.54
N GLY A 38 -3.43 4.26 -13.41
CA GLY A 38 -2.46 4.91 -14.28
C GLY A 38 -1.22 5.36 -13.53
N ILE A 39 -1.15 5.02 -12.24
CA ILE A 39 0.00 5.39 -11.43
C ILE A 39 1.21 4.53 -11.75
N ASP A 40 2.39 5.14 -11.69
CA ASP A 40 3.63 4.41 -11.97
C ASP A 40 4.34 4.03 -10.68
N PRO A 41 5.01 2.86 -10.69
CA PRO A 41 5.74 2.36 -9.53
C PRO A 41 6.99 3.19 -9.23
N ASN A 42 7.48 3.89 -10.23
CA ASN A 42 8.67 4.73 -10.07
C ASN A 42 8.30 6.21 -10.00
N LYS A 43 7.01 6.47 -9.81
CA LYS A 43 6.52 7.85 -9.73
C LYS A 43 5.71 8.06 -8.46
N VAL A 44 5.65 7.02 -7.62
CA VAL A 44 4.92 7.11 -6.36
C VAL A 44 5.61 6.29 -5.28
N GLN A 45 5.32 6.63 -4.02
CA GLN A 45 5.92 5.92 -2.89
C GLN A 45 4.84 5.53 -1.88
N VAL A 46 5.07 4.40 -1.20
CA VAL A 46 4.12 3.92 -0.20
C VAL A 46 4.64 4.17 1.22
N TYR A 47 3.76 4.67 2.07
CA TYR A 47 4.12 4.96 3.46
C TYR A 47 3.23 4.20 4.42
N LEU A 48 3.72 4.00 5.65
CA LEU A 48 2.96 3.29 6.67
C LEU A 48 2.82 4.14 7.93
N LEU A 49 1.60 4.58 8.22
CA LEU A 49 1.33 5.38 9.39
C LEU A 49 0.73 4.54 10.52
N LEU A 50 1.21 4.77 11.74
CA LEU A 50 0.72 4.03 12.90
C LEU A 50 0.13 4.98 13.94
N SER A 51 0.99 5.76 14.58
CA SER A 51 0.55 6.70 15.60
C SER A 51 1.74 7.47 16.17
N GLY A 52 2.88 6.80 16.29
CA GLY A 52 4.06 7.43 16.82
C GLY A 52 5.15 6.44 17.16
N ASP A 53 5.28 5.41 16.35
CA ASP A 53 6.29 4.37 16.57
C ASP A 53 7.28 4.33 15.42
N ASP A 54 6.78 4.50 14.20
CA ASP A 54 7.62 4.48 13.02
C ASP A 54 8.08 5.88 12.65
N GLY A 55 7.94 6.81 13.59
CA GLY A 55 8.34 8.18 13.34
C GLY A 55 7.29 8.97 12.57
N ALA A 56 6.09 8.42 12.49
CA ALA A 56 5.00 9.07 11.77
C ALA A 56 5.31 9.18 10.29
N GLU A 57 4.59 8.40 9.49
CA GLU A 57 4.79 8.41 8.04
C GLU A 57 6.21 7.96 7.68
N GLN A 58 6.36 6.67 7.41
CA GLN A 58 7.66 6.11 7.06
C GLN A 58 7.56 5.25 5.80
N PRO A 59 8.55 5.39 4.90
CA PRO A 59 8.59 4.64 3.65
C PRO A 59 8.88 3.16 3.87
N LEU A 60 8.42 2.32 2.95
CA LEU A 60 8.63 0.89 3.03
C LEU A 60 9.26 0.33 1.77
N SER A 61 9.78 -0.88 1.85
CA SER A 61 10.42 -1.52 0.70
C SER A 61 9.37 -2.10 -0.25
N LEU A 62 9.51 -1.79 -1.54
CA LEU A 62 8.58 -2.29 -2.54
C LEU A 62 8.68 -3.81 -2.68
N ASN A 63 9.74 -4.38 -2.12
CA ASN A 63 9.95 -5.82 -2.17
C ASN A 63 9.39 -6.50 -0.92
N HIS A 64 8.49 -5.80 -0.23
CA HIS A 64 7.88 -6.34 0.98
C HIS A 64 6.45 -6.81 0.71
N PRO A 65 6.17 -8.07 1.05
CA PRO A 65 4.83 -8.66 0.86
C PRO A 65 3.80 -8.07 1.80
N ALA A 66 2.65 -7.70 1.24
CA ALA A 66 1.56 -7.12 2.03
C ALA A 66 1.09 -8.10 3.10
N GLU A 67 1.18 -9.38 2.81
CA GLU A 67 0.75 -10.41 3.74
C GLU A 67 1.56 -10.34 5.04
N ARG A 68 2.70 -9.66 4.98
CA ARG A 68 3.57 -9.51 6.14
C ARG A 68 2.98 -8.51 7.13
N LEU A 69 2.31 -7.49 6.60
CA LEU A 69 1.71 -6.45 7.44
C LEU A 69 0.29 -6.14 6.97
N ILE A 70 -0.45 -7.17 6.60
CA ILE A 70 -1.82 -7.01 6.14
C ILE A 70 -2.75 -6.62 7.28
N GLY A 71 -3.74 -5.79 6.99
CA GLY A 71 -4.68 -5.36 7.99
C GLY A 71 -4.42 -3.94 8.47
N LYS A 72 -3.22 -3.45 8.20
CA LYS A 72 -2.84 -2.09 8.59
C LYS A 72 -3.33 -1.08 7.57
N LYS A 73 -2.84 0.15 7.69
CA LYS A 73 -3.22 1.22 6.77
C LYS A 73 -2.00 1.82 6.10
N LEU A 74 -2.10 2.04 4.79
CA LEU A 74 -0.99 2.61 4.03
C LEU A 74 -1.42 3.92 3.35
N LYS A 75 -0.44 4.71 2.93
CA LYS A 75 -0.72 5.97 2.26
C LYS A 75 0.07 6.08 0.94
N VAL A 76 -0.58 6.64 -0.06
CA VAL A 76 0.05 6.81 -1.37
C VAL A 76 0.51 8.25 -1.59
N VAL A 77 1.83 8.42 -1.74
CA VAL A 77 2.39 9.76 -1.95
C VAL A 77 3.13 9.83 -3.28
N PRO A 78 2.51 10.49 -4.28
CA PRO A 78 3.09 10.65 -5.61
C PRO A 78 4.29 11.58 -5.61
N LEU A 79 5.28 11.28 -6.45
CA LEU A 79 6.49 12.09 -6.55
C LEU A 79 6.76 12.50 -7.99
N MET A 1 -12.62 -9.63 -0.09
CA MET A 1 -13.05 -8.24 0.07
C MET A 1 -13.32 -7.92 1.53
N ALA A 2 -12.54 -8.52 2.42
CA ALA A 2 -12.69 -8.29 3.85
C ALA A 2 -11.42 -8.67 4.61
N ASP A 3 -11.02 -9.93 4.49
CA ASP A 3 -9.81 -10.41 5.17
C ASP A 3 -8.69 -10.64 4.17
N ARG A 4 -7.45 -10.63 4.66
CA ARG A 4 -6.29 -10.83 3.81
C ARG A 4 -6.19 -9.73 2.75
N THR A 5 -6.48 -8.50 3.17
CA THR A 5 -6.42 -7.35 2.26
C THR A 5 -5.85 -6.13 2.96
N ILE A 6 -5.20 -5.27 2.18
CA ILE A 6 -4.61 -4.05 2.73
C ILE A 6 -5.35 -2.81 2.25
N GLU A 7 -5.47 -1.81 3.12
CA GLU A 7 -6.16 -0.57 2.78
C GLU A 7 -5.17 0.51 2.39
N VAL A 8 -5.40 1.14 1.24
CA VAL A 8 -4.53 2.19 0.75
C VAL A 8 -5.32 3.46 0.41
N GLU A 9 -4.92 4.57 1.01
CA GLU A 9 -5.60 5.85 0.78
C GLU A 9 -5.00 6.57 -0.42
N LEU A 10 -5.79 6.66 -1.49
CA LEU A 10 -5.34 7.32 -2.71
C LEU A 10 -5.47 8.83 -2.59
N PRO A 11 -4.84 9.55 -3.53
CA PRO A 11 -4.86 11.02 -3.54
C PRO A 11 -6.24 11.58 -3.91
N ASN A 12 -6.51 12.80 -3.48
CA ASN A 12 -7.79 13.44 -3.76
C ASN A 12 -8.82 13.10 -2.69
N LYS A 13 -8.34 12.90 -1.46
CA LYS A 13 -9.22 12.56 -0.35
C LYS A 13 -10.03 11.30 -0.66
N GLN A 14 -9.38 10.32 -1.28
CA GLN A 14 -10.05 9.08 -1.63
C GLN A 14 -9.29 7.88 -1.04
N ARG A 15 -10.04 6.82 -0.73
CA ARG A 15 -9.44 5.61 -0.16
C ARG A 15 -10.04 4.36 -0.81
N THR A 16 -9.19 3.37 -1.03
CA THR A 16 -9.62 2.12 -1.64
C THR A 16 -8.85 0.93 -1.07
N VAL A 17 -9.51 -0.23 -1.04
CA VAL A 17 -8.89 -1.44 -0.51
C VAL A 17 -8.42 -2.35 -1.63
N ILE A 18 -7.41 -3.16 -1.35
CA ILE A 18 -6.87 -4.08 -2.34
C ILE A 18 -6.59 -5.46 -1.72
N ASN A 19 -6.89 -6.50 -2.48
CA ASN A 19 -6.68 -7.87 -2.01
C ASN A 19 -5.28 -8.35 -2.35
N VAL A 20 -4.70 -9.15 -1.47
CA VAL A 20 -3.36 -9.68 -1.68
C VAL A 20 -3.28 -11.16 -1.29
N ARG A 21 -2.07 -11.69 -1.27
CA ARG A 21 -1.86 -13.10 -0.92
C ARG A 21 -0.47 -13.31 -0.33
N PRO A 22 -0.35 -14.31 0.56
CA PRO A 22 0.91 -14.64 1.22
C PRO A 22 1.92 -15.24 0.26
N GLY A 23 2.89 -14.42 -0.18
CA GLY A 23 3.90 -14.90 -1.10
C GLY A 23 4.28 -13.84 -2.13
N LEU A 24 3.34 -12.98 -2.47
CA LEU A 24 3.58 -11.93 -3.44
C LEU A 24 4.15 -10.68 -2.77
N THR A 25 4.90 -9.89 -3.54
CA THR A 25 5.49 -8.67 -3.02
C THR A 25 4.51 -7.51 -3.05
N LEU A 26 4.85 -6.43 -2.35
CA LEU A 26 3.99 -5.26 -2.30
C LEU A 26 3.73 -4.71 -3.70
N LYS A 27 4.72 -4.82 -4.57
CA LYS A 27 4.59 -4.34 -5.95
C LYS A 27 3.47 -5.08 -6.68
N GLU A 28 3.38 -6.39 -6.44
CA GLU A 28 2.36 -7.21 -7.07
C GLU A 28 1.00 -6.99 -6.41
N ALA A 29 1.02 -6.54 -5.15
CA ALA A 29 -0.21 -6.30 -4.41
C ALA A 29 -0.82 -4.94 -4.79
N LEU A 30 0.02 -4.07 -5.35
CA LEU A 30 -0.43 -2.74 -5.75
C LEU A 30 -0.32 -2.56 -7.27
N LYS A 31 0.22 -3.57 -7.93
CA LYS A 31 0.39 -3.52 -9.38
C LYS A 31 -0.94 -3.22 -10.07
N LYS A 32 -1.91 -4.12 -9.93
CA LYS A 32 -3.22 -3.94 -10.53
C LYS A 32 -3.85 -2.63 -10.08
N ALA A 33 -3.69 -2.31 -8.80
CA ALA A 33 -4.24 -1.08 -8.24
C ALA A 33 -3.60 0.15 -8.88
N LEU A 34 -2.34 0.01 -9.29
CA LEU A 34 -1.61 1.11 -9.92
C LEU A 34 -2.16 1.39 -11.31
N LYS A 35 -2.35 0.35 -12.10
CA LYS A 35 -2.87 0.48 -13.45
C LYS A 35 -4.27 1.08 -13.44
N VAL A 36 -5.05 0.73 -12.42
CA VAL A 36 -6.41 1.22 -12.28
C VAL A 36 -6.43 2.75 -12.23
N ARG A 37 -5.40 3.33 -11.63
CA ARG A 37 -5.31 4.79 -11.51
C ARG A 37 -4.26 5.34 -12.48
N GLY A 38 -3.64 4.44 -13.24
CA GLY A 38 -2.62 4.86 -14.20
C GLY A 38 -1.33 5.25 -13.52
N ILE A 39 -1.25 5.03 -12.21
CA ILE A 39 -0.05 5.37 -11.45
C ILE A 39 1.11 4.45 -11.82
N ASP A 40 2.32 5.01 -11.85
CA ASP A 40 3.51 4.25 -12.18
C ASP A 40 4.28 3.84 -10.93
N PRO A 41 4.89 2.65 -10.97
CA PRO A 41 5.66 2.13 -9.84
C PRO A 41 6.96 2.90 -9.60
N ASN A 42 7.47 3.51 -10.67
CA ASN A 42 8.71 4.28 -10.58
C ASN A 42 8.41 5.76 -10.39
N LYS A 43 7.16 6.07 -10.06
CA LYS A 43 6.73 7.45 -9.84
C LYS A 43 5.75 7.55 -8.68
N VAL A 44 5.75 6.54 -7.82
CA VAL A 44 4.85 6.51 -6.67
C VAL A 44 5.52 5.84 -5.47
N GLN A 45 5.02 6.13 -4.28
CA GLN A 45 5.56 5.56 -3.06
C GLN A 45 4.47 5.39 -2.01
N VAL A 46 4.57 4.31 -1.24
CA VAL A 46 3.59 4.03 -0.19
C VAL A 46 4.22 4.15 1.20
N TYR A 47 3.52 4.83 2.09
CA TYR A 47 4.00 5.03 3.46
C TYR A 47 2.92 4.69 4.48
N LEU A 48 3.31 3.95 5.51
CA LEU A 48 2.36 3.56 6.56
C LEU A 48 2.44 4.52 7.74
N LEU A 49 1.29 4.77 8.37
CA LEU A 49 1.22 5.67 9.51
C LEU A 49 1.16 4.88 10.82
N LEU A 50 2.08 5.20 11.73
CA LEU A 50 2.13 4.53 13.03
C LEU A 50 1.93 5.51 14.16
N SER A 51 2.07 5.03 15.39
CA SER A 51 1.90 5.87 16.57
C SER A 51 2.74 5.36 17.74
N GLY A 52 3.80 6.10 18.07
CA GLY A 52 4.66 5.70 19.17
C GLY A 52 6.05 6.30 19.06
N ASP A 53 6.71 6.08 17.92
CA ASP A 53 8.04 6.61 17.70
C ASP A 53 8.54 6.25 16.31
N ASP A 54 7.62 6.20 15.34
CA ASP A 54 7.97 5.86 13.97
C ASP A 54 7.84 7.09 13.07
N GLY A 55 7.30 8.17 13.61
CA GLY A 55 7.14 9.38 12.85
C GLY A 55 5.74 9.51 12.26
N ALA A 56 4.90 8.52 12.53
CA ALA A 56 3.53 8.53 12.03
C ALA A 56 3.49 8.54 10.51
N GLU A 57 4.62 8.15 9.90
CA GLU A 57 4.72 8.13 8.44
C GLU A 57 6.09 7.60 8.00
N GLN A 58 6.15 6.31 7.69
CA GLN A 58 7.40 5.69 7.26
C GLN A 58 7.20 4.92 5.96
N PRO A 59 8.17 5.06 5.04
CA PRO A 59 8.12 4.38 3.74
C PRO A 59 8.31 2.87 3.87
N LEU A 60 7.81 2.13 2.89
CA LEU A 60 7.94 0.67 2.89
C LEU A 60 8.72 0.19 1.67
N SER A 61 9.28 -1.00 1.77
CA SER A 61 10.07 -1.56 0.68
C SER A 61 9.15 -2.18 -0.38
N LEU A 62 9.42 -1.86 -1.64
CA LEU A 62 8.62 -2.39 -2.74
C LEU A 62 8.86 -3.88 -2.93
N ASN A 63 9.90 -4.40 -2.30
CA ASN A 63 10.23 -5.82 -2.39
C ASN A 63 9.72 -6.58 -1.18
N HIS A 64 8.89 -5.91 -0.38
CA HIS A 64 8.31 -6.51 0.82
C HIS A 64 6.87 -6.96 0.56
N PRO A 65 6.56 -8.21 0.92
CA PRO A 65 5.23 -8.78 0.74
C PRO A 65 4.20 -8.17 1.69
N ALA A 66 3.05 -7.78 1.14
CA ALA A 66 1.99 -7.18 1.93
C ALA A 66 1.66 -8.04 3.15
N GLU A 67 1.84 -9.35 3.01
CA GLU A 67 1.55 -10.28 4.09
C GLU A 67 2.35 -9.92 5.34
N ARG A 68 3.41 -9.14 5.15
CA ARG A 68 4.26 -8.72 6.26
C ARG A 68 3.61 -7.59 7.06
N LEU A 69 2.44 -7.16 6.59
CA LEU A 69 1.71 -6.08 7.26
C LEU A 69 0.27 -6.01 6.76
N ILE A 70 -0.29 -7.15 6.39
CA ILE A 70 -1.66 -7.22 5.90
C ILE A 70 -2.64 -6.69 6.94
N GLY A 71 -3.58 -5.87 6.48
CA GLY A 71 -4.58 -5.30 7.38
C GLY A 71 -4.18 -3.92 7.88
N LYS A 72 -2.93 -3.55 7.66
CA LYS A 72 -2.42 -2.25 8.09
C LYS A 72 -2.90 -1.15 7.16
N LYS A 73 -2.94 0.08 7.67
CA LYS A 73 -3.36 1.22 6.88
C LYS A 73 -2.17 1.94 6.26
N LEU A 74 -2.19 2.07 4.93
CA LEU A 74 -1.11 2.73 4.21
C LEU A 74 -1.64 3.86 3.34
N LYS A 75 -0.76 4.75 2.92
CA LYS A 75 -1.14 5.87 2.08
C LYS A 75 -0.31 5.91 0.80
N VAL A 76 -0.96 6.21 -0.32
CA VAL A 76 -0.28 6.29 -1.60
C VAL A 76 -0.02 7.73 -2.02
N VAL A 77 1.25 8.07 -2.23
CA VAL A 77 1.62 9.42 -2.63
C VAL A 77 2.54 9.40 -3.84
N PRO A 78 2.24 10.24 -4.83
CA PRO A 78 3.02 10.34 -6.06
C PRO A 78 4.40 10.96 -5.83
N LEU A 79 5.32 10.68 -6.73
CA LEU A 79 6.69 11.20 -6.62
C LEU A 79 7.03 12.07 -7.83
N MET A 1 -15.85 -14.14 2.25
CA MET A 1 -15.23 -13.68 3.49
C MET A 1 -13.72 -13.84 3.44
N ALA A 2 -13.00 -12.91 4.06
CA ALA A 2 -11.54 -12.95 4.08
C ALA A 2 -10.99 -12.19 5.28
N ASP A 3 -9.78 -12.55 5.69
CA ASP A 3 -9.14 -11.89 6.83
C ASP A 3 -7.94 -11.07 6.37
N ARG A 4 -7.13 -11.64 5.49
CA ARG A 4 -5.95 -10.97 4.97
C ARG A 4 -6.35 -9.84 4.02
N THR A 5 -6.20 -8.61 4.49
CA THR A 5 -6.53 -7.43 3.69
C THR A 5 -5.71 -6.22 4.10
N ILE A 6 -5.50 -5.31 3.16
CA ILE A 6 -4.72 -4.11 3.43
C ILE A 6 -5.37 -2.88 2.78
N GLU A 7 -5.45 -1.79 3.54
CA GLU A 7 -6.05 -0.56 3.04
C GLU A 7 -4.97 0.39 2.53
N VAL A 8 -5.24 1.03 1.40
CA VAL A 8 -4.31 1.98 0.80
C VAL A 8 -5.00 3.25 0.36
N GLU A 9 -4.49 4.39 0.81
CA GLU A 9 -5.06 5.68 0.45
C GLU A 9 -4.48 6.20 -0.85
N LEU A 10 -5.31 6.24 -1.90
CA LEU A 10 -4.87 6.72 -3.20
C LEU A 10 -4.91 8.25 -3.27
N PRO A 11 -4.24 8.81 -4.28
CA PRO A 11 -4.19 10.26 -4.48
C PRO A 11 -5.53 10.84 -4.91
N ASN A 12 -5.70 12.15 -4.71
CA ASN A 12 -6.94 12.82 -5.07
C ASN A 12 -8.00 12.62 -3.99
N LYS A 13 -7.56 12.54 -2.74
CA LYS A 13 -8.47 12.36 -1.62
C LYS A 13 -9.36 11.14 -1.82
N GLN A 14 -8.77 10.07 -2.36
CA GLN A 14 -9.51 8.84 -2.60
C GLN A 14 -8.86 7.66 -1.88
N ARG A 15 -9.68 6.83 -1.24
CA ARG A 15 -9.17 5.67 -0.52
C ARG A 15 -9.70 4.38 -1.13
N THR A 16 -8.85 3.37 -1.21
CA THR A 16 -9.22 2.07 -1.77
C THR A 16 -8.54 0.93 -1.04
N VAL A 17 -9.28 -0.15 -0.81
CA VAL A 17 -8.75 -1.31 -0.12
C VAL A 17 -8.52 -2.47 -1.08
N ILE A 18 -7.49 -3.27 -0.80
CA ILE A 18 -7.17 -4.42 -1.65
C ILE A 18 -6.80 -5.63 -0.81
N ASN A 19 -7.09 -6.81 -1.34
CA ASN A 19 -6.79 -8.05 -0.64
C ASN A 19 -5.66 -8.81 -1.32
N VAL A 20 -4.60 -9.10 -0.58
CA VAL A 20 -3.45 -9.82 -1.12
C VAL A 20 -3.17 -11.08 -0.32
N ARG A 21 -2.62 -12.09 -0.99
CA ARG A 21 -2.30 -13.35 -0.33
C ARG A 21 -0.79 -13.48 -0.12
N PRO A 22 -0.41 -14.38 0.80
CA PRO A 22 1.01 -14.62 1.13
C PRO A 22 1.75 -15.32 0.00
N GLY A 23 2.42 -14.53 -0.84
CA GLY A 23 3.17 -15.09 -1.94
C GLY A 23 3.77 -14.02 -2.83
N LEU A 24 2.91 -13.17 -3.39
CA LEU A 24 3.37 -12.10 -4.27
C LEU A 24 3.71 -10.84 -3.48
N THR A 25 4.52 -9.97 -4.07
CA THR A 25 4.92 -8.73 -3.40
C THR A 25 3.86 -7.65 -3.57
N LEU A 26 3.97 -6.58 -2.79
CA LEU A 26 3.02 -5.48 -2.86
C LEU A 26 3.01 -4.85 -4.25
N LYS A 27 4.16 -4.89 -4.93
CA LYS A 27 4.27 -4.33 -6.26
C LYS A 27 3.33 -5.04 -7.23
N GLU A 28 3.25 -6.36 -7.11
CA GLU A 28 2.39 -7.16 -7.97
C GLU A 28 0.93 -7.02 -7.55
N ALA A 29 0.71 -6.70 -6.29
CA ALA A 29 -0.64 -6.54 -5.77
C ALA A 29 -1.19 -5.15 -6.08
N LEU A 30 -0.29 -4.17 -6.22
CA LEU A 30 -0.68 -2.81 -6.52
C LEU A 30 -0.40 -2.47 -7.99
N LYS A 31 0.22 -3.41 -8.69
CA LYS A 31 0.55 -3.22 -10.10
C LYS A 31 -0.68 -2.79 -10.89
N LYS A 32 -1.67 -3.66 -10.95
CA LYS A 32 -2.90 -3.38 -11.69
C LYS A 32 -3.55 -2.10 -11.17
N ALA A 33 -3.53 -1.92 -9.84
CA ALA A 33 -4.11 -0.74 -9.23
C ALA A 33 -3.37 0.53 -9.66
N LEU A 34 -2.08 0.39 -9.95
CA LEU A 34 -1.27 1.52 -10.37
C LEU A 34 -1.52 1.85 -11.84
N LYS A 35 -1.51 0.82 -12.68
CA LYS A 35 -1.74 1.01 -14.10
C LYS A 35 -3.15 1.50 -14.38
N VAL A 36 -4.14 0.85 -13.75
CA VAL A 36 -5.52 1.24 -13.91
C VAL A 36 -5.75 2.69 -13.51
N ARG A 37 -4.85 3.22 -12.69
CA ARG A 37 -4.96 4.59 -12.23
C ARG A 37 -3.93 5.48 -12.94
N GLY A 38 -3.04 4.86 -13.71
CA GLY A 38 -2.03 5.61 -14.42
C GLY A 38 -0.86 5.99 -13.54
N ILE A 39 -0.94 5.63 -12.27
CA ILE A 39 0.12 5.93 -11.31
C ILE A 39 1.38 5.14 -11.62
N ASP A 40 2.54 5.76 -11.43
CA ASP A 40 3.81 5.11 -11.68
C ASP A 40 4.47 4.68 -10.37
N PRO A 41 5.18 3.54 -10.40
CA PRO A 41 5.86 3.00 -9.23
C PRO A 41 7.06 3.84 -8.82
N ASN A 42 7.62 4.57 -9.78
CA ASN A 42 8.77 5.43 -9.50
C ASN A 42 8.36 6.89 -9.40
N LYS A 43 7.05 7.12 -9.26
CA LYS A 43 6.52 8.48 -9.14
C LYS A 43 5.71 8.63 -7.86
N VAL A 44 5.62 7.54 -7.09
CA VAL A 44 4.88 7.57 -5.83
C VAL A 44 5.54 6.67 -4.79
N GLN A 45 5.24 6.93 -3.52
CA GLN A 45 5.82 6.14 -2.43
C GLN A 45 4.74 5.80 -1.40
N VAL A 46 4.75 4.54 -0.95
CA VAL A 46 3.78 4.08 0.05
C VAL A 46 4.39 4.06 1.44
N TYR A 47 3.66 4.60 2.41
CA TYR A 47 4.13 4.64 3.79
C TYR A 47 3.07 4.12 4.74
N LEU A 48 3.48 3.27 5.68
CA LEU A 48 2.56 2.70 6.66
C LEU A 48 2.79 3.31 8.04
N LEU A 49 1.70 3.77 8.66
CA LEU A 49 1.78 4.38 9.98
C LEU A 49 1.37 3.38 11.06
N LEU A 50 2.18 3.27 12.10
CA LEU A 50 1.90 2.36 13.20
C LEU A 50 1.19 3.09 14.34
N SER A 51 1.95 3.87 15.09
CA SER A 51 1.40 4.62 16.22
C SER A 51 2.47 5.45 16.91
N GLY A 52 2.14 6.00 18.08
CA GLY A 52 3.09 6.81 18.82
C GLY A 52 2.65 8.25 18.93
N ASP A 53 3.19 9.11 18.07
CA ASP A 53 2.85 10.52 18.09
C ASP A 53 2.17 10.94 16.79
N ASP A 54 2.91 10.87 15.69
CA ASP A 54 2.38 11.23 14.38
C ASP A 54 2.02 9.99 13.57
N GLY A 55 1.93 8.85 14.26
CA GLY A 55 1.60 7.61 13.59
C GLY A 55 2.82 6.88 13.07
N ALA A 56 4.00 7.29 13.54
CA ALA A 56 5.24 6.67 13.11
C ALA A 56 5.59 7.05 11.68
N GLU A 57 4.81 6.53 10.74
CA GLU A 57 5.04 6.82 9.32
C GLU A 57 6.38 6.27 8.86
N GLN A 58 6.37 5.04 8.34
CA GLN A 58 7.59 4.40 7.87
C GLN A 58 7.40 3.84 6.46
N PRO A 59 8.37 4.12 5.57
CA PRO A 59 8.32 3.64 4.18
C PRO A 59 8.53 2.14 4.08
N LEU A 60 8.05 1.56 2.99
CA LEU A 60 8.19 0.12 2.76
C LEU A 60 8.69 -0.16 1.34
N SER A 61 9.36 -1.30 1.18
CA SER A 61 9.88 -1.69 -0.12
C SER A 61 8.79 -2.29 -0.99
N LEU A 62 8.89 -2.07 -2.30
CA LEU A 62 7.91 -2.58 -3.24
C LEU A 62 8.06 -4.09 -3.41
N ASN A 63 9.20 -4.62 -2.97
CA ASN A 63 9.47 -6.05 -3.07
C ASN A 63 9.06 -6.77 -1.79
N HIS A 64 8.17 -6.16 -1.03
CA HIS A 64 7.69 -6.75 0.23
C HIS A 64 6.28 -7.29 0.07
N PRO A 65 6.06 -8.52 0.55
CA PRO A 65 4.75 -9.18 0.48
C PRO A 65 3.72 -8.53 1.40
N ALA A 66 2.54 -8.25 0.87
CA ALA A 66 1.47 -7.63 1.64
C ALA A 66 1.19 -8.42 2.91
N GLU A 67 1.43 -9.73 2.86
CA GLU A 67 1.20 -10.59 4.01
C GLU A 67 1.96 -10.08 5.24
N ARG A 68 3.01 -9.30 4.99
CA ARG A 68 3.82 -8.74 6.07
C ARG A 68 3.12 -7.56 6.74
N LEU A 69 2.19 -6.94 6.01
CA LEU A 69 1.45 -5.81 6.53
C LEU A 69 -0.06 -6.06 6.47
N ILE A 70 -0.47 -7.23 6.95
CA ILE A 70 -1.88 -7.60 6.95
C ILE A 70 -2.67 -6.78 7.97
N GLY A 71 -3.71 -6.12 7.52
CA GLY A 71 -4.53 -5.31 8.40
C GLY A 71 -3.95 -3.94 8.62
N LYS A 72 -2.76 -3.70 8.09
CA LYS A 72 -2.09 -2.41 8.24
C LYS A 72 -2.56 -1.42 7.16
N LYS A 73 -2.74 -0.17 7.55
CA LYS A 73 -3.18 0.86 6.63
C LYS A 73 -2.01 1.75 6.19
N LEU A 74 -1.90 1.98 4.89
CA LEU A 74 -0.83 2.80 4.34
C LEU A 74 -1.39 3.85 3.38
N LYS A 75 -0.58 4.86 3.09
CA LYS A 75 -0.99 5.92 2.18
C LYS A 75 0.06 6.13 1.09
N VAL A 76 -0.41 6.40 -0.13
CA VAL A 76 0.48 6.61 -1.27
C VAL A 76 0.58 8.10 -1.60
N VAL A 77 1.79 8.64 -1.50
CA VAL A 77 2.03 10.05 -1.79
C VAL A 77 3.03 10.22 -2.92
N PRO A 78 2.71 11.08 -3.89
CA PRO A 78 3.57 11.35 -5.05
C PRO A 78 4.83 12.11 -4.65
N LEU A 79 5.91 11.89 -5.40
CA LEU A 79 7.17 12.57 -5.13
C LEU A 79 7.70 13.27 -6.38
N MET A 1 -11.08 -11.36 13.76
CA MET A 1 -11.41 -12.24 12.65
C MET A 1 -10.47 -11.99 11.47
N ALA A 2 -10.28 -13.03 10.66
CA ALA A 2 -9.40 -12.92 9.49
C ALA A 2 -9.89 -11.85 8.53
N ASP A 3 -9.00 -11.35 7.69
CA ASP A 3 -9.34 -10.31 6.72
C ASP A 3 -8.60 -10.55 5.41
N ARG A 4 -7.29 -10.71 5.48
CA ARG A 4 -6.47 -10.93 4.30
C ARG A 4 -6.71 -9.84 3.26
N THR A 5 -6.68 -8.59 3.71
CA THR A 5 -6.90 -7.44 2.84
C THR A 5 -6.06 -6.25 3.26
N ILE A 6 -5.87 -5.30 2.35
CA ILE A 6 -5.09 -4.11 2.64
C ILE A 6 -5.74 -2.87 2.03
N GLU A 7 -5.66 -1.75 2.74
CA GLU A 7 -6.24 -0.50 2.27
C GLU A 7 -5.14 0.53 2.01
N VAL A 8 -5.28 1.26 0.91
CA VAL A 8 -4.30 2.29 0.54
C VAL A 8 -5.00 3.55 0.05
N GLU A 9 -4.44 4.70 0.43
CA GLU A 9 -5.01 5.99 0.02
C GLU A 9 -4.47 6.42 -1.33
N LEU A 10 -5.35 6.42 -2.34
CA LEU A 10 -4.95 6.82 -3.69
C LEU A 10 -4.88 8.33 -3.81
N PRO A 11 -4.30 8.80 -4.92
CA PRO A 11 -4.16 10.24 -5.19
C PRO A 11 -5.49 10.91 -5.50
N ASN A 12 -5.55 12.22 -5.32
CA ASN A 12 -6.76 12.98 -5.58
C ASN A 12 -7.70 12.92 -4.38
N LYS A 13 -7.13 12.82 -3.19
CA LYS A 13 -7.92 12.76 -1.96
C LYS A 13 -8.90 11.60 -2.01
N GLN A 14 -8.46 10.48 -2.56
CA GLN A 14 -9.33 9.30 -2.67
C GLN A 14 -8.66 8.09 -2.02
N ARG A 15 -9.48 7.11 -1.63
CA ARG A 15 -8.97 5.90 -1.00
C ARG A 15 -9.58 4.65 -1.64
N THR A 16 -8.79 3.58 -1.69
CA THR A 16 -9.25 2.33 -2.28
C THR A 16 -8.68 1.13 -1.53
N VAL A 17 -9.47 0.07 -1.44
CA VAL A 17 -9.05 -1.15 -0.75
C VAL A 17 -8.98 -2.33 -1.71
N ILE A 18 -8.04 -3.23 -1.46
CA ILE A 18 -7.87 -4.41 -2.30
C ILE A 18 -7.53 -5.64 -1.47
N ASN A 19 -7.53 -6.80 -2.11
CA ASN A 19 -7.21 -8.05 -1.43
C ASN A 19 -5.99 -8.72 -2.04
N VAL A 20 -5.02 -9.05 -1.19
CA VAL A 20 -3.79 -9.70 -1.64
C VAL A 20 -3.45 -10.90 -0.78
N ARG A 21 -3.13 -12.02 -1.43
CA ARG A 21 -2.79 -13.25 -0.73
C ARG A 21 -1.29 -13.30 -0.42
N PRO A 22 -0.91 -14.14 0.55
CA PRO A 22 0.48 -14.31 0.96
C PRO A 22 1.32 -15.01 -0.11
N GLY A 23 2.09 -14.22 -0.86
CA GLY A 23 2.93 -14.79 -1.90
C GLY A 23 3.62 -13.72 -2.73
N LEU A 24 2.83 -12.85 -3.35
CA LEU A 24 3.38 -11.78 -4.19
C LEU A 24 3.67 -10.53 -3.34
N THR A 25 4.53 -9.67 -3.86
CA THR A 25 4.89 -8.45 -3.16
C THR A 25 3.87 -7.35 -3.40
N LEU A 26 3.94 -6.29 -2.60
CA LEU A 26 3.01 -5.17 -2.73
C LEU A 26 3.10 -4.55 -4.10
N LYS A 27 4.29 -4.58 -4.70
CA LYS A 27 4.52 -4.03 -6.03
C LYS A 27 3.61 -4.70 -7.06
N GLU A 28 3.50 -6.02 -6.97
CA GLU A 28 2.67 -6.77 -7.90
C GLU A 28 1.19 -6.61 -7.56
N ALA A 29 0.91 -6.31 -6.29
CA ALA A 29 -0.47 -6.12 -5.84
C ALA A 29 -0.96 -4.71 -6.16
N LEU A 30 -0.02 -3.79 -6.31
CA LEU A 30 -0.35 -2.40 -6.61
C LEU A 30 -0.03 -2.06 -8.06
N LYS A 31 0.66 -2.97 -8.74
CA LYS A 31 1.03 -2.78 -10.12
C LYS A 31 -0.19 -2.48 -10.99
N LYS A 32 -1.10 -3.44 -11.08
CA LYS A 32 -2.32 -3.26 -11.87
C LYS A 32 -3.09 -2.03 -11.42
N ALA A 33 -3.15 -1.83 -10.11
CA ALA A 33 -3.85 -0.68 -9.54
C ALA A 33 -3.19 0.63 -9.96
N LEU A 34 -1.89 0.59 -10.17
CA LEU A 34 -1.13 1.77 -10.57
C LEU A 34 -1.49 2.18 -12.00
N LYS A 35 -1.49 1.21 -12.91
CA LYS A 35 -1.82 1.47 -14.31
C LYS A 35 -3.25 1.98 -14.44
N VAL A 36 -4.09 1.63 -13.48
CA VAL A 36 -5.49 2.06 -13.50
C VAL A 36 -5.60 3.58 -13.38
N ARG A 37 -4.67 4.18 -12.66
CA ARG A 37 -4.65 5.62 -12.47
C ARG A 37 -3.55 6.27 -13.30
N GLY A 38 -2.64 5.45 -13.80
CA GLY A 38 -1.54 5.96 -14.60
C GLY A 38 -0.31 6.26 -13.77
N ILE A 39 -0.38 5.99 -12.48
CA ILE A 39 0.74 6.23 -11.58
C ILE A 39 1.89 5.26 -11.87
N ASP A 40 3.11 5.77 -11.77
CA ASP A 40 4.30 4.95 -12.02
C ASP A 40 5.00 4.60 -10.71
N PRO A 41 5.58 3.39 -10.65
CA PRO A 41 6.30 2.92 -9.46
C PRO A 41 7.60 3.68 -9.23
N ASN A 42 8.07 4.37 -10.26
CA ASN A 42 9.32 5.13 -10.17
C ASN A 42 9.02 6.61 -9.97
N LYS A 43 7.77 6.93 -9.63
CA LYS A 43 7.37 8.31 -9.41
C LYS A 43 6.36 8.40 -8.26
N VAL A 44 6.31 7.36 -7.44
CA VAL A 44 5.38 7.33 -6.31
C VAL A 44 6.01 6.60 -5.13
N GLN A 45 5.48 6.88 -3.93
CA GLN A 45 5.99 6.25 -2.71
C GLN A 45 4.86 6.02 -1.72
N VAL A 46 4.88 4.87 -1.05
CA VAL A 46 3.86 4.54 -0.07
C VAL A 46 4.43 4.52 1.34
N TYR A 47 3.68 5.05 2.29
CA TYR A 47 4.12 5.11 3.67
C TYR A 47 3.02 4.62 4.61
N LEU A 48 3.42 3.85 5.63
CA LEU A 48 2.47 3.32 6.60
C LEU A 48 2.41 4.19 7.84
N LEU A 49 1.19 4.53 8.27
CA LEU A 49 1.00 5.36 9.45
C LEU A 49 0.83 4.51 10.69
N LEU A 50 1.47 4.91 11.79
CA LEU A 50 1.39 4.18 13.04
C LEU A 50 1.08 5.13 14.20
N SER A 51 1.06 4.58 15.41
CA SER A 51 0.78 5.37 16.60
C SER A 51 1.87 5.20 17.64
N GLY A 52 3.11 5.51 17.25
CA GLY A 52 4.23 5.38 18.16
C GLY A 52 4.89 4.02 18.08
N ASP A 53 5.41 3.68 16.91
CA ASP A 53 6.07 2.39 16.70
C ASP A 53 7.22 2.52 15.72
N ASP A 54 6.92 2.98 14.51
CA ASP A 54 7.93 3.16 13.48
C ASP A 54 8.22 4.64 13.25
N GLY A 55 7.80 5.48 14.18
CA GLY A 55 8.02 6.91 14.06
C GLY A 55 6.84 7.63 13.43
N ALA A 56 5.75 6.91 13.23
CA ALA A 56 4.56 7.48 12.62
C ALA A 56 4.81 7.87 11.17
N GLU A 57 4.11 7.23 10.25
CA GLU A 57 4.26 7.52 8.83
C GLU A 57 5.70 7.29 8.39
N GLN A 58 5.99 6.07 7.94
CA GLN A 58 7.34 5.72 7.48
C GLN A 58 7.28 5.02 6.12
N PRO A 59 8.40 5.09 5.38
CA PRO A 59 8.51 4.47 4.06
C PRO A 59 8.54 2.95 4.13
N LEU A 60 8.15 2.30 3.04
CA LEU A 60 8.13 0.84 2.98
C LEU A 60 8.72 0.33 1.67
N SER A 61 9.25 -0.89 1.70
CA SER A 61 9.85 -1.48 0.51
C SER A 61 8.77 -2.04 -0.42
N LEU A 62 8.94 -1.80 -1.71
CA LEU A 62 7.99 -2.28 -2.72
C LEU A 62 8.10 -3.80 -2.89
N ASN A 63 9.19 -4.36 -2.39
CA ASN A 63 9.42 -5.81 -2.50
C ASN A 63 8.92 -6.52 -1.25
N HIS A 64 7.99 -5.89 -0.53
CA HIS A 64 7.43 -6.47 0.68
C HIS A 64 6.03 -7.02 0.43
N PRO A 65 5.80 -8.26 0.87
CA PRO A 65 4.50 -8.93 0.70
C PRO A 65 3.42 -8.31 1.57
N ALA A 66 2.25 -8.06 0.97
CA ALA A 66 1.14 -7.47 1.70
C ALA A 66 0.78 -8.29 2.93
N GLU A 67 1.00 -9.60 2.84
CA GLU A 67 0.71 -10.50 3.95
C GLU A 67 1.55 -10.16 5.17
N ARG A 68 2.59 -9.34 4.95
CA ARG A 68 3.48 -8.94 6.04
C ARG A 68 2.91 -7.73 6.79
N LEU A 69 1.77 -7.24 6.32
CA LEU A 69 1.12 -6.09 6.95
C LEU A 69 -0.37 -6.08 6.64
N ILE A 70 -0.92 -7.25 6.32
CA ILE A 70 -2.33 -7.37 6.00
C ILE A 70 -3.19 -6.73 7.10
N GLY A 71 -4.11 -5.86 6.70
CA GLY A 71 -4.98 -5.21 7.65
C GLY A 71 -4.51 -3.81 8.00
N LYS A 72 -3.26 -3.51 7.65
CA LYS A 72 -2.69 -2.20 7.94
C LYS A 72 -3.04 -1.20 6.84
N LYS A 73 -3.23 0.06 7.23
CA LYS A 73 -3.57 1.11 6.29
C LYS A 73 -2.32 1.84 5.82
N LEU A 74 -2.26 2.14 4.53
CA LEU A 74 -1.12 2.85 3.95
C LEU A 74 -1.57 4.03 3.10
N LYS A 75 -0.66 4.94 2.83
CA LYS A 75 -0.95 6.12 2.03
C LYS A 75 0.00 6.24 0.84
N VAL A 76 -0.57 6.45 -0.34
CA VAL A 76 0.23 6.57 -1.56
C VAL A 76 0.33 8.02 -2.00
N VAL A 77 1.56 8.52 -2.13
CA VAL A 77 1.80 9.90 -2.54
C VAL A 77 2.80 9.96 -3.68
N PRO A 78 2.46 10.73 -4.74
CA PRO A 78 3.31 10.89 -5.91
C PRO A 78 4.57 11.71 -5.59
N LEU A 79 5.59 11.53 -6.41
CA LEU A 79 6.86 12.25 -6.23
C LEU A 79 7.23 13.04 -7.49
N MET A 1 -15.58 -10.38 9.25
CA MET A 1 -15.63 -11.56 8.40
C MET A 1 -14.36 -11.68 7.56
N ALA A 2 -13.31 -12.26 8.13
CA ALA A 2 -12.05 -12.42 7.42
C ALA A 2 -11.44 -11.07 7.05
N ASP A 3 -10.51 -10.61 7.88
CA ASP A 3 -9.86 -9.33 7.64
C ASP A 3 -8.48 -9.53 7.03
N ARG A 4 -8.39 -10.45 6.07
CA ARG A 4 -7.11 -10.74 5.41
C ARG A 4 -6.96 -9.90 4.14
N THR A 5 -6.92 -8.58 4.31
CA THR A 5 -6.77 -7.68 3.18
C THR A 5 -5.95 -6.45 3.57
N ILE A 6 -5.65 -5.61 2.58
CA ILE A 6 -4.86 -4.41 2.82
C ILE A 6 -5.52 -3.19 2.18
N GLU A 7 -5.69 -2.14 2.97
CA GLU A 7 -6.32 -0.90 2.49
C GLU A 7 -5.27 0.16 2.25
N VAL A 8 -5.41 0.89 1.14
CA VAL A 8 -4.47 1.95 0.79
C VAL A 8 -5.21 3.23 0.41
N GLU A 9 -4.69 4.37 0.87
CA GLU A 9 -5.30 5.66 0.58
C GLU A 9 -4.76 6.23 -0.73
N LEU A 10 -5.62 6.29 -1.74
CA LEU A 10 -5.23 6.81 -3.05
C LEU A 10 -5.16 8.33 -3.02
N PRO A 11 -4.46 8.91 -4.02
CA PRO A 11 -4.30 10.36 -4.13
C PRO A 11 -5.61 11.06 -4.51
N ASN A 12 -5.74 12.33 -4.12
CA ASN A 12 -6.93 13.09 -4.42
C ASN A 12 -7.94 13.02 -3.27
N LYS A 13 -7.44 12.70 -2.09
CA LYS A 13 -8.29 12.59 -0.91
C LYS A 13 -9.27 11.43 -1.04
N GLN A 14 -8.80 10.33 -1.61
CA GLN A 14 -9.64 9.14 -1.80
C GLN A 14 -8.97 7.91 -1.21
N ARG A 15 -9.78 6.90 -0.89
CA ARG A 15 -9.26 5.67 -0.32
C ARG A 15 -9.85 4.45 -1.02
N THR A 16 -9.05 3.41 -1.15
CA THR A 16 -9.50 2.18 -1.80
C THR A 16 -8.90 0.95 -1.13
N VAL A 17 -9.70 -0.11 -1.04
CA VAL A 17 -9.24 -1.35 -0.42
C VAL A 17 -8.86 -2.39 -1.47
N ILE A 18 -7.87 -3.21 -1.15
CA ILE A 18 -7.40 -4.24 -2.08
C ILE A 18 -7.15 -5.55 -1.34
N ASN A 19 -7.27 -6.66 -2.07
CA ASN A 19 -7.05 -7.98 -1.49
C ASN A 19 -5.91 -8.71 -2.21
N VAL A 20 -5.13 -9.48 -1.45
CA VAL A 20 -4.02 -10.22 -2.01
C VAL A 20 -3.70 -11.45 -1.17
N ARG A 21 -3.11 -12.46 -1.80
CA ARG A 21 -2.76 -13.69 -1.11
C ARG A 21 -1.28 -13.67 -0.68
N PRO A 22 -0.95 -14.49 0.32
CA PRO A 22 0.42 -14.59 0.84
C PRO A 22 1.37 -15.23 -0.14
N GLY A 23 2.18 -14.41 -0.82
CA GLY A 23 3.12 -14.94 -1.78
C GLY A 23 3.63 -13.86 -2.73
N LEU A 24 2.72 -13.04 -3.24
CA LEU A 24 3.08 -11.97 -4.16
C LEU A 24 3.44 -10.69 -3.40
N THR A 25 4.31 -9.89 -4.00
CA THR A 25 4.74 -8.64 -3.38
C THR A 25 3.74 -7.52 -3.64
N LEU A 26 3.86 -6.44 -2.88
CA LEU A 26 2.96 -5.29 -3.03
C LEU A 26 3.00 -4.76 -4.45
N LYS A 27 4.14 -4.89 -5.11
CA LYS A 27 4.30 -4.42 -6.47
C LYS A 27 3.33 -5.14 -7.41
N GLU A 28 3.23 -6.45 -7.26
CA GLU A 28 2.34 -7.25 -8.10
C GLU A 28 0.89 -7.09 -7.64
N ALA A 29 0.70 -6.76 -6.37
CA ALA A 29 -0.63 -6.58 -5.80
C ALA A 29 -1.17 -5.19 -6.12
N LEU A 30 -0.27 -4.28 -6.46
CA LEU A 30 -0.67 -2.91 -6.79
C LEU A 30 -0.39 -2.59 -8.26
N LYS A 31 0.24 -3.54 -8.95
CA LYS A 31 0.57 -3.37 -10.35
C LYS A 31 -0.68 -3.05 -11.17
N LYS A 32 -1.60 -4.00 -11.22
CA LYS A 32 -2.84 -3.82 -11.97
C LYS A 32 -3.60 -2.59 -11.47
N ALA A 33 -3.59 -2.37 -10.17
CA ALA A 33 -4.27 -1.22 -9.57
C ALA A 33 -3.63 0.08 -10.02
N LEU A 34 -2.33 0.03 -10.29
CA LEU A 34 -1.60 1.22 -10.74
C LEU A 34 -1.95 1.57 -12.18
N LYS A 35 -2.01 0.54 -13.03
CA LYS A 35 -2.34 0.74 -14.44
C LYS A 35 -3.67 1.46 -14.60
N VAL A 36 -4.49 1.42 -13.54
CA VAL A 36 -5.79 2.08 -13.57
C VAL A 36 -5.64 3.59 -13.62
N ARG A 37 -4.61 4.10 -12.95
CA ARG A 37 -4.36 5.54 -12.92
C ARG A 37 -3.14 5.89 -13.77
N GLY A 38 -2.36 4.87 -14.12
CA GLY A 38 -1.17 5.10 -14.93
C GLY A 38 -0.02 5.66 -14.12
N ILE A 39 -0.06 5.45 -12.81
CA ILE A 39 0.98 5.94 -11.92
C ILE A 39 2.25 5.10 -12.04
N ASP A 40 3.40 5.75 -11.98
CA ASP A 40 4.68 5.05 -12.08
C ASP A 40 5.28 4.83 -10.69
N PRO A 41 5.97 3.69 -10.53
CA PRO A 41 6.60 3.34 -9.25
C PRO A 41 7.80 4.22 -8.93
N ASN A 42 8.30 4.93 -9.94
CA ASN A 42 9.44 5.81 -9.77
C ASN A 42 9.00 7.27 -9.71
N LYS A 43 7.70 7.48 -9.55
CA LYS A 43 7.14 8.83 -9.46
C LYS A 43 6.26 8.98 -8.23
N VAL A 44 6.15 7.92 -7.45
CA VAL A 44 5.35 7.93 -6.24
C VAL A 44 6.03 7.18 -5.11
N GLN A 45 5.46 7.29 -3.91
CA GLN A 45 6.02 6.62 -2.74
C GLN A 45 4.92 6.19 -1.78
N VAL A 46 5.09 5.01 -1.19
CA VAL A 46 4.10 4.48 -0.25
C VAL A 46 4.63 4.53 1.18
N TYR A 47 3.75 4.84 2.12
CA TYR A 47 4.13 4.92 3.54
C TYR A 47 3.22 4.05 4.39
N LEU A 48 3.74 3.60 5.53
CA LEU A 48 2.98 2.76 6.44
C LEU A 48 2.86 3.41 7.81
N LEU A 49 1.62 3.55 8.28
CA LEU A 49 1.36 4.17 9.58
C LEU A 49 1.64 3.18 10.70
N LEU A 50 2.30 3.66 11.76
CA LEU A 50 2.63 2.83 12.91
C LEU A 50 2.19 3.49 14.20
N SER A 51 2.63 2.92 15.33
CA SER A 51 2.28 3.46 16.64
C SER A 51 3.53 3.76 17.45
N GLY A 52 3.51 4.89 18.16
CA GLY A 52 4.65 5.27 18.97
C GLY A 52 4.69 6.76 19.24
N ASP A 53 5.38 7.50 18.38
CA ASP A 53 5.49 8.95 18.52
C ASP A 53 6.29 9.54 17.36
N ASP A 54 6.15 8.95 16.18
CA ASP A 54 6.86 9.42 15.00
C ASP A 54 5.89 10.06 14.00
N GLY A 55 4.59 9.95 14.29
CA GLY A 55 3.58 10.51 13.42
C GLY A 55 3.07 9.51 12.40
N ALA A 56 3.43 8.24 12.59
CA ALA A 56 3.00 7.18 11.68
C ALA A 56 3.30 7.54 10.23
N GLU A 57 4.49 7.17 9.77
CA GLU A 57 4.91 7.46 8.40
C GLU A 57 6.31 6.92 8.13
N GLN A 58 6.38 5.70 7.60
CA GLN A 58 7.66 5.08 7.30
C GLN A 58 7.68 4.53 5.87
N PRO A 59 8.87 4.49 5.27
CA PRO A 59 9.06 4.01 3.90
C PRO A 59 8.84 2.50 3.79
N LEU A 60 8.47 2.04 2.59
CA LEU A 60 8.24 0.63 2.35
C LEU A 60 8.75 0.21 0.98
N SER A 61 9.37 -0.97 0.91
CA SER A 61 9.90 -1.48 -0.35
C SER A 61 8.79 -2.09 -1.20
N LEU A 62 8.92 -1.95 -2.51
CA LEU A 62 7.92 -2.49 -3.43
C LEU A 62 8.02 -4.01 -3.51
N ASN A 63 9.12 -4.55 -3.01
CA ASN A 63 9.33 -6.00 -3.02
C ASN A 63 8.89 -6.62 -1.70
N HIS A 64 8.00 -5.92 -1.00
CA HIS A 64 7.49 -6.41 0.28
C HIS A 64 6.09 -6.99 0.12
N PRO A 65 5.91 -8.24 0.60
CA PRO A 65 4.62 -8.92 0.52
C PRO A 65 3.57 -8.30 1.45
N ALA A 66 2.38 -8.07 0.91
CA ALA A 66 1.30 -7.50 1.69
C ALA A 66 1.01 -8.31 2.94
N GLU A 67 1.20 -9.63 2.84
CA GLU A 67 0.97 -10.51 3.97
C GLU A 67 1.82 -10.10 5.18
N ARG A 68 2.90 -9.37 4.90
CA ARG A 68 3.79 -8.92 5.96
C ARG A 68 3.10 -7.87 6.84
N LEU A 69 1.96 -7.37 6.38
CA LEU A 69 1.20 -6.37 7.12
C LEU A 69 -0.29 -6.56 6.92
N ILE A 70 -0.79 -7.74 7.26
CA ILE A 70 -2.21 -8.05 7.12
C ILE A 70 -3.04 -7.27 8.13
N GLY A 71 -4.13 -6.67 7.66
CA GLY A 71 -4.99 -5.90 8.53
C GLY A 71 -4.50 -4.48 8.74
N LYS A 72 -3.32 -4.18 8.20
CA LYS A 72 -2.74 -2.85 8.34
C LYS A 72 -3.25 -1.92 7.24
N LYS A 73 -2.71 -0.71 7.19
CA LYS A 73 -3.11 0.27 6.20
C LYS A 73 -1.90 1.02 5.65
N LEU A 74 -2.02 1.54 4.44
CA LEU A 74 -0.94 2.27 3.81
C LEU A 74 -1.46 3.54 3.14
N LYS A 75 -0.55 4.46 2.83
CA LYS A 75 -0.92 5.72 2.18
C LYS A 75 -0.06 5.96 0.95
N VAL A 76 -0.71 6.40 -0.13
CA VAL A 76 0.00 6.68 -1.37
C VAL A 76 0.21 8.18 -1.58
N VAL A 77 1.47 8.60 -1.62
CA VAL A 77 1.80 10.00 -1.80
C VAL A 77 2.62 10.21 -3.07
N PRO A 78 2.46 11.38 -3.70
CA PRO A 78 3.18 11.73 -4.93
C PRO A 78 4.66 11.97 -4.68
N LEU A 79 5.49 11.57 -5.64
CA LEU A 79 6.93 11.74 -5.53
C LEU A 79 7.49 12.45 -6.75
N MET A 1 -14.81 -13.61 7.02
CA MET A 1 -13.99 -14.24 8.05
C MET A 1 -12.58 -14.49 7.54
N ALA A 2 -11.89 -13.41 7.16
CA ALA A 2 -10.52 -13.52 6.65
C ALA A 2 -9.63 -12.43 7.25
N ASP A 3 -10.13 -11.20 7.25
CA ASP A 3 -9.38 -10.08 7.79
C ASP A 3 -8.05 -9.91 7.06
N ARG A 4 -8.05 -10.19 5.76
CA ARG A 4 -6.83 -10.08 4.96
C ARG A 4 -7.03 -9.07 3.83
N THR A 5 -6.82 -7.79 4.15
CA THR A 5 -6.96 -6.73 3.17
C THR A 5 -6.04 -5.56 3.48
N ILE A 6 -5.54 -4.91 2.43
CA ILE A 6 -4.64 -3.78 2.61
C ILE A 6 -5.27 -2.49 2.08
N GLU A 7 -5.32 -1.47 2.92
CA GLU A 7 -5.90 -0.19 2.53
C GLU A 7 -4.83 0.75 1.98
N VAL A 8 -5.13 1.38 0.85
CA VAL A 8 -4.20 2.30 0.22
C VAL A 8 -4.90 3.60 -0.18
N GLU A 9 -4.37 4.72 0.32
CA GLU A 9 -4.95 6.03 0.02
C GLU A 9 -4.34 6.61 -1.26
N LEU A 10 -5.17 6.70 -2.30
CA LEU A 10 -4.72 7.22 -3.58
C LEU A 10 -4.76 8.75 -3.57
N PRO A 11 -4.09 9.35 -4.57
CA PRO A 11 -4.03 10.82 -4.71
C PRO A 11 -5.38 11.42 -5.11
N ASN A 12 -5.56 12.69 -4.78
CA ASN A 12 -6.80 13.39 -5.10
C ASN A 12 -7.84 13.19 -3.99
N LYS A 13 -7.36 13.07 -2.75
CA LYS A 13 -8.24 12.88 -1.61
C LYS A 13 -9.13 11.66 -1.80
N GLN A 14 -8.56 10.60 -2.37
CA GLN A 14 -9.31 9.37 -2.61
C GLN A 14 -8.63 8.18 -1.94
N ARG A 15 -9.43 7.19 -1.54
CA ARG A 15 -8.90 6.00 -0.89
C ARG A 15 -9.57 4.75 -1.43
N THR A 16 -8.80 3.66 -1.53
CA THR A 16 -9.32 2.40 -2.03
C THR A 16 -8.68 1.22 -1.31
N VAL A 17 -9.48 0.17 -1.09
CA VAL A 17 -8.99 -1.02 -0.41
C VAL A 17 -8.77 -2.16 -1.40
N ILE A 18 -7.58 -2.77 -1.35
CA ILE A 18 -7.25 -3.87 -2.24
C ILE A 18 -7.03 -5.16 -1.46
N ASN A 19 -7.26 -6.29 -2.11
CA ASN A 19 -7.08 -7.60 -1.48
C ASN A 19 -6.00 -8.40 -2.18
N VAL A 20 -5.24 -9.17 -1.40
CA VAL A 20 -4.17 -10.00 -1.94
C VAL A 20 -3.84 -11.16 -1.01
N ARG A 21 -3.29 -12.23 -1.59
CA ARG A 21 -2.93 -13.41 -0.81
C ARG A 21 -1.47 -13.33 -0.35
N PRO A 22 -1.16 -14.02 0.75
CA PRO A 22 0.19 -14.06 1.32
C PRO A 22 1.16 -14.83 0.45
N GLY A 23 1.98 -14.10 -0.30
CA GLY A 23 2.96 -14.73 -1.17
C GLY A 23 3.67 -13.73 -2.07
N LEU A 24 2.89 -12.93 -2.80
CA LEU A 24 3.46 -11.94 -3.70
C LEU A 24 3.73 -10.63 -2.96
N THR A 25 4.55 -9.78 -3.57
CA THR A 25 4.90 -8.49 -2.97
C THR A 25 3.83 -7.45 -3.27
N LEU A 26 3.87 -6.34 -2.54
CA LEU A 26 2.90 -5.26 -2.73
C LEU A 26 2.94 -4.73 -4.15
N LYS A 27 4.13 -4.79 -4.77
CA LYS A 27 4.30 -4.32 -6.13
C LYS A 27 3.33 -5.02 -7.08
N GLU A 28 3.25 -6.34 -6.97
CA GLU A 28 2.35 -7.13 -7.81
C GLU A 28 0.91 -7.01 -7.33
N ALA A 29 0.74 -6.71 -6.04
CA ALA A 29 -0.58 -6.56 -5.46
C ALA A 29 -1.18 -5.19 -5.77
N LEU A 30 -0.31 -4.25 -6.14
CA LEU A 30 -0.75 -2.90 -6.46
C LEU A 30 -0.48 -2.58 -7.93
N LYS A 31 0.21 -3.47 -8.62
CA LYS A 31 0.54 -3.29 -10.03
C LYS A 31 -0.73 -3.02 -10.84
N LYS A 32 -1.62 -4.01 -10.89
CA LYS A 32 -2.86 -3.88 -11.63
C LYS A 32 -3.65 -2.66 -11.17
N ALA A 33 -3.65 -2.43 -9.86
CA ALA A 33 -4.37 -1.29 -9.27
C ALA A 33 -3.75 0.02 -9.74
N LEU A 34 -2.46 0.01 -10.01
CA LEU A 34 -1.75 1.20 -10.46
C LEU A 34 -1.97 1.43 -11.95
N LYS A 35 -1.79 0.37 -12.74
CA LYS A 35 -1.97 0.46 -14.18
C LYS A 35 -3.35 1.01 -14.53
N VAL A 36 -4.30 0.86 -13.61
CA VAL A 36 -5.66 1.35 -13.82
C VAL A 36 -5.71 2.87 -13.77
N ARG A 37 -4.77 3.47 -13.04
CA ARG A 37 -4.71 4.91 -12.91
C ARG A 37 -3.53 5.48 -13.71
N GLY A 38 -2.63 4.61 -14.12
CA GLY A 38 -1.47 5.04 -14.88
C GLY A 38 -0.36 5.59 -14.01
N ILE A 39 -0.36 5.20 -12.74
CA ILE A 39 0.65 5.65 -11.79
C ILE A 39 1.85 4.72 -11.79
N ASP A 40 3.04 5.29 -11.68
CA ASP A 40 4.28 4.51 -11.66
C ASP A 40 4.87 4.49 -10.26
N PRO A 41 5.50 3.35 -9.91
CA PRO A 41 6.13 3.17 -8.60
C PRO A 41 7.38 4.02 -8.43
N ASN A 42 8.04 4.33 -9.54
CA ASN A 42 9.25 5.14 -9.52
C ASN A 42 8.91 6.62 -9.52
N LYS A 43 7.61 6.93 -9.48
CA LYS A 43 7.15 8.31 -9.47
C LYS A 43 6.33 8.60 -8.22
N VAL A 44 6.04 7.56 -7.46
CA VAL A 44 5.26 7.70 -6.23
C VAL A 44 5.88 6.91 -5.09
N GLN A 45 5.54 7.29 -3.86
CA GLN A 45 6.07 6.62 -2.67
C GLN A 45 4.94 6.18 -1.75
N VAL A 46 5.15 5.07 -1.05
CA VAL A 46 4.15 4.55 -0.13
C VAL A 46 4.64 4.64 1.31
N TYR A 47 3.76 5.14 2.19
CA TYR A 47 4.10 5.29 3.60
C TYR A 47 3.07 4.60 4.48
N LEU A 48 3.51 4.10 5.63
CA LEU A 48 2.62 3.42 6.57
C LEU A 48 2.62 4.12 7.92
N LEU A 49 1.42 4.35 8.45
CA LEU A 49 1.27 5.01 9.74
C LEU A 49 1.01 4.00 10.85
N LEU A 50 1.67 4.18 11.98
CA LEU A 50 1.50 3.28 13.12
C LEU A 50 1.83 4.00 14.43
N SER A 51 0.97 3.80 15.43
CA SER A 51 1.17 4.42 16.73
C SER A 51 1.88 3.48 17.69
N GLY A 52 2.63 2.53 17.13
CA GLY A 52 3.34 1.56 17.95
C GLY A 52 4.84 1.81 17.94
N ASP A 53 5.23 3.08 18.06
CA ASP A 53 6.64 3.45 18.07
C ASP A 53 7.28 3.17 16.72
N ASP A 54 6.50 3.33 15.66
CA ASP A 54 7.00 3.10 14.30
C ASP A 54 7.59 4.38 13.72
N GLY A 55 7.43 5.48 14.44
CA GLY A 55 7.96 6.75 13.97
C GLY A 55 6.88 7.63 13.34
N ALA A 56 5.65 7.12 13.32
CA ALA A 56 4.54 7.87 12.75
C ALA A 56 4.77 8.16 11.27
N GLU A 57 4.16 7.37 10.40
CA GLU A 57 4.31 7.54 8.96
C GLU A 57 5.75 7.36 8.54
N GLN A 58 6.08 6.15 8.10
CA GLN A 58 7.45 5.84 7.66
C GLN A 58 7.44 5.16 6.31
N PRO A 59 8.58 5.23 5.60
CA PRO A 59 8.73 4.62 4.27
C PRO A 59 8.76 3.10 4.34
N LEU A 60 8.42 2.45 3.22
CA LEU A 60 8.41 0.99 3.15
C LEU A 60 8.92 0.51 1.80
N SER A 61 9.45 -0.71 1.77
CA SER A 61 9.97 -1.29 0.54
C SER A 61 8.83 -1.79 -0.34
N LEU A 62 8.95 -1.54 -1.65
CA LEU A 62 7.93 -1.97 -2.60
C LEU A 62 7.99 -3.48 -2.82
N ASN A 63 9.08 -4.10 -2.38
CA ASN A 63 9.26 -5.53 -2.52
C ASN A 63 8.79 -6.27 -1.26
N HIS A 64 7.92 -5.61 -0.50
CA HIS A 64 7.40 -6.20 0.73
C HIS A 64 6.01 -6.79 0.51
N PRO A 65 5.78 -7.99 1.05
CA PRO A 65 4.50 -8.69 0.92
C PRO A 65 3.38 -8.00 1.72
N ALA A 66 2.25 -7.80 1.08
CA ALA A 66 1.11 -7.15 1.73
C ALA A 66 0.74 -7.88 3.02
N GLU A 67 0.95 -9.19 3.04
CA GLU A 67 0.64 -9.99 4.22
C GLU A 67 1.32 -9.42 5.46
N ARG A 68 2.57 -8.97 5.29
CA ARG A 68 3.33 -8.41 6.40
C ARG A 68 2.77 -7.05 6.81
N LEU A 69 2.00 -6.44 5.92
CA LEU A 69 1.40 -5.13 6.19
C LEU A 69 -0.11 -5.23 6.25
N ILE A 70 -0.62 -6.45 6.45
CA ILE A 70 -2.05 -6.67 6.52
C ILE A 70 -2.65 -6.02 7.76
N GLY A 71 -3.85 -5.47 7.62
CA GLY A 71 -4.52 -4.82 8.73
C GLY A 71 -4.00 -3.41 8.96
N LYS A 72 -2.99 -3.01 8.21
CA LYS A 72 -2.41 -1.68 8.32
C LYS A 72 -2.93 -0.76 7.22
N LYS A 73 -2.80 0.54 7.45
CA LYS A 73 -3.26 1.53 6.48
C LYS A 73 -2.08 2.31 5.89
N LEU A 74 -1.95 2.27 4.57
CA LEU A 74 -0.86 2.97 3.89
C LEU A 74 -1.41 3.99 2.91
N LYS A 75 -0.56 4.94 2.50
CA LYS A 75 -0.95 5.97 1.55
C LYS A 75 0.13 6.18 0.50
N VAL A 76 -0.28 6.41 -0.74
CA VAL A 76 0.65 6.64 -1.83
C VAL A 76 0.58 8.08 -2.33
N VAL A 77 1.73 8.74 -2.37
CA VAL A 77 1.80 10.13 -2.82
C VAL A 77 2.90 10.31 -3.85
N PRO A 78 2.56 11.01 -4.96
CA PRO A 78 3.51 11.27 -6.04
C PRO A 78 4.60 12.25 -5.64
N LEU A 79 5.79 12.07 -6.21
CA LEU A 79 6.91 12.94 -5.90
C LEU A 79 7.45 13.60 -7.16
N MET A 1 -12.21 -11.52 12.27
CA MET A 1 -11.49 -12.63 12.88
C MET A 1 -10.10 -12.78 12.25
N ALA A 2 -9.97 -12.34 11.01
CA ALA A 2 -8.71 -12.42 10.30
C ALA A 2 -8.51 -11.22 9.37
N ASP A 3 -9.53 -10.93 8.57
CA ASP A 3 -9.48 -9.80 7.64
C ASP A 3 -8.29 -9.95 6.70
N ARG A 4 -8.56 -10.53 5.53
CA ARG A 4 -7.51 -10.73 4.52
C ARG A 4 -7.59 -9.66 3.44
N THR A 5 -6.99 -8.51 3.71
CA THR A 5 -6.99 -7.41 2.75
C THR A 5 -6.21 -6.21 3.30
N ILE A 6 -5.90 -5.27 2.42
CA ILE A 6 -5.16 -4.07 2.80
C ILE A 6 -5.73 -2.82 2.13
N GLU A 7 -6.01 -1.80 2.93
CA GLU A 7 -6.54 -0.55 2.40
C GLU A 7 -5.44 0.49 2.23
N VAL A 8 -5.49 1.22 1.13
CA VAL A 8 -4.51 2.25 0.84
C VAL A 8 -5.17 3.57 0.45
N GLU A 9 -4.66 4.66 1.02
CA GLU A 9 -5.22 5.99 0.74
C GLU A 9 -4.56 6.60 -0.49
N LEU A 10 -5.34 6.73 -1.57
CA LEU A 10 -4.82 7.30 -2.81
C LEU A 10 -4.83 8.82 -2.75
N PRO A 11 -4.10 9.45 -3.69
CA PRO A 11 -3.99 10.91 -3.76
C PRO A 11 -5.30 11.55 -4.21
N ASN A 12 -5.47 12.83 -3.90
CA ASN A 12 -6.68 13.56 -4.28
C ASN A 12 -7.81 13.28 -3.29
N LYS A 13 -7.45 13.05 -2.03
CA LYS A 13 -8.44 12.76 -1.00
C LYS A 13 -9.32 11.58 -1.40
N GLN A 14 -8.72 10.57 -2.02
CA GLN A 14 -9.45 9.39 -2.45
C GLN A 14 -8.85 8.13 -1.86
N ARG A 15 -9.71 7.25 -1.33
CA ARG A 15 -9.27 6.01 -0.72
C ARG A 15 -9.65 4.81 -1.59
N THR A 16 -8.81 3.79 -1.59
CA THR A 16 -9.06 2.59 -2.37
C THR A 16 -8.58 1.34 -1.64
N VAL A 17 -9.44 0.33 -1.56
CA VAL A 17 -9.11 -0.91 -0.89
C VAL A 17 -8.66 -1.97 -1.88
N ILE A 18 -7.62 -2.72 -1.52
CA ILE A 18 -7.09 -3.77 -2.38
C ILE A 18 -6.96 -5.09 -1.62
N ASN A 19 -6.98 -6.19 -2.36
CA ASN A 19 -6.86 -7.51 -1.76
C ASN A 19 -5.63 -8.24 -2.30
N VAL A 20 -4.83 -8.80 -1.39
CA VAL A 20 -3.63 -9.53 -1.78
C VAL A 20 -3.46 -10.80 -0.95
N ARG A 21 -2.98 -11.86 -1.57
CA ARG A 21 -2.77 -13.13 -0.89
C ARG A 21 -1.30 -13.31 -0.53
N PRO A 22 -1.03 -14.21 0.44
CA PRO A 22 0.32 -14.51 0.89
C PRO A 22 1.14 -15.25 -0.16
N GLY A 23 1.96 -14.50 -0.89
CA GLY A 23 2.79 -15.11 -1.92
C GLY A 23 3.49 -14.07 -2.79
N LEU A 24 2.71 -13.23 -3.45
CA LEU A 24 3.26 -12.19 -4.32
C LEU A 24 3.55 -10.93 -3.52
N THR A 25 4.44 -10.10 -4.05
CA THR A 25 4.79 -8.84 -3.39
C THR A 25 3.78 -7.75 -3.73
N LEU A 26 3.83 -6.66 -2.95
CA LEU A 26 2.92 -5.54 -3.17
C LEU A 26 3.08 -4.97 -4.57
N LYS A 27 4.28 -5.08 -5.12
CA LYS A 27 4.56 -4.56 -6.46
C LYS A 27 3.62 -5.21 -7.49
N GLU A 28 3.46 -6.52 -7.39
CA GLU A 28 2.58 -7.25 -8.31
C GLU A 28 1.12 -7.03 -7.96
N ALA A 29 0.85 -6.72 -6.69
CA ALA A 29 -0.51 -6.49 -6.24
C ALA A 29 -0.95 -5.07 -6.55
N LEU A 30 0.01 -4.19 -6.79
CA LEU A 30 -0.28 -2.79 -7.11
C LEU A 30 0.10 -2.46 -8.56
N LYS A 31 0.70 -3.44 -9.24
CA LYS A 31 1.11 -3.27 -10.62
C LYS A 31 -0.08 -2.88 -11.50
N LYS A 32 -1.04 -3.80 -11.63
CA LYS A 32 -2.22 -3.55 -12.44
C LYS A 32 -3.08 -2.47 -11.82
N ALA A 33 -3.22 -2.50 -10.49
CA ALA A 33 -4.01 -1.51 -9.77
C ALA A 33 -3.51 -0.09 -10.04
N LEU A 34 -2.18 0.06 -10.05
CA LEU A 34 -1.57 1.37 -10.30
C LEU A 34 -1.52 1.67 -11.78
N LYS A 35 -1.39 0.63 -12.60
CA LYS A 35 -1.33 0.78 -14.05
C LYS A 35 -2.67 1.25 -14.59
N VAL A 36 -3.74 0.64 -14.12
CA VAL A 36 -5.09 1.00 -14.57
C VAL A 36 -5.42 2.44 -14.20
N ARG A 37 -4.76 2.95 -13.16
CA ARG A 37 -4.99 4.32 -12.71
C ARG A 37 -4.04 5.29 -13.42
N GLY A 38 -3.07 4.74 -14.14
CA GLY A 38 -2.12 5.57 -14.86
C GLY A 38 -0.99 6.05 -13.97
N ILE A 39 -1.08 5.75 -12.68
CA ILE A 39 -0.05 6.15 -11.73
C ILE A 39 1.19 5.27 -11.85
N ASP A 40 2.36 5.89 -11.71
CA ASP A 40 3.62 5.17 -11.80
C ASP A 40 4.29 5.07 -10.44
N PRO A 41 4.97 3.95 -10.18
CA PRO A 41 5.67 3.70 -8.92
C PRO A 41 6.89 4.59 -8.76
N ASN A 42 7.41 5.09 -9.87
CA ASN A 42 8.58 5.96 -9.86
C ASN A 42 8.19 7.40 -9.56
N LYS A 43 6.89 7.64 -9.45
CA LYS A 43 6.37 8.98 -9.17
C LYS A 43 5.52 8.99 -7.91
N VAL A 44 5.45 7.85 -7.24
CA VAL A 44 4.67 7.72 -6.02
C VAL A 44 5.38 6.85 -4.99
N GLN A 45 5.01 7.01 -3.73
CA GLN A 45 5.61 6.24 -2.65
C GLN A 45 4.56 5.74 -1.67
N VAL A 46 4.74 4.52 -1.17
CA VAL A 46 3.81 3.93 -0.23
C VAL A 46 4.44 3.79 1.15
N TYR A 47 3.77 4.32 2.16
CA TYR A 47 4.26 4.25 3.54
C TYR A 47 3.16 3.80 4.50
N LEU A 48 3.57 3.27 5.64
CA LEU A 48 2.62 2.80 6.65
C LEU A 48 2.58 3.74 7.84
N LEU A 49 1.38 3.99 8.35
CA LEU A 49 1.20 4.86 9.50
C LEU A 49 1.03 4.06 10.79
N LEU A 50 2.01 4.15 11.67
CA LEU A 50 1.97 3.43 12.94
C LEU A 50 1.66 4.38 14.10
N SER A 51 1.82 3.88 15.32
CA SER A 51 1.56 4.69 16.51
C SER A 51 2.40 4.22 17.68
N GLY A 52 3.55 3.61 17.37
CA GLY A 52 4.43 3.11 18.41
C GLY A 52 5.80 3.75 18.35
N ASP A 53 5.85 5.07 18.28
CA ASP A 53 7.11 5.80 18.20
C ASP A 53 7.82 5.51 16.89
N ASP A 54 7.06 5.23 15.85
CA ASP A 54 7.61 4.95 14.53
C ASP A 54 7.56 6.18 13.64
N GLY A 55 6.90 7.22 14.11
CA GLY A 55 6.79 8.45 13.35
C GLY A 55 5.45 8.58 12.66
N ALA A 56 4.58 7.58 12.85
CA ALA A 56 3.25 7.59 12.25
C ALA A 56 3.34 7.67 10.73
N GLU A 57 4.50 7.31 10.19
CA GLU A 57 4.71 7.33 8.75
C GLU A 57 6.12 6.85 8.40
N GLN A 58 6.24 5.57 8.10
CA GLN A 58 7.53 4.98 7.75
C GLN A 58 7.49 4.37 6.35
N PRO A 59 8.65 4.32 5.69
CA PRO A 59 8.77 3.77 4.34
C PRO A 59 8.58 2.25 4.32
N LEU A 60 8.07 1.74 3.21
CA LEU A 60 7.84 0.30 3.05
C LEU A 60 8.47 -0.21 1.77
N SER A 61 8.94 -1.45 1.81
CA SER A 61 9.57 -2.07 0.63
C SER A 61 8.57 -2.19 -0.51
N LEU A 62 9.00 -1.79 -1.71
CA LEU A 62 8.14 -1.87 -2.88
C LEU A 62 7.97 -3.31 -3.35
N ASN A 63 8.81 -4.19 -2.83
CA ASN A 63 8.75 -5.61 -3.19
C ASN A 63 8.39 -6.47 -1.98
N HIS A 64 7.76 -5.84 -0.99
CA HIS A 64 7.36 -6.54 0.22
C HIS A 64 5.96 -7.16 0.06
N PRO A 65 5.80 -8.37 0.60
CA PRO A 65 4.53 -9.10 0.53
C PRO A 65 3.44 -8.46 1.39
N ALA A 66 2.27 -8.25 0.79
CA ALA A 66 1.15 -7.64 1.50
C ALA A 66 0.79 -8.45 2.75
N GLU A 67 1.00 -9.76 2.68
CA GLU A 67 0.69 -10.64 3.81
C GLU A 67 1.54 -10.27 5.02
N ARG A 68 2.59 -9.50 4.80
CA ARG A 68 3.48 -9.07 5.88
C ARG A 68 2.78 -8.08 6.80
N LEU A 69 1.84 -7.32 6.24
CA LEU A 69 1.10 -6.33 7.00
C LEU A 69 -0.39 -6.37 6.66
N ILE A 70 -0.84 -7.50 6.13
CA ILE A 70 -2.24 -7.68 5.76
C ILE A 70 -3.17 -7.21 6.88
N GLY A 71 -4.07 -6.30 6.55
CA GLY A 71 -5.01 -5.80 7.54
C GLY A 71 -4.60 -4.44 8.09
N LYS A 72 -3.42 -3.97 7.68
CA LYS A 72 -2.91 -2.69 8.14
C LYS A 72 -3.40 -1.57 7.24
N LYS A 73 -2.92 -0.35 7.50
CA LYS A 73 -3.30 0.81 6.71
C LYS A 73 -2.09 1.41 6.00
N LEU A 74 -2.22 1.64 4.70
CA LEU A 74 -1.14 2.20 3.91
C LEU A 74 -1.58 3.51 3.25
N LYS A 75 -0.61 4.30 2.81
CA LYS A 75 -0.88 5.58 2.15
C LYS A 75 0.06 5.80 0.98
N VAL A 76 -0.48 6.32 -0.11
CA VAL A 76 0.32 6.60 -1.30
C VAL A 76 0.39 8.10 -1.59
N VAL A 77 1.60 8.62 -1.71
CA VAL A 77 1.81 10.03 -1.99
C VAL A 77 2.76 10.23 -3.16
N PRO A 78 2.37 11.10 -4.11
CA PRO A 78 3.18 11.40 -5.29
C PRO A 78 4.43 12.21 -4.95
N LEU A 79 5.49 11.98 -5.71
CA LEU A 79 6.76 12.68 -5.49
C LEU A 79 7.20 13.41 -6.75
N MET A 1 -14.98 -12.51 1.96
CA MET A 1 -14.60 -11.50 0.98
C MET A 1 -14.57 -10.11 1.61
N ALA A 2 -13.61 -9.89 2.50
CA ALA A 2 -13.47 -8.61 3.17
C ALA A 2 -12.22 -8.58 4.04
N ASP A 3 -11.91 -9.72 4.66
CA ASP A 3 -10.74 -9.82 5.52
C ASP A 3 -9.52 -10.30 4.74
N ARG A 4 -8.37 -10.33 5.39
CA ARG A 4 -7.14 -10.77 4.76
C ARG A 4 -6.75 -9.83 3.62
N THR A 5 -6.83 -8.53 3.87
CA THR A 5 -6.50 -7.53 2.87
C THR A 5 -5.85 -6.31 3.50
N ILE A 6 -5.37 -5.39 2.67
CA ILE A 6 -4.73 -4.18 3.15
C ILE A 6 -5.38 -2.94 2.55
N GLU A 7 -5.39 -1.86 3.33
CA GLU A 7 -5.99 -0.60 2.87
C GLU A 7 -4.92 0.44 2.56
N VAL A 8 -5.11 1.16 1.47
CA VAL A 8 -4.15 2.20 1.06
C VAL A 8 -4.86 3.46 0.63
N GLU A 9 -4.47 4.59 1.22
CA GLU A 9 -5.08 5.88 0.90
C GLU A 9 -4.36 6.53 -0.29
N LEU A 10 -5.13 6.82 -1.34
CA LEU A 10 -4.57 7.44 -2.53
C LEU A 10 -4.76 8.96 -2.49
N PRO A 11 -4.02 9.66 -3.36
CA PRO A 11 -4.08 11.13 -3.44
C PRO A 11 -5.41 11.63 -4.01
N ASN A 12 -5.77 12.85 -3.67
CA ASN A 12 -7.02 13.44 -4.15
C ASN A 12 -8.17 13.11 -3.20
N LYS A 13 -7.85 12.94 -1.93
CA LYS A 13 -8.86 12.62 -0.92
C LYS A 13 -9.61 11.35 -1.29
N GLN A 14 -8.91 10.40 -1.93
CA GLN A 14 -9.52 9.15 -2.34
C GLN A 14 -8.75 7.96 -1.75
N ARG A 15 -9.48 7.02 -1.16
CA ARG A 15 -8.87 5.84 -0.57
C ARG A 15 -9.39 4.57 -1.25
N THR A 16 -8.52 3.56 -1.31
CA THR A 16 -8.89 2.29 -1.93
C THR A 16 -8.23 1.12 -1.22
N VAL A 17 -8.94 0.00 -1.14
CA VAL A 17 -8.42 -1.20 -0.49
C VAL A 17 -8.14 -2.30 -1.49
N ILE A 18 -7.03 -3.01 -1.29
CA ILE A 18 -6.64 -4.10 -2.18
C ILE A 18 -6.41 -5.39 -1.40
N ASN A 19 -6.64 -6.51 -2.07
CA ASN A 19 -6.47 -7.83 -1.44
C ASN A 19 -5.36 -8.62 -2.14
N VAL A 20 -4.36 -9.02 -1.37
CA VAL A 20 -3.24 -9.78 -1.91
C VAL A 20 -3.02 -11.07 -1.12
N ARG A 21 -2.80 -12.17 -1.83
CA ARG A 21 -2.57 -13.46 -1.19
C ARG A 21 -1.26 -13.45 -0.41
N PRO A 22 -1.17 -14.33 0.60
CA PRO A 22 0.02 -14.44 1.45
C PRO A 22 1.21 -15.05 0.70
N GLY A 23 2.05 -14.18 0.14
CA GLY A 23 3.22 -14.64 -0.59
C GLY A 23 3.63 -13.67 -1.68
N LEU A 24 2.72 -12.80 -2.08
CA LEU A 24 2.99 -11.83 -3.12
C LEU A 24 3.65 -10.58 -2.55
N THR A 25 4.40 -9.87 -3.39
CA THR A 25 5.09 -8.65 -2.95
C THR A 25 4.16 -7.45 -3.00
N LEU A 26 4.58 -6.36 -2.37
CA LEU A 26 3.78 -5.14 -2.33
C LEU A 26 3.49 -4.65 -3.74
N LYS A 27 4.44 -4.85 -4.65
CA LYS A 27 4.27 -4.43 -6.04
C LYS A 27 3.15 -5.22 -6.72
N GLU A 28 3.09 -6.51 -6.41
CA GLU A 28 2.07 -7.38 -7.00
C GLU A 28 0.71 -7.14 -6.34
N ALA A 29 0.74 -6.63 -5.12
CA ALA A 29 -0.49 -6.35 -4.38
C ALA A 29 -1.10 -5.03 -4.82
N LEU A 30 -0.26 -4.11 -5.27
CA LEU A 30 -0.72 -2.80 -5.72
C LEU A 30 -0.67 -2.70 -7.24
N LYS A 31 -0.14 -3.74 -7.88
CA LYS A 31 -0.05 -3.77 -9.33
C LYS A 31 -1.38 -3.42 -9.98
N LYS A 32 -2.39 -4.24 -9.70
CA LYS A 32 -3.72 -4.02 -10.26
C LYS A 32 -4.24 -2.62 -9.91
N ALA A 33 -3.97 -2.19 -8.67
CA ALA A 33 -4.40 -0.87 -8.23
C ALA A 33 -3.70 0.23 -9.01
N LEU A 34 -2.47 -0.04 -9.45
CA LEU A 34 -1.70 0.94 -10.22
C LEU A 34 -2.18 0.99 -11.66
N LYS A 35 -2.53 -0.17 -12.21
CA LYS A 35 -3.00 -0.26 -13.59
C LYS A 35 -4.39 0.34 -13.72
N VAL A 36 -5.27 0.03 -12.76
CA VAL A 36 -6.63 0.53 -12.77
C VAL A 36 -6.67 2.03 -12.45
N ARG A 37 -5.77 2.45 -11.58
CA ARG A 37 -5.69 3.86 -11.18
C ARG A 37 -4.76 4.64 -12.11
N GLY A 38 -3.93 3.91 -12.84
CA GLY A 38 -3.01 4.54 -13.77
C GLY A 38 -1.81 5.15 -13.06
N ILE A 39 -1.55 4.69 -11.85
CA ILE A 39 -0.42 5.18 -11.05
C ILE A 39 0.86 4.43 -11.39
N ASP A 40 1.98 5.14 -11.36
CA ASP A 40 3.27 4.53 -11.66
C ASP A 40 4.04 4.24 -10.37
N PRO A 41 4.81 3.14 -10.37
CA PRO A 41 5.60 2.72 -9.22
C PRO A 41 6.78 3.66 -8.95
N ASN A 42 7.20 4.37 -10.00
CA ASN A 42 8.32 5.30 -9.88
C ASN A 42 7.82 6.75 -9.87
N LYS A 43 6.53 6.92 -9.66
CA LYS A 43 5.92 8.25 -9.62
C LYS A 43 5.21 8.48 -8.30
N VAL A 44 5.22 7.46 -7.43
CA VAL A 44 4.56 7.57 -6.14
C VAL A 44 5.34 6.79 -5.08
N GLN A 45 5.11 7.14 -3.81
CA GLN A 45 5.79 6.49 -2.70
C GLN A 45 4.79 6.04 -1.63
N VAL A 46 5.01 4.86 -1.09
CA VAL A 46 4.13 4.31 -0.06
C VAL A 46 4.83 4.25 1.29
N TYR A 47 4.19 4.83 2.31
CA TYR A 47 4.75 4.85 3.65
C TYR A 47 3.71 4.41 4.68
N LEU A 48 4.18 3.83 5.79
CA LEU A 48 3.31 3.37 6.85
C LEU A 48 3.07 4.48 7.88
N LEU A 49 1.81 4.77 8.16
CA LEU A 49 1.45 5.79 9.13
C LEU A 49 1.07 5.18 10.46
N LEU A 50 1.94 5.30 11.45
CA LEU A 50 1.68 4.75 12.78
C LEU A 50 1.57 5.86 13.81
N SER A 51 1.56 5.48 15.08
CA SER A 51 1.45 6.45 16.17
C SER A 51 2.51 6.18 17.24
N GLY A 52 3.47 7.11 17.34
CA GLY A 52 4.53 6.96 18.33
C GLY A 52 5.22 5.62 18.24
N ASP A 53 5.82 5.34 17.08
CA ASP A 53 6.52 4.07 16.88
C ASP A 53 7.69 4.25 15.91
N ASP A 54 7.38 4.39 14.63
CA ASP A 54 8.41 4.56 13.61
C ASP A 54 8.42 6.00 13.10
N GLY A 55 7.79 6.90 13.84
CA GLY A 55 7.73 8.29 13.44
C GLY A 55 6.41 8.67 12.80
N ALA A 56 5.45 7.73 12.84
CA ALA A 56 4.13 7.97 12.26
C ALA A 56 4.23 8.18 10.75
N GLU A 57 5.36 7.76 10.17
CA GLU A 57 5.56 7.90 8.73
C GLU A 57 6.93 7.35 8.33
N GLN A 58 6.96 6.08 7.93
CA GLN A 58 8.20 5.44 7.52
C GLN A 58 8.09 4.89 6.10
N PRO A 59 9.25 4.74 5.44
CA PRO A 59 9.31 4.22 4.07
C PRO A 59 8.95 2.74 3.99
N LEU A 60 8.49 2.30 2.82
CA LEU A 60 8.13 0.91 2.61
C LEU A 60 8.83 0.33 1.39
N SER A 61 9.35 -0.88 1.53
CA SER A 61 10.05 -1.55 0.43
C SER A 61 9.05 -2.16 -0.55
N LEU A 62 9.32 -1.98 -1.85
CA LEU A 62 8.45 -2.51 -2.89
C LEU A 62 8.59 -4.02 -2.99
N ASN A 63 9.70 -4.55 -2.48
CA ASN A 63 9.95 -5.98 -2.50
C ASN A 63 9.41 -6.65 -1.24
N HIS A 64 8.63 -5.91 -0.47
CA HIS A 64 8.05 -6.43 0.76
C HIS A 64 6.60 -6.84 0.56
N PRO A 65 6.27 -8.09 0.93
CA PRO A 65 4.91 -8.62 0.80
C PRO A 65 3.94 -7.97 1.76
N ALA A 66 2.78 -7.55 1.24
CA ALA A 66 1.76 -6.92 2.07
C ALA A 66 1.34 -7.82 3.22
N GLU A 67 1.36 -9.13 2.98
CA GLU A 67 0.99 -10.10 4.00
C GLU A 67 1.86 -9.94 5.25
N ARG A 68 3.02 -9.33 5.08
CA ARG A 68 3.94 -9.10 6.18
C ARG A 68 3.38 -8.11 7.18
N LEU A 69 2.39 -7.33 6.74
CA LEU A 69 1.75 -6.34 7.60
C LEU A 69 0.25 -6.29 7.34
N ILE A 70 -0.31 -7.41 6.90
CA ILE A 70 -1.74 -7.48 6.63
C ILE A 70 -2.55 -7.00 7.83
N GLY A 71 -3.56 -6.16 7.55
CA GLY A 71 -4.40 -5.63 8.60
C GLY A 71 -4.06 -4.19 8.96
N LYS A 72 -3.02 -3.67 8.33
CA LYS A 72 -2.58 -2.29 8.58
C LYS A 72 -3.06 -1.38 7.46
N LYS A 73 -2.65 -0.11 7.53
CA LYS A 73 -3.03 0.88 6.53
C LYS A 73 -1.82 1.70 6.09
N LEU A 74 -1.67 1.88 4.79
CA LEU A 74 -0.56 2.66 4.25
C LEU A 74 -1.07 3.86 3.45
N LYS A 75 -0.18 4.81 3.19
CA LYS A 75 -0.54 6.00 2.43
C LYS A 75 0.38 6.18 1.23
N VAL A 76 -0.19 6.61 0.11
CA VAL A 76 0.57 6.82 -1.11
C VAL A 76 0.57 8.28 -1.53
N VAL A 77 1.76 8.85 -1.72
CA VAL A 77 1.90 10.24 -2.12
C VAL A 77 2.82 10.38 -3.31
N PRO A 78 2.39 11.17 -4.31
CA PRO A 78 3.16 11.41 -5.53
C PRO A 78 4.41 12.26 -5.27
N LEU A 79 5.40 12.13 -6.14
CA LEU A 79 6.64 12.88 -6.01
C LEU A 79 6.74 13.96 -7.10
#